data_1MT9
# 
_entry.id   1MT9 
# 
_audit_conform.dict_name       mmcif_pdbx.dic 
_audit_conform.dict_version    5.386 
_audit_conform.dict_location   http://mmcif.pdb.org/dictionaries/ascii/mmcif_pdbx.dic 
# 
loop_
_database_2.database_id 
_database_2.database_code 
_database_2.pdbx_database_accession 
_database_2.pdbx_DOI 
PDB   1MT9         pdb_00001mt9 10.2210/pdb1mt9/pdb 
RCSB  RCSB017167   ?            ?                   
WWPDB D_1000017167 ?            ?                   
# 
loop_
_pdbx_audit_revision_history.ordinal 
_pdbx_audit_revision_history.data_content_type 
_pdbx_audit_revision_history.major_revision 
_pdbx_audit_revision_history.minor_revision 
_pdbx_audit_revision_history.revision_date 
1 'Structure model' 1 0 2003-01-07 
2 'Structure model' 1 1 2008-04-28 
3 'Structure model' 1 2 2011-07-13 
4 'Structure model' 1 3 2017-10-11 
5 'Structure model' 1 4 2021-10-27 
6 'Structure model' 1 5 2024-02-14 
# 
_pdbx_audit_revision_details.ordinal             1 
_pdbx_audit_revision_details.revision_ordinal    1 
_pdbx_audit_revision_details.data_content_type   'Structure model' 
_pdbx_audit_revision_details.provider            repository 
_pdbx_audit_revision_details.type                'Initial release' 
_pdbx_audit_revision_details.description         ? 
_pdbx_audit_revision_details.details             ? 
# 
loop_
_pdbx_audit_revision_group.ordinal 
_pdbx_audit_revision_group.revision_ordinal 
_pdbx_audit_revision_group.data_content_type 
_pdbx_audit_revision_group.group 
1 2 'Structure model' 'Version format compliance' 
2 3 'Structure model' 'Version format compliance' 
3 4 'Structure model' 'Refinement description'    
4 5 'Structure model' 'Database references'       
5 5 'Structure model' 'Derived calculations'      
6 6 'Structure model' 'Data collection'           
7 6 'Structure model' 'Refinement description'    
# 
loop_
_pdbx_audit_revision_category.ordinal 
_pdbx_audit_revision_category.revision_ordinal 
_pdbx_audit_revision_category.data_content_type 
_pdbx_audit_revision_category.category 
1 4 'Structure model' software                      
2 5 'Structure model' database_2                    
3 5 'Structure model' struct_ref_seq_dif            
4 5 'Structure model' struct_site                   
5 6 'Structure model' chem_comp_atom                
6 6 'Structure model' chem_comp_bond                
7 6 'Structure model' pdbx_initial_refinement_model 
# 
loop_
_pdbx_audit_revision_item.ordinal 
_pdbx_audit_revision_item.revision_ordinal 
_pdbx_audit_revision_item.data_content_type 
_pdbx_audit_revision_item.item 
1 5 'Structure model' '_database_2.pdbx_DOI'                
2 5 'Structure model' '_database_2.pdbx_database_accession' 
3 5 'Structure model' '_struct_ref_seq_dif.details'         
4 5 'Structure model' '_struct_site.pdbx_auth_asym_id'      
5 5 'Structure model' '_struct_site.pdbx_auth_comp_id'      
6 5 'Structure model' '_struct_site.pdbx_auth_seq_id'       
# 
_pdbx_database_status.entry_id                        1MT9 
_pdbx_database_status.status_code                     REL 
_pdbx_database_status.recvd_initial_deposition_date   2002-09-20 
_pdbx_database_status.deposit_site                    RCSB 
_pdbx_database_status.process_site                    RCSB 
_pdbx_database_status.SG_entry                        . 
_pdbx_database_status.status_code_sf                  ? 
_pdbx_database_status.status_code_mr                  ? 
_pdbx_database_status.status_code_cs                  ? 
_pdbx_database_status.pdb_format_compatible           Y 
_pdbx_database_status.methods_development_category    ? 
_pdbx_database_status.status_code_nmr_data            ? 
# 
loop_
_pdbx_database_related.db_name 
_pdbx_database_related.db_id 
_pdbx_database_related.details 
_pdbx_database_related.content_type 
PDB 1KJ4 'Inactive wild-type HIV-1 protease (D25N) complexed with its Gag substrate peptide MA-CA.' unspecified 
PDB 1MTR 'HIV-1 PROTEASE COMPLEXED WITH A CYCLIC PHE-ILE-VAL PEPTIDOMIMETIC INHIBITOR'              unspecified 
PDB 1MT7 .                                                                                          unspecified 
PDB 1MT8 .                                                                                          unspecified 
PDB 1MTB .                                                                                          unspecified 
# 
loop_
_audit_author.name 
_audit_author.pdbx_ordinal 
'Prabu-Jeyabalan, M.' 1 
'Nalivaika, E.A.'     2 
'King, N.M.'          3 
'Schiffer, C.A.'      4 
# 
loop_
_citation.id 
_citation.title 
_citation.journal_abbrev 
_citation.journal_volume 
_citation.page_first 
_citation.page_last 
_citation.year 
_citation.journal_id_ASTM 
_citation.country 
_citation.journal_id_ISSN 
_citation.journal_id_CSD 
_citation.book_publisher 
_citation.pdbx_database_id_PubMed 
_citation.pdbx_database_id_DOI 
primary 
'Viability of drug-resistant human immunodeficiency virus type 1 protease variant: structural insights for better antiviral therapy' 
J.Virol.       77  1305 1315 2003 JOVIAM US 0022-538X 0825 ? 12502847 10.1128/JVI.77.2.1306-1315.2003 
1       
;How does a symmetric dimer recognize an asymmetric substrate? A substrate 
complex of HIV-1 protease
;
J.Mol.Biol.    301 1207 1220 2000 JMOBAK UK 0022-2836 0070 ? ?        10.1006/jmbi.2000.4018          
2       
;Substrate shape determines specificity of recognition for HIV-1 protease: 
Analysis of crystal structures of six substrate complexes
;
Structure      10  369  381  2002 STRUE6 UK 0969-2126 2005 ? ?        '10.1016/S0969-2126(02)00720-7' 
3       'Lack of synergy for inhibitors targeting a multi-drug resistant HIV-1 protease' 'Protein Sci.' 11  418  429  2002 PRCIEI 
US 0961-8368 0795 ? ?        10.1110/ps.2520102              
# 
loop_
_citation_author.citation_id 
_citation_author.name 
_citation_author.ordinal 
_citation_author.identifier_ORCID 
primary 'Prabu-Jeyabalan, M.' 1  ? 
primary 'Nalivaika, E.A.'     2  ? 
primary 'King, N.M.'          3  ? 
primary 'Schiffer, C.A.'      4  ? 
1       'Prabu-Jeyabalan, M.' 5  ? 
1       'Nalivaika, E.A.'     6  ? 
1       'Schiffer, C.A.'      7  ? 
2       'Prabu-Jeyabalan, M.' 8  ? 
2       'Nalivaika, E.A.'     9  ? 
2       'Schiffer, C.A.'      10 ? 
3       'King, N.M.'          11 ? 
3       'Melnick, L.'         12 ? 
3       'Prabu-Jeyabalan, M.' 13 ? 
3       'Nalivaika, E.A.'     14 ? 
3       'Yang, S.-S.'         15 ? 
3       'Gao, Y.'             16 ? 
3       'Nie, X.'             17 ? 
3       'Zepp, C.'            18 ? 
3       'Heefner, D.L.'       19 ? 
3       'Schiffer, C.A.'      20 ? 
# 
loop_
_entity.id 
_entity.type 
_entity.src_method 
_entity.pdbx_description 
_entity.formula_weight 
_entity.pdbx_number_of_molecules 
_entity.pdbx_ec 
_entity.pdbx_mutation 
_entity.pdbx_fragment 
_entity.details 
1 polymer     man 'PROTEASE RETROPEPSIN'            10772.724 2  3.4.23.16 'Q7K, D25N, L63P, V82A' ? ? 
2 polymer     syn 'p1-p6 Gag substrate decapeptide' 1173.325  1  ?         ?                       ? ? 
3 non-polymer syn 'PHOSPHATE ION'                   94.971    6  ?         ?                       ? ? 
4 water       nat water                             18.015    88 ?         ?                       ? ? 
# 
_entity_name_com.entity_id   1 
_entity_name_com.name        'HIV-1 PROTEASE' 
# 
_entity_name_sys.entity_id   1 
_entity_name_sys.name        E.C.3.4.23.16 
# 
loop_
_entity_poly.entity_id 
_entity_poly.type 
_entity_poly.nstd_linkage 
_entity_poly.nstd_monomer 
_entity_poly.pdbx_seq_one_letter_code 
_entity_poly.pdbx_seq_one_letter_code_can 
_entity_poly.pdbx_strand_id 
_entity_poly.pdbx_target_identifier 
1 'polypeptide(L)' no no 
;PQITLWKRPLVTIRIGGQLKEALLNTGADDTVLEEMNLPGKWKPKMIGGIGGFIKVRQYDQIPVEICGHKAIGTVLVGPT
PANIIGRNLLTQIGCTLNF
;
;PQITLWKRPLVTIRIGGQLKEALLNTGADDTVLEEMNLPGKWKPKMIGGIGGFIKVRQYDQIPVEICGHKAIGTVLVGPT
PANIIGRNLLTQIGCTLNF
;
A,B ? 
2 'polypeptide(L)' no no RPGNFLQSRP                                                                                             
RPGNFLQSRP                                                                                             P   ? 
# 
loop_
_pdbx_entity_nonpoly.entity_id 
_pdbx_entity_nonpoly.name 
_pdbx_entity_nonpoly.comp_id 
3 'PHOSPHATE ION' PO4 
4 water           HOH 
# 
loop_
_entity_poly_seq.entity_id 
_entity_poly_seq.num 
_entity_poly_seq.mon_id 
_entity_poly_seq.hetero 
1 1  PRO n 
1 2  GLN n 
1 3  ILE n 
1 4  THR n 
1 5  LEU n 
1 6  TRP n 
1 7  LYS n 
1 8  ARG n 
1 9  PRO n 
1 10 LEU n 
1 11 VAL n 
1 12 THR n 
1 13 ILE n 
1 14 ARG n 
1 15 ILE n 
1 16 GLY n 
1 17 GLY n 
1 18 GLN n 
1 19 LEU n 
1 20 LYS n 
1 21 GLU n 
1 22 ALA n 
1 23 LEU n 
1 24 LEU n 
1 25 ASN n 
1 26 THR n 
1 27 GLY n 
1 28 ALA n 
1 29 ASP n 
1 30 ASP n 
1 31 THR n 
1 32 VAL n 
1 33 LEU n 
1 34 GLU n 
1 35 GLU n 
1 36 MET n 
1 37 ASN n 
1 38 LEU n 
1 39 PRO n 
1 40 GLY n 
1 41 LYS n 
1 42 TRP n 
1 43 LYS n 
1 44 PRO n 
1 45 LYS n 
1 46 MET n 
1 47 ILE n 
1 48 GLY n 
1 49 GLY n 
1 50 ILE n 
1 51 GLY n 
1 52 GLY n 
1 53 PHE n 
1 54 ILE n 
1 55 LYS n 
1 56 VAL n 
1 57 ARG n 
1 58 GLN n 
1 59 TYR n 
1 60 ASP n 
1 61 GLN n 
1 62 ILE n 
1 63 PRO n 
1 64 VAL n 
1 65 GLU n 
1 66 ILE n 
1 67 CYS n 
1 68 GLY n 
1 69 HIS n 
1 70 LYS n 
1 71 ALA n 
1 72 ILE n 
1 73 GLY n 
1 74 THR n 
1 75 VAL n 
1 76 LEU n 
1 77 VAL n 
1 78 GLY n 
1 79 PRO n 
1 80 THR n 
1 81 PRO n 
1 82 ALA n 
1 83 ASN n 
1 84 ILE n 
1 85 ILE n 
1 86 GLY n 
1 87 ARG n 
1 88 ASN n 
1 89 LEU n 
1 90 LEU n 
1 91 THR n 
1 92 GLN n 
1 93 ILE n 
1 94 GLY n 
1 95 CYS n 
1 96 THR n 
1 97 LEU n 
1 98 ASN n 
1 99 PHE n 
2 1  ARG n 
2 2  PRO n 
2 3  GLY n 
2 4  ASN n 
2 5  PHE n 
2 6  LEU n 
2 7  GLN n 
2 8  SER n 
2 9  ARG n 
2 10 PRO n 
# 
_entity_src_gen.entity_id                          1 
_entity_src_gen.pdbx_src_id                        1 
_entity_src_gen.pdbx_alt_source_flag               sample 
_entity_src_gen.pdbx_seq_type                      ? 
_entity_src_gen.pdbx_beg_seq_num                   ? 
_entity_src_gen.pdbx_end_seq_num                   ? 
_entity_src_gen.gene_src_common_name               ? 
_entity_src_gen.gene_src_genus                     Lentivirus 
_entity_src_gen.pdbx_gene_src_gene                 ? 
_entity_src_gen.gene_src_species                   ? 
_entity_src_gen.gene_src_strain                    ? 
_entity_src_gen.gene_src_tissue                    ? 
_entity_src_gen.gene_src_tissue_fraction           ? 
_entity_src_gen.gene_src_details                   ? 
_entity_src_gen.pdbx_gene_src_fragment             ? 
_entity_src_gen.pdbx_gene_src_scientific_name      'Human immunodeficiency virus 1' 
_entity_src_gen.pdbx_gene_src_ncbi_taxonomy_id     11676 
_entity_src_gen.pdbx_gene_src_variant              ? 
_entity_src_gen.pdbx_gene_src_cell_line            ? 
_entity_src_gen.pdbx_gene_src_atcc                 ? 
_entity_src_gen.pdbx_gene_src_organ                ? 
_entity_src_gen.pdbx_gene_src_organelle            ? 
_entity_src_gen.pdbx_gene_src_cell                 ? 
_entity_src_gen.pdbx_gene_src_cellular_location    ? 
_entity_src_gen.host_org_common_name               ? 
_entity_src_gen.pdbx_host_org_scientific_name      'Escherichia coli' 
_entity_src_gen.pdbx_host_org_ncbi_taxonomy_id     562 
_entity_src_gen.host_org_genus                     Escherichia 
_entity_src_gen.pdbx_host_org_gene                 ? 
_entity_src_gen.pdbx_host_org_organ                ? 
_entity_src_gen.host_org_species                   ? 
_entity_src_gen.pdbx_host_org_tissue               ? 
_entity_src_gen.pdbx_host_org_tissue_fraction      ? 
_entity_src_gen.pdbx_host_org_strain               TAP106 
_entity_src_gen.pdbx_host_org_variant              ? 
_entity_src_gen.pdbx_host_org_cell_line            ? 
_entity_src_gen.pdbx_host_org_atcc                 ? 
_entity_src_gen.pdbx_host_org_culture_collection   ? 
_entity_src_gen.pdbx_host_org_cell                 ? 
_entity_src_gen.pdbx_host_org_organelle            ? 
_entity_src_gen.pdbx_host_org_cellular_location    ? 
_entity_src_gen.pdbx_host_org_vector_type          PLASMID 
_entity_src_gen.pdbx_host_org_vector               ? 
_entity_src_gen.host_org_details                   ? 
_entity_src_gen.expression_system_id               ? 
_entity_src_gen.plasmid_name                       pXC35-pEN18 
_entity_src_gen.plasmid_details                    ? 
_entity_src_gen.pdbx_description                   ? 
# 
_pdbx_entity_src_syn.entity_id              2 
_pdbx_entity_src_syn.pdbx_src_id            1 
_pdbx_entity_src_syn.pdbx_alt_source_flag   sample 
_pdbx_entity_src_syn.pdbx_beg_seq_num       ? 
_pdbx_entity_src_syn.pdbx_end_seq_num       ? 
_pdbx_entity_src_syn.organism_scientific    ? 
_pdbx_entity_src_syn.organism_common_name   ? 
_pdbx_entity_src_syn.ncbi_taxonomy_id       ? 
_pdbx_entity_src_syn.details                'This peptide sequence occurs naturally in Gag of HIV-1' 
# 
loop_
_chem_comp.id 
_chem_comp.type 
_chem_comp.mon_nstd_flag 
_chem_comp.name 
_chem_comp.pdbx_synonyms 
_chem_comp.formula 
_chem_comp.formula_weight 
ALA 'L-peptide linking' y ALANINE         ? 'C3 H7 N O2'     89.093  
ARG 'L-peptide linking' y ARGININE        ? 'C6 H15 N4 O2 1' 175.209 
ASN 'L-peptide linking' y ASPARAGINE      ? 'C4 H8 N2 O3'    132.118 
ASP 'L-peptide linking' y 'ASPARTIC ACID' ? 'C4 H7 N O4'     133.103 
CYS 'L-peptide linking' y CYSTEINE        ? 'C3 H7 N O2 S'   121.158 
GLN 'L-peptide linking' y GLUTAMINE       ? 'C5 H10 N2 O3'   146.144 
GLU 'L-peptide linking' y 'GLUTAMIC ACID' ? 'C5 H9 N O4'     147.129 
GLY 'peptide linking'   y GLYCINE         ? 'C2 H5 N O2'     75.067  
HIS 'L-peptide linking' y HISTIDINE       ? 'C6 H10 N3 O2 1' 156.162 
HOH non-polymer         . WATER           ? 'H2 O'           18.015  
ILE 'L-peptide linking' y ISOLEUCINE      ? 'C6 H13 N O2'    131.173 
LEU 'L-peptide linking' y LEUCINE         ? 'C6 H13 N O2'    131.173 
LYS 'L-peptide linking' y LYSINE          ? 'C6 H15 N2 O2 1' 147.195 
MET 'L-peptide linking' y METHIONINE      ? 'C5 H11 N O2 S'  149.211 
PHE 'L-peptide linking' y PHENYLALANINE   ? 'C9 H11 N O2'    165.189 
PO4 non-polymer         . 'PHOSPHATE ION' ? 'O4 P -3'        94.971  
PRO 'L-peptide linking' y PROLINE         ? 'C5 H9 N O2'     115.130 
SER 'L-peptide linking' y SERINE          ? 'C3 H7 N O3'     105.093 
THR 'L-peptide linking' y THREONINE       ? 'C4 H9 N O3'     119.119 
TRP 'L-peptide linking' y TRYPTOPHAN      ? 'C11 H12 N2 O2'  204.225 
TYR 'L-peptide linking' y TYROSINE        ? 'C9 H11 N O3'    181.189 
VAL 'L-peptide linking' y VALINE          ? 'C5 H11 N O2'    117.146 
# 
loop_
_pdbx_poly_seq_scheme.asym_id 
_pdbx_poly_seq_scheme.entity_id 
_pdbx_poly_seq_scheme.seq_id 
_pdbx_poly_seq_scheme.mon_id 
_pdbx_poly_seq_scheme.ndb_seq_num 
_pdbx_poly_seq_scheme.pdb_seq_num 
_pdbx_poly_seq_scheme.auth_seq_num 
_pdbx_poly_seq_scheme.pdb_mon_id 
_pdbx_poly_seq_scheme.auth_mon_id 
_pdbx_poly_seq_scheme.pdb_strand_id 
_pdbx_poly_seq_scheme.pdb_ins_code 
_pdbx_poly_seq_scheme.hetero 
A 1 1  PRO 1  1  1  PRO PRO A . n 
A 1 2  GLN 2  2  2  GLN GLN A . n 
A 1 3  ILE 3  3  3  ILE ILE A . n 
A 1 4  THR 4  4  4  THR THR A . n 
A 1 5  LEU 5  5  5  LEU LEU A . n 
A 1 6  TRP 6  6  6  TRP TRP A . n 
A 1 7  LYS 7  7  7  LYS LYS A . n 
A 1 8  ARG 8  8  8  ARG ARG A . n 
A 1 9  PRO 9  9  9  PRO PRO A . n 
A 1 10 LEU 10 10 10 LEU LEU A . n 
A 1 11 VAL 11 11 11 VAL VAL A . n 
A 1 12 THR 12 12 12 THR THR A . n 
A 1 13 ILE 13 13 13 ILE ILE A . n 
A 1 14 ARG 14 14 14 ARG ARG A . n 
A 1 15 ILE 15 15 15 ILE ILE A . n 
A 1 16 GLY 16 16 16 GLY GLY A . n 
A 1 17 GLY 17 17 17 GLY GLY A . n 
A 1 18 GLN 18 18 18 GLN GLN A . n 
A 1 19 LEU 19 19 19 LEU LEU A . n 
A 1 20 LYS 20 20 20 LYS LYS A . n 
A 1 21 GLU 21 21 21 GLU GLU A . n 
A 1 22 ALA 22 22 22 ALA ALA A . n 
A 1 23 LEU 23 23 23 LEU LEU A . n 
A 1 24 LEU 24 24 24 LEU LEU A . n 
A 1 25 ASN 25 25 25 ASN ASN A . n 
A 1 26 THR 26 26 26 THR THR A . n 
A 1 27 GLY 27 27 27 GLY GLY A . n 
A 1 28 ALA 28 28 28 ALA ALA A . n 
A 1 29 ASP 29 29 29 ASP ASP A . n 
A 1 30 ASP 30 30 30 ASP ASP A . n 
A 1 31 THR 31 31 31 THR THR A . n 
A 1 32 VAL 32 32 32 VAL VAL A . n 
A 1 33 LEU 33 33 33 LEU LEU A . n 
A 1 34 GLU 34 34 34 GLU GLU A . n 
A 1 35 GLU 35 35 35 GLU GLU A . n 
A 1 36 MET 36 36 36 MET MET A . n 
A 1 37 ASN 37 37 37 ASN ASN A . n 
A 1 38 LEU 38 38 38 LEU LEU A . n 
A 1 39 PRO 39 39 39 PRO PRO A . n 
A 1 40 GLY 40 40 40 GLY GLY A . n 
A 1 41 LYS 41 41 41 LYS LYS A . n 
A 1 42 TRP 42 42 42 TRP TRP A . n 
A 1 43 LYS 43 43 43 LYS LYS A . n 
A 1 44 PRO 44 44 44 PRO PRO A . n 
A 1 45 LYS 45 45 45 LYS LYS A . n 
A 1 46 MET 46 46 46 MET MET A . n 
A 1 47 ILE 47 47 47 ILE ILE A . n 
A 1 48 GLY 48 48 48 GLY GLY A . n 
A 1 49 GLY 49 49 49 GLY GLY A . n 
A 1 50 ILE 50 50 50 ILE ILE A . n 
A 1 51 GLY 51 51 51 GLY GLY A . n 
A 1 52 GLY 52 52 52 GLY GLY A . n 
A 1 53 PHE 53 53 53 PHE PHE A . n 
A 1 54 ILE 54 54 54 ILE ILE A . n 
A 1 55 LYS 55 55 55 LYS LYS A . n 
A 1 56 VAL 56 56 56 VAL VAL A . n 
A 1 57 ARG 57 57 57 ARG ARG A . n 
A 1 58 GLN 58 58 58 GLN GLN A . n 
A 1 59 TYR 59 59 59 TYR TYR A . n 
A 1 60 ASP 60 60 60 ASP ASP A . n 
A 1 61 GLN 61 61 61 GLN GLN A . n 
A 1 62 ILE 62 62 62 ILE ILE A . n 
A 1 63 PRO 63 63 63 PRO PRO A . n 
A 1 64 VAL 64 64 64 VAL VAL A . n 
A 1 65 GLU 65 65 65 GLU GLU A . n 
A 1 66 ILE 66 66 66 ILE ILE A . n 
A 1 67 CYS 67 67 67 CYS CYS A . n 
A 1 68 GLY 68 68 68 GLY GLY A . n 
A 1 69 HIS 69 69 69 HIS HIS A . n 
A 1 70 LYS 70 70 70 LYS LYS A . n 
A 1 71 ALA 71 71 71 ALA ALA A . n 
A 1 72 ILE 72 72 72 ILE ILE A . n 
A 1 73 GLY 73 73 73 GLY GLY A . n 
A 1 74 THR 74 74 74 THR THR A . n 
A 1 75 VAL 75 75 75 VAL VAL A . n 
A 1 76 LEU 76 76 76 LEU LEU A . n 
A 1 77 VAL 77 77 77 VAL VAL A . n 
A 1 78 GLY 78 78 78 GLY GLY A . n 
A 1 79 PRO 79 79 79 PRO PRO A . n 
A 1 80 THR 80 80 80 THR THR A . n 
A 1 81 PRO 81 81 81 PRO PRO A . n 
A 1 82 ALA 82 82 82 ALA ALA A . n 
A 1 83 ASN 83 83 83 ASN ASN A . n 
A 1 84 ILE 84 84 84 ILE ILE A . n 
A 1 85 ILE 85 85 85 ILE ILE A . n 
A 1 86 GLY 86 86 86 GLY GLY A . n 
A 1 87 ARG 87 87 87 ARG ARG A . n 
A 1 88 ASN 88 88 88 ASN ASN A . n 
A 1 89 LEU 89 89 89 LEU LEU A . n 
A 1 90 LEU 90 90 90 LEU LEU A . n 
A 1 91 THR 91 91 91 THR THR A . n 
A 1 92 GLN 92 92 92 GLN GLN A . n 
A 1 93 ILE 93 93 93 ILE ILE A . n 
A 1 94 GLY 94 94 94 GLY GLY A . n 
A 1 95 CYS 95 95 95 CYS CYS A . n 
A 1 96 THR 96 96 96 THR THR A . n 
A 1 97 LEU 97 97 97 LEU LEU A . n 
A 1 98 ASN 98 98 98 ASN ASN A . n 
A 1 99 PHE 99 99 99 PHE PHE A . n 
B 1 1  PRO 1  1  1  PRO PRO B . n 
B 1 2  GLN 2  2  2  GLN GLN B . n 
B 1 3  ILE 3  3  3  ILE ILE B . n 
B 1 4  THR 4  4  4  THR THR B . n 
B 1 5  LEU 5  5  5  LEU LEU B . n 
B 1 6  TRP 6  6  6  TRP TRP B . n 
B 1 7  LYS 7  7  7  LYS LYS B . n 
B 1 8  ARG 8  8  8  ARG ARG B . n 
B 1 9  PRO 9  9  9  PRO PRO B . n 
B 1 10 LEU 10 10 10 LEU LEU B . n 
B 1 11 VAL 11 11 11 VAL VAL B . n 
B 1 12 THR 12 12 12 THR THR B . n 
B 1 13 ILE 13 13 13 ILE ILE B . n 
B 1 14 ARG 14 14 14 ARG ARG B . n 
B 1 15 ILE 15 15 15 ILE ILE B . n 
B 1 16 GLY 16 16 16 GLY GLY B . n 
B 1 17 GLY 17 17 17 GLY GLY B . n 
B 1 18 GLN 18 18 18 GLN GLN B . n 
B 1 19 LEU 19 19 19 LEU LEU B . n 
B 1 20 LYS 20 20 20 LYS LYS B . n 
B 1 21 GLU 21 21 21 GLU GLU B . n 
B 1 22 ALA 22 22 22 ALA ALA B . n 
B 1 23 LEU 23 23 23 LEU LEU B . n 
B 1 24 LEU 24 24 24 LEU LEU B . n 
B 1 25 ASN 25 25 25 ASN ASN B . n 
B 1 26 THR 26 26 26 THR THR B . n 
B 1 27 GLY 27 27 27 GLY GLY B . n 
B 1 28 ALA 28 28 28 ALA ALA B . n 
B 1 29 ASP 29 29 29 ASP ASP B . n 
B 1 30 ASP 30 30 30 ASP ASP B . n 
B 1 31 THR 31 31 31 THR THR B . n 
B 1 32 VAL 32 32 32 VAL VAL B . n 
B 1 33 LEU 33 33 33 LEU LEU B . n 
B 1 34 GLU 34 34 34 GLU GLU B . n 
B 1 35 GLU 35 35 35 GLU GLU B . n 
B 1 36 MET 36 36 36 MET MET B . n 
B 1 37 ASN 37 37 37 ASN ASN B . n 
B 1 38 LEU 38 38 38 LEU LEU B . n 
B 1 39 PRO 39 39 39 PRO PRO B . n 
B 1 40 GLY 40 40 40 GLY GLY B . n 
B 1 41 LYS 41 41 41 LYS LYS B . n 
B 1 42 TRP 42 42 42 TRP TRP B . n 
B 1 43 LYS 43 43 43 LYS LYS B . n 
B 1 44 PRO 44 44 44 PRO PRO B . n 
B 1 45 LYS 45 45 45 LYS LYS B . n 
B 1 46 MET 46 46 46 MET MET B . n 
B 1 47 ILE 47 47 47 ILE ILE B . n 
B 1 48 GLY 48 48 48 GLY GLY B . n 
B 1 49 GLY 49 49 49 GLY GLY B . n 
B 1 50 ILE 50 50 50 ILE ILE B . n 
B 1 51 GLY 51 51 51 GLY GLY B . n 
B 1 52 GLY 52 52 52 GLY GLY B . n 
B 1 53 PHE 53 53 53 PHE PHE B . n 
B 1 54 ILE 54 54 54 ILE ILE B . n 
B 1 55 LYS 55 55 55 LYS LYS B . n 
B 1 56 VAL 56 56 56 VAL VAL B . n 
B 1 57 ARG 57 57 57 ARG ARG B . n 
B 1 58 GLN 58 58 58 GLN GLN B . n 
B 1 59 TYR 59 59 59 TYR TYR B . n 
B 1 60 ASP 60 60 60 ASP ASP B . n 
B 1 61 GLN 61 61 61 GLN GLN B . n 
B 1 62 ILE 62 62 62 ILE ILE B . n 
B 1 63 PRO 63 63 63 PRO PRO B . n 
B 1 64 VAL 64 64 64 VAL VAL B . n 
B 1 65 GLU 65 65 65 GLU GLU B . n 
B 1 66 ILE 66 66 66 ILE ILE B . n 
B 1 67 CYS 67 67 67 CYS CYS B . n 
B 1 68 GLY 68 68 68 GLY GLY B . n 
B 1 69 HIS 69 69 69 HIS HIS B . n 
B 1 70 LYS 70 70 70 LYS LYS B . n 
B 1 71 ALA 71 71 71 ALA ALA B . n 
B 1 72 ILE 72 72 72 ILE ILE B . n 
B 1 73 GLY 73 73 73 GLY GLY B . n 
B 1 74 THR 74 74 74 THR THR B . n 
B 1 75 VAL 75 75 75 VAL VAL B . n 
B 1 76 LEU 76 76 76 LEU LEU B . n 
B 1 77 VAL 77 77 77 VAL VAL B . n 
B 1 78 GLY 78 78 78 GLY GLY B . n 
B 1 79 PRO 79 79 79 PRO PRO B . n 
B 1 80 THR 80 80 80 THR THR B . n 
B 1 81 PRO 81 81 81 PRO PRO B . n 
B 1 82 ALA 82 82 82 ALA ALA B . n 
B 1 83 ASN 83 83 83 ASN ASN B . n 
B 1 84 ILE 84 84 84 ILE ILE B . n 
B 1 85 ILE 85 85 85 ILE ILE B . n 
B 1 86 GLY 86 86 86 GLY GLY B . n 
B 1 87 ARG 87 87 87 ARG ARG B . n 
B 1 88 ASN 88 88 88 ASN ASN B . n 
B 1 89 LEU 89 89 89 LEU LEU B . n 
B 1 90 LEU 90 90 90 LEU LEU B . n 
B 1 91 THR 91 91 91 THR THR B . n 
B 1 92 GLN 92 92 92 GLN GLN B . n 
B 1 93 ILE 93 93 93 ILE ILE B . n 
B 1 94 GLY 94 94 94 GLY GLY B . n 
B 1 95 CYS 95 95 95 CYS CYS B . n 
B 1 96 THR 96 96 96 THR THR B . n 
B 1 97 LEU 97 97 97 LEU LEU B . n 
B 1 98 ASN 98 98 98 ASN ASN B . n 
B 1 99 PHE 99 99 99 PHE PHE B . n 
C 2 1  ARG 1  1  1  ARG ARG P . n 
C 2 2  PRO 2  2  2  PRO PRO P . n 
C 2 3  GLY 3  3  3  GLY GLY P . n 
C 2 4  ASN 4  4  4  ASN ASN P . n 
C 2 5  PHE 5  5  5  PHE PHE P . n 
C 2 6  LEU 6  6  6  LEU LEU P . n 
C 2 7  GLN 7  7  7  GLN GLN P . n 
C 2 8  SER 8  8  8  SER SER P . n 
C 2 9  ARG 9  9  9  ARG ARG P . n 
C 2 10 PRO 10 10 10 PRO PRO P . n 
# 
loop_
_pdbx_nonpoly_scheme.asym_id 
_pdbx_nonpoly_scheme.entity_id 
_pdbx_nonpoly_scheme.mon_id 
_pdbx_nonpoly_scheme.ndb_seq_num 
_pdbx_nonpoly_scheme.pdb_seq_num 
_pdbx_nonpoly_scheme.auth_seq_num 
_pdbx_nonpoly_scheme.pdb_mon_id 
_pdbx_nonpoly_scheme.auth_mon_id 
_pdbx_nonpoly_scheme.pdb_strand_id 
_pdbx_nonpoly_scheme.pdb_ins_code 
D 3 PO4 1  504 504  PO4 PO4 A . 
E 3 PO4 1  506 506  PO4 PO4 A . 
F 3 PO4 1  507 507  PO4 PO4 A . 
G 3 PO4 1  501 501  PO4 PO4 B . 
H 3 PO4 1  502 502  PO4 PO4 B . 
I 3 PO4 1  503 503  PO4 PO4 B . 
J 4 HOH 1  508 4    HOH HOH A . 
J 4 HOH 2  509 11   HOH HOH A . 
J 4 HOH 3  510 15   HOH HOH A . 
J 4 HOH 4  511 18   HOH HOH A . 
J 4 HOH 5  512 21   HOH HOH A . 
J 4 HOH 6  513 22   HOH HOH A . 
J 4 HOH 7  514 23   HOH HOH A . 
J 4 HOH 8  515 24   HOH HOH A . 
J 4 HOH 9  516 26   HOH HOH A . 
J 4 HOH 10 517 27   HOH HOH A . 
J 4 HOH 11 518 30   HOH HOH A . 
J 4 HOH 12 519 32   HOH HOH A . 
J 4 HOH 13 520 33   HOH HOH A . 
J 4 HOH 14 521 34   HOH HOH A . 
J 4 HOH 15 522 35   HOH HOH A . 
J 4 HOH 16 523 43   HOH HOH A . 
J 4 HOH 17 524 46   HOH HOH A . 
J 4 HOH 18 525 47   HOH HOH A . 
J 4 HOH 19 526 49   HOH HOH A . 
J 4 HOH 20 527 51   HOH HOH A . 
J 4 HOH 21 528 52   HOH HOH A . 
J 4 HOH 22 529 57   HOH HOH A . 
J 4 HOH 23 530 59   HOH HOH A . 
J 4 HOH 24 531 60   HOH HOH A . 
J 4 HOH 25 532 61   HOH HOH A . 
J 4 HOH 26 533 75   HOH HOH A . 
J 4 HOH 27 534 82   HOH HOH A . 
J 4 HOH 28 535 83   HOH HOH A . 
J 4 HOH 29 536 91   HOH HOH A . 
J 4 HOH 30 537 9105 HOH HOH A . 
J 4 HOH 31 538 102  HOH HOH A . 
J 4 HOH 32 539 103  HOH HOH A . 
J 4 HOH 33 540 104  HOH HOH A . 
J 4 HOH 34 541 107  HOH HOH A . 
J 4 HOH 35 542 108  HOH HOH A . 
J 4 HOH 36 543 109  HOH HOH A . 
J 4 HOH 37 544 110  HOH HOH A . 
J 4 HOH 38 545 114  HOH HOH A . 
J 4 HOH 39 546 115  HOH HOH A . 
J 4 HOH 40 547 116  HOH HOH A . 
J 4 HOH 41 548 117  HOH HOH A . 
J 4 HOH 42 549 118  HOH HOH A . 
K 4 HOH 1  504 1    HOH HOH B . 
K 4 HOH 2  505 2    HOH HOH B . 
K 4 HOH 3  506 5    HOH HOH B . 
K 4 HOH 4  507 7    HOH HOH B . 
K 4 HOH 5  508 8    HOH HOH B . 
K 4 HOH 6  509 12   HOH HOH B . 
K 4 HOH 7  510 13   HOH HOH B . 
K 4 HOH 8  511 14   HOH HOH B . 
K 4 HOH 9  512 16   HOH HOH B . 
K 4 HOH 10 513 17   HOH HOH B . 
K 4 HOH 11 514 19   HOH HOH B . 
K 4 HOH 12 515 25   HOH HOH B . 
K 4 HOH 13 516 28   HOH HOH B . 
K 4 HOH 14 517 36   HOH HOH B . 
K 4 HOH 15 518 37   HOH HOH B . 
K 4 HOH 16 519 39   HOH HOH B . 
K 4 HOH 17 520 40   HOH HOH B . 
K 4 HOH 18 521 41   HOH HOH B . 
K 4 HOH 19 522 42   HOH HOH B . 
K 4 HOH 20 523 44   HOH HOH B . 
K 4 HOH 21 524 45   HOH HOH B . 
K 4 HOH 22 525 48   HOH HOH B . 
K 4 HOH 23 526 50   HOH HOH B . 
K 4 HOH 24 527 53   HOH HOH B . 
K 4 HOH 25 528 54   HOH HOH B . 
K 4 HOH 26 529 56   HOH HOH B . 
K 4 HOH 27 530 58   HOH HOH B . 
K 4 HOH 28 531 62   HOH HOH B . 
K 4 HOH 29 532 64   HOH HOH B . 
K 4 HOH 30 533 68   HOH HOH B . 
K 4 HOH 31 534 70   HOH HOH B . 
K 4 HOH 32 535 77   HOH HOH B . 
K 4 HOH 33 536 81   HOH HOH B . 
K 4 HOH 34 537 88   HOH HOH B . 
K 4 HOH 35 538 89   HOH HOH B . 
K 4 HOH 36 539 101  HOH HOH B . 
K 4 HOH 37 540 105  HOH HOH B . 
K 4 HOH 38 541 106  HOH HOH B . 
K 4 HOH 39 542 111  HOH HOH B . 
K 4 HOH 40 543 112  HOH HOH B . 
K 4 HOH 41 544 113  HOH HOH B . 
K 4 HOH 42 545 119  HOH HOH B . 
K 4 HOH 43 546 120  HOH HOH B . 
L 4 HOH 1  11  3    HOH HOH P . 
L 4 HOH 2  12  31   HOH HOH P . 
L 4 HOH 3  13  142  HOH HOH P . 
# 
loop_
_pdbx_unobs_or_zero_occ_atoms.id 
_pdbx_unobs_or_zero_occ_atoms.PDB_model_num 
_pdbx_unobs_or_zero_occ_atoms.polymer_flag 
_pdbx_unobs_or_zero_occ_atoms.occupancy_flag 
_pdbx_unobs_or_zero_occ_atoms.auth_asym_id 
_pdbx_unobs_or_zero_occ_atoms.auth_comp_id 
_pdbx_unobs_or_zero_occ_atoms.auth_seq_id 
_pdbx_unobs_or_zero_occ_atoms.PDB_ins_code 
_pdbx_unobs_or_zero_occ_atoms.auth_atom_id 
_pdbx_unobs_or_zero_occ_atoms.label_alt_id 
_pdbx_unobs_or_zero_occ_atoms.label_asym_id 
_pdbx_unobs_or_zero_occ_atoms.label_comp_id 
_pdbx_unobs_or_zero_occ_atoms.label_seq_id 
_pdbx_unobs_or_zero_occ_atoms.label_atom_id 
1  1 Y 1 A LYS 7  ? CG  ? A LYS 7  CG  
2  1 Y 1 A LYS 7  ? CD  ? A LYS 7  CD  
3  1 Y 1 A LYS 7  ? CE  ? A LYS 7  CE  
4  1 Y 1 A LYS 7  ? NZ  ? A LYS 7  NZ  
5  1 Y 1 A ARG 14 ? CG  ? A ARG 14 CG  
6  1 Y 1 A ARG 14 ? CD  ? A ARG 14 CD  
7  1 Y 1 A ARG 14 ? NE  ? A ARG 14 NE  
8  1 Y 1 A ARG 14 ? CZ  ? A ARG 14 CZ  
9  1 Y 1 A ARG 14 ? NH1 ? A ARG 14 NH1 
10 1 Y 1 A ARG 14 ? NH2 ? A ARG 14 NH2 
11 1 Y 1 A ASN 37 ? CG  ? A ASN 37 CG  
12 1 Y 1 A ASN 37 ? OD1 ? A ASN 37 OD1 
13 1 Y 1 A ASN 37 ? ND2 ? A ASN 37 ND2 
14 1 Y 1 A LYS 41 ? CG  ? A LYS 41 CG  
15 1 Y 1 A LYS 41 ? CD  ? A LYS 41 CD  
16 1 Y 1 A LYS 41 ? CE  ? A LYS 41 CE  
17 1 Y 1 A LYS 41 ? NZ  ? A LYS 41 NZ  
18 1 Y 1 A LYS 43 ? CG  ? A LYS 43 CG  
19 1 Y 1 A LYS 43 ? CD  ? A LYS 43 CD  
20 1 Y 1 A LYS 43 ? CE  ? A LYS 43 CE  
21 1 Y 1 A LYS 43 ? NZ  ? A LYS 43 NZ  
22 1 Y 1 A LYS 55 ? CG  ? A LYS 55 CG  
23 1 Y 1 A LYS 55 ? CD  ? A LYS 55 CD  
24 1 Y 1 A LYS 55 ? CE  ? A LYS 55 CE  
25 1 Y 1 A LYS 55 ? NZ  ? A LYS 55 NZ  
26 1 Y 1 B LYS 7  ? CG  ? B LYS 7  CG  
27 1 Y 1 B LYS 7  ? CD  ? B LYS 7  CD  
28 1 Y 1 B LYS 7  ? CE  ? B LYS 7  CE  
29 1 Y 1 B LYS 7  ? NZ  ? B LYS 7  NZ  
30 1 Y 1 B GLN 18 ? CG  ? B GLN 18 CG  
31 1 Y 1 B GLN 18 ? CD  ? B GLN 18 CD  
32 1 Y 1 B GLN 18 ? OE1 ? B GLN 18 OE1 
33 1 Y 1 B GLN 18 ? NE2 ? B GLN 18 NE2 
34 1 Y 1 B LYS 41 ? CG  ? B LYS 41 CG  
35 1 Y 1 B LYS 41 ? CD  ? B LYS 41 CD  
36 1 Y 1 B LYS 41 ? CE  ? B LYS 41 CE  
37 1 Y 1 B LYS 41 ? NZ  ? B LYS 41 NZ  
38 1 Y 1 B LYS 43 ? CG  ? B LYS 43 CG  
39 1 Y 1 B LYS 43 ? CD  ? B LYS 43 CD  
40 1 Y 1 B LYS 43 ? CE  ? B LYS 43 CE  
41 1 Y 1 B LYS 43 ? NZ  ? B LYS 43 NZ  
42 1 Y 1 B LYS 45 ? CG  ? B LYS 45 CG  
43 1 Y 1 B LYS 45 ? CD  ? B LYS 45 CD  
44 1 Y 1 B LYS 45 ? CE  ? B LYS 45 CE  
45 1 Y 1 B LYS 45 ? NZ  ? B LYS 45 NZ  
46 1 Y 1 B LYS 55 ? CG  ? B LYS 55 CG  
47 1 Y 1 B LYS 55 ? CD  ? B LYS 55 CD  
48 1 Y 1 B LYS 55 ? CE  ? B LYS 55 CE  
49 1 Y 1 B LYS 55 ? NZ  ? B LYS 55 NZ  
50 1 Y 1 B LYS 70 ? CG  ? B LYS 70 CG  
51 1 Y 1 B LYS 70 ? CD  ? B LYS 70 CD  
52 1 Y 1 B LYS 70 ? CE  ? B LYS 70 CE  
53 1 Y 1 B LYS 70 ? NZ  ? B LYS 70 NZ  
54 1 Y 1 P ARG 1  ? CG  ? C ARG 1  CG  
55 1 Y 1 P ARG 1  ? CD  ? C ARG 1  CD  
56 1 Y 1 P ARG 1  ? NE  ? C ARG 1  NE  
57 1 Y 1 P ARG 1  ? CZ  ? C ARG 1  CZ  
58 1 Y 1 P ARG 1  ? NH1 ? C ARG 1  NH1 
59 1 Y 1 P ARG 1  ? NH2 ? C ARG 1  NH2 
# 
loop_
_software.name 
_software.classification 
_software.version 
_software.citation_id 
_software.pdbx_ordinal 
SCALEPACK 'data scaling' . ? 1 
CNS       refinement     . ? 2 
CNS       phasing        . ? 3 
# 
_cell.entry_id           1MT9 
_cell.length_a           51.265 
_cell.length_b           59.133 
_cell.length_c           61.926 
_cell.angle_alpha        90.00 
_cell.angle_beta         90.00 
_cell.angle_gamma        90.00 
_cell.Z_PDB              8 
_cell.pdbx_unique_axis   ? 
_cell.length_a_esd       ? 
_cell.length_b_esd       ? 
_cell.length_c_esd       ? 
_cell.angle_alpha_esd    ? 
_cell.angle_beta_esd     ? 
_cell.angle_gamma_esd    ? 
# 
_symmetry.entry_id                         1MT9 
_symmetry.space_group_name_H-M             'P 21 21 21' 
_symmetry.cell_setting                     orthorhombic 
_symmetry.pdbx_full_space_group_name_H-M   ? 
_symmetry.Int_Tables_number                19 
_symmetry.space_group_name_Hall            ? 
# 
_exptl.entry_id          1MT9 
_exptl.method            'X-RAY DIFFRACTION' 
_exptl.crystals_number   1 
# 
_exptl_crystal.id                    1 
_exptl_crystal.density_meas          ? 
_exptl_crystal.density_percent_sol   40.41 
_exptl_crystal.density_Matthews      2.06 
_exptl_crystal.description           ? 
_exptl_crystal.F_000                 ? 
_exptl_crystal.preparation           ? 
# 
_exptl_crystal_grow.crystal_id      1 
_exptl_crystal_grow.method          'VAPOR DIFFUSION, HANGING DROP' 
_exptl_crystal_grow.temp            298 
_exptl_crystal_grow.temp_details    ? 
_exptl_crystal_grow.pH              6.2 
_exptl_crystal_grow.pdbx_details    
;sodium phosphate, sodium citrate, ammonium sulphate, pH 6.2, 
VAPOR DIFFUSION, HANGING DROP at 298K
;
_exptl_crystal_grow.pdbx_pH_range   . 
# 
_diffrn.id                     1 
_diffrn.ambient_temp           298 
_diffrn.ambient_temp_details   ? 
_diffrn.crystal_id             1 
# 
_diffrn_detector.diffrn_id              1 
_diffrn_detector.detector               'IMAGE PLATE' 
_diffrn_detector.type                   'RIGAKU RAXIS IV' 
_diffrn_detector.pdbx_collection_date   1999-11-30 
_diffrn_detector.details                'Yale mirrors' 
# 
_diffrn_radiation.diffrn_id                        1 
_diffrn_radiation.wavelength_id                    1 
_diffrn_radiation.pdbx_monochromatic_or_laue_m_l   M 
_diffrn_radiation.monochromator                    'Yale Mirrors' 
_diffrn_radiation.pdbx_diffrn_protocol             'SINGLE WAVELENGTH' 
_diffrn_radiation.pdbx_scattering_type             x-ray 
# 
_diffrn_radiation_wavelength.id           1 
_diffrn_radiation_wavelength.wavelength   1.5418 
_diffrn_radiation_wavelength.wt           1.0 
# 
_diffrn_source.diffrn_id                   1 
_diffrn_source.source                      'ROTATING ANODE' 
_diffrn_source.type                        RIGAKU 
_diffrn_source.pdbx_synchrotron_site       ? 
_diffrn_source.pdbx_synchrotron_beamline   ? 
_diffrn_source.pdbx_wavelength             ? 
_diffrn_source.pdbx_wavelength_list        1.5418 
# 
_reflns.entry_id                     1MT9 
_reflns.observed_criterion_sigma_I   0 
_reflns.observed_criterion_sigma_F   0 
_reflns.d_resolution_low             32.84 
_reflns.d_resolution_high            2.00 
_reflns.number_obs                   12659 
_reflns.number_all                   12659 
_reflns.percent_possible_obs         95.4 
_reflns.pdbx_Rmerge_I_obs            0.09 
_reflns.pdbx_Rsym_value              ? 
_reflns.pdbx_netI_over_sigmaI        7.7 
_reflns.B_iso_Wilson_estimate        12.4 
_reflns.pdbx_redundancy              ? 
_reflns.R_free_details               ? 
_reflns.limit_h_max                  ? 
_reflns.limit_h_min                  ? 
_reflns.limit_k_max                  ? 
_reflns.limit_k_min                  ? 
_reflns.limit_l_max                  ? 
_reflns.limit_l_min                  ? 
_reflns.observed_criterion_F_max     ? 
_reflns.observed_criterion_F_min     ? 
_reflns.pdbx_chi_squared             ? 
_reflns.pdbx_scaling_rejects         ? 
_reflns.pdbx_diffrn_id               1 
_reflns.pdbx_ordinal                 1 
# 
_reflns_shell.d_res_high             2.00 
_reflns_shell.d_res_low              2.07 
_reflns_shell.percent_possible_all   92 
_reflns_shell.Rmerge_I_obs           0.33 
_reflns_shell.pdbx_Rsym_value        ? 
_reflns_shell.meanI_over_sigI_obs    ? 
_reflns_shell.pdbx_redundancy        ? 
_reflns_shell.percent_possible_obs   ? 
_reflns_shell.number_unique_all      1182 
_reflns_shell.number_measured_all    ? 
_reflns_shell.number_measured_obs    ? 
_reflns_shell.number_unique_obs      ? 
_reflns_shell.pdbx_chi_squared       ? 
_reflns_shell.pdbx_diffrn_id         ? 
_reflns_shell.pdbx_ordinal           1 
# 
_refine.entry_id                                 1MT9 
_refine.ls_number_reflns_obs                     12659 
_refine.ls_number_reflns_all                     ? 
_refine.pdbx_ls_sigma_I                          0.0 
_refine.pdbx_ls_sigma_F                          0.0 
_refine.pdbx_data_cutoff_high_absF               172172.14 
_refine.pdbx_data_cutoff_low_absF                0.000 
_refine.ls_d_res_low                             32.84 
_refine.ls_d_res_high                            2.00 
_refine.ls_percent_reflns_obs                    95.4 
_refine.ls_R_factor_obs                          0.179 
_refine.ls_R_factor_all                          ? 
_refine.ls_R_factor_R_work                       0.179 
_refine.ls_R_factor_R_free                       0.21 
_refine.ls_R_factor_R_free_error                 0.006 
_refine.ls_R_factor_R_free_error_details         ? 
_refine.ls_percent_reflns_R_free                 10.3 
_refine.ls_number_reflns_R_free                  1272 
_refine.ls_number_parameters                     ? 
_refine.ls_number_restraints                     ? 
_refine.occupancy_min                            ? 
_refine.occupancy_max                            ? 
_refine.correlation_coeff_Fo_to_Fc               ? 
_refine.correlation_coeff_Fo_to_Fc_free          ? 
_refine.B_iso_mean                               23.8 
_refine.aniso_B[1][1]                            -0.66 
_refine.aniso_B[2][2]                            -0.64 
_refine.aniso_B[3][3]                            1.30 
_refine.aniso_B[1][2]                            0.00 
_refine.aniso_B[1][3]                            0.00 
_refine.aniso_B[2][3]                            0.00 
_refine.solvent_model_details                    'FLAT MODEL' 
_refine.solvent_model_param_ksol                 0.367432 
_refine.solvent_model_param_bsol                 67.3885 
_refine.pdbx_solvent_vdw_probe_radii             ? 
_refine.pdbx_solvent_ion_probe_radii             ? 
_refine.pdbx_solvent_shrinkage_radii             ? 
_refine.pdbx_ls_cross_valid_method               THROUGHOUT 
_refine.details                                  ? 
_refine.pdbx_starting_model                      1MTR 
_refine.pdbx_method_to_determine_struct          'FOURIER SYNTHESIS' 
_refine.pdbx_isotropic_thermal_model             RESTRAINED 
_refine.pdbx_stereochemistry_target_values       'Engh & Huber' 
_refine.pdbx_stereochem_target_val_spec_case     ? 
_refine.pdbx_R_Free_selection_details            RANDOM 
_refine.pdbx_overall_ESU_R_Free                  ? 
_refine.overall_SU_B                             ? 
_refine.ls_redundancy_reflns_obs                 ? 
_refine.B_iso_min                                ? 
_refine.B_iso_max                                ? 
_refine.overall_SU_R_Cruickshank_DPI             ? 
_refine.overall_SU_R_free                        ? 
_refine.overall_SU_ML                            ? 
_refine.pdbx_data_cutoff_high_rms_absF           ? 
_refine.pdbx_refine_id                           'X-RAY DIFFRACTION' 
_refine.pdbx_overall_phase_error                 ? 
_refine.ls_wR_factor_R_free                      ? 
_refine.ls_wR_factor_R_work                      ? 
_refine.overall_FOM_free_R_set                   ? 
_refine.overall_FOM_work_R_set                   ? 
_refine.pdbx_overall_ESU_R                       ? 
_refine.pdbx_diffrn_id                           1 
_refine.pdbx_TLS_residual_ADP_flag               ? 
_refine.pdbx_overall_SU_R_free_Cruickshank_DPI   ? 
_refine.pdbx_overall_SU_R_Blow_DPI               ? 
_refine.pdbx_overall_SU_R_free_Blow_DPI          ? 
# 
_refine_analyze.entry_id                        1MT9 
_refine_analyze.Luzzati_coordinate_error_obs    ? 
_refine_analyze.Luzzati_sigma_a_obs             ? 
_refine_analyze.Luzzati_d_res_low_obs           ? 
_refine_analyze.Luzzati_coordinate_error_free   0.26 
_refine_analyze.Luzzati_sigma_a_free            0.18 
_refine_analyze.Luzzati_d_res_low_free          ? 
_refine_analyze.number_disordered_residues      ? 
_refine_analyze.occupancy_sum_hydrogen          ? 
_refine_analyze.occupancy_sum_non_hydrogen      ? 
_refine_analyze.pdbx_Luzzati_d_res_high_obs     ? 
_refine_analyze.pdbx_refine_id                  'X-RAY DIFFRACTION' 
# 
_refine_hist.pdbx_refine_id                   'X-RAY DIFFRACTION' 
_refine_hist.cycle_id                         LAST 
_refine_hist.pdbx_number_atoms_protein        1536 
_refine_hist.pdbx_number_atoms_nucleic_acid   0 
_refine_hist.pdbx_number_atoms_ligand         30 
_refine_hist.number_atoms_solvent             88 
_refine_hist.number_atoms_total               1654 
_refine_hist.d_res_high                       2.00 
_refine_hist.d_res_low                        32.84 
# 
loop_
_refine_ls_restr.type 
_refine_ls_restr.dev_ideal 
_refine_ls_restr.dev_ideal_target 
_refine_ls_restr.weight 
_refine_ls_restr.number 
_refine_ls_restr.pdbx_refine_id 
_refine_ls_restr.pdbx_restraint_function 
c_bond_d                0.005 ? ? ? 'X-RAY DIFFRACTION' ? 
c_bond_d_na             ?     ? ? ? 'X-RAY DIFFRACTION' ? 
c_bond_d_prot           ?     ? ? ? 'X-RAY DIFFRACTION' ? 
c_angle_d               ?     ? ? ? 'X-RAY DIFFRACTION' ? 
c_angle_d_na            ?     ? ? ? 'X-RAY DIFFRACTION' ? 
c_angle_d_prot          ?     ? ? ? 'X-RAY DIFFRACTION' ? 
c_angle_deg             1.8   ? ? ? 'X-RAY DIFFRACTION' ? 
c_angle_deg_na          ?     ? ? ? 'X-RAY DIFFRACTION' ? 
c_angle_deg_prot        ?     ? ? ? 'X-RAY DIFFRACTION' ? 
c_dihedral_angle_d      26.0  ? ? ? 'X-RAY DIFFRACTION' ? 
c_dihedral_angle_d_na   ?     ? ? ? 'X-RAY DIFFRACTION' ? 
c_dihedral_angle_d_prot ?     ? ? ? 'X-RAY DIFFRACTION' ? 
c_improper_angle_d      0.87  ? ? ? 'X-RAY DIFFRACTION' ? 
c_improper_angle_d_na   ?     ? ? ? 'X-RAY DIFFRACTION' ? 
c_improper_angle_d_prot ?     ? ? ? 'X-RAY DIFFRACTION' ? 
c_mcbond_it             ?     ? ? ? 'X-RAY DIFFRACTION' ? 
c_mcangle_it            ?     ? ? ? 'X-RAY DIFFRACTION' ? 
c_scbond_it             ?     ? ? ? 'X-RAY DIFFRACTION' ? 
c_scangle_it            ?     ? ? ? 'X-RAY DIFFRACTION' ? 
# 
_refine_ls_shell.pdbx_total_number_of_bins_used   10 
_refine_ls_shell.d_res_high                       2.00 
_refine_ls_shell.d_res_low                        2.07 
_refine_ls_shell.number_reflns_R_work             1002 
_refine_ls_shell.R_factor_R_work                  0.22 
_refine_ls_shell.percent_reflns_obs               92.0 
_refine_ls_shell.R_factor_R_free                  0.29 
_refine_ls_shell.R_factor_R_free_error            0.028 
_refine_ls_shell.percent_reflns_R_free            9.3 
_refine_ls_shell.number_reflns_R_free             103 
_refine_ls_shell.number_reflns_obs                1182 
_refine_ls_shell.redundancy_reflns_obs            ? 
_refine_ls_shell.number_reflns_all                ? 
_refine_ls_shell.pdbx_refine_id                   'X-RAY DIFFRACTION' 
_refine_ls_shell.R_factor_all                     ? 
# 
loop_
_pdbx_xplor_file.serial_no 
_pdbx_xplor_file.param_file 
_pdbx_xplor_file.topol_file 
_pdbx_xplor_file.pdbx_refine_id 
1 PROTEIN_REP.PARAM PROTEIN.TOP 'X-RAY DIFFRACTION' 
2 WATER_REP.PARAM   WATER.TOP   'X-RAY DIFFRACTION' 
3 ION.PARAM         ION.TOP     'X-RAY DIFFRACTION' 
# 
_struct.entry_id                  1MT9 
_struct.title                     
'Viability of a drug-resistant HIV-1 protease mutant: structural insights for better antiviral therapy' 
_struct.pdbx_model_details        ? 
_struct.pdbx_CASP_flag            ? 
_struct.pdbx_model_type_details   ? 
# 
_struct_keywords.entry_id        1MT9 
_struct_keywords.pdbx_keywords   'HYDROLASE/HYDROLASE SUBSTRATE' 
_struct_keywords.text            
'Matrix, Capsid, Gag cleavage, drug resistance, substrate recognition, HYDROLASE, HYDROLASE-HYDROLASE SUBSTRATE COMPLEX' 
# 
loop_
_struct_asym.id 
_struct_asym.pdbx_blank_PDB_chainid_flag 
_struct_asym.pdbx_modified 
_struct_asym.entity_id 
_struct_asym.details 
A N N 1 ? 
B N N 1 ? 
C N N 2 ? 
D N N 3 ? 
E N N 3 ? 
F N N 3 ? 
G N N 3 ? 
H N N 3 ? 
I N N 3 ? 
J N N 4 ? 
K N N 4 ? 
L N N 4 ? 
# 
loop_
_struct_ref.id 
_struct_ref.entity_id 
_struct_ref.db_code 
_struct_ref.db_name 
_struct_ref.pdbx_db_accession 
_struct_ref.pdbx_align_begin 
_struct_ref.pdbx_seq_one_letter_code 
_struct_ref.pdbx_db_isoform 
1 1 POL_HV1A2 UNP P03369 57 
;PQITLWQRPLVTIRIGGQLKEALLDTGADDTVLEEMNLPGKWKPKMIGGIGGFIKVRQYDQIPVEICGHKAIGTVLVGPT
PVNIIGRNLLTQIGCTLNF
;
? 
2 2 1MT9      PDB 1MT9   ?  RPGNFLQSRP                                                                                             
? 
# 
loop_
_struct_ref_seq.align_id 
_struct_ref_seq.ref_id 
_struct_ref_seq.pdbx_PDB_id_code 
_struct_ref_seq.pdbx_strand_id 
_struct_ref_seq.seq_align_beg 
_struct_ref_seq.pdbx_seq_align_beg_ins_code 
_struct_ref_seq.seq_align_end 
_struct_ref_seq.pdbx_seq_align_end_ins_code 
_struct_ref_seq.pdbx_db_accession 
_struct_ref_seq.db_align_beg 
_struct_ref_seq.pdbx_db_align_beg_ins_code 
_struct_ref_seq.db_align_end 
_struct_ref_seq.pdbx_db_align_end_ins_code 
_struct_ref_seq.pdbx_auth_seq_align_beg 
_struct_ref_seq.pdbx_auth_seq_align_end 
1 1 1MT9 A 1 ? 99 ? P03369 57 ? 155 ? 1 99 
2 1 1MT9 B 1 ? 99 ? P03369 57 ? 155 ? 1 99 
3 2 1MT9 P 1 ? 10 ? 1MT9   1  ? 10  ? 1 10 
# 
loop_
_struct_ref_seq_dif.align_id 
_struct_ref_seq_dif.pdbx_pdb_id_code 
_struct_ref_seq_dif.mon_id 
_struct_ref_seq_dif.pdbx_pdb_strand_id 
_struct_ref_seq_dif.seq_num 
_struct_ref_seq_dif.pdbx_pdb_ins_code 
_struct_ref_seq_dif.pdbx_seq_db_name 
_struct_ref_seq_dif.pdbx_seq_db_accession_code 
_struct_ref_seq_dif.db_mon_id 
_struct_ref_seq_dif.pdbx_seq_db_seq_num 
_struct_ref_seq_dif.details 
_struct_ref_seq_dif.pdbx_auth_seq_num 
_struct_ref_seq_dif.pdbx_ordinal 
1 1MT9 LYS A 7  ? UNP P03369 GLN 63  'engineered mutation' 7  1 
1 1MT9 ASN A 25 ? UNP P03369 ASP 81  'engineered mutation' 25 2 
1 1MT9 ALA A 82 ? UNP P03369 VAL 138 'engineered mutation' 82 3 
2 1MT9 LYS B 7  ? UNP P03369 GLN 63  'engineered mutation' 7  4 
2 1MT9 ASN B 25 ? UNP P03369 ASP 81  'engineered mutation' 25 5 
2 1MT9 ALA B 82 ? UNP P03369 VAL 138 'engineered mutation' 82 6 
# 
_pdbx_struct_assembly.id                   1 
_pdbx_struct_assembly.details              author_and_software_defined_assembly 
_pdbx_struct_assembly.method_details       PISA 
_pdbx_struct_assembly.oligomeric_details   trimeric 
_pdbx_struct_assembly.oligomeric_count     3 
# 
loop_
_pdbx_struct_assembly_prop.biol_id 
_pdbx_struct_assembly_prop.type 
_pdbx_struct_assembly_prop.value 
_pdbx_struct_assembly_prop.details 
1 'ABSA (A^2)' 6550 ? 
1 MORE         -60  ? 
1 'SSA (A^2)'  9030 ? 
# 
_pdbx_struct_assembly_gen.assembly_id       1 
_pdbx_struct_assembly_gen.oper_expression   1 
_pdbx_struct_assembly_gen.asym_id_list      A,B,C,D,E,F,G,H,I,J,K,L 
# 
_pdbx_struct_oper_list.id                   1 
_pdbx_struct_oper_list.type                 'identity operation' 
_pdbx_struct_oper_list.name                 1_555 
_pdbx_struct_oper_list.symmetry_operation   x,y,z 
_pdbx_struct_oper_list.matrix[1][1]         1.0000000000 
_pdbx_struct_oper_list.matrix[1][2]         0.0000000000 
_pdbx_struct_oper_list.matrix[1][3]         0.0000000000 
_pdbx_struct_oper_list.vector[1]            0.0000000000 
_pdbx_struct_oper_list.matrix[2][1]         0.0000000000 
_pdbx_struct_oper_list.matrix[2][2]         1.0000000000 
_pdbx_struct_oper_list.matrix[2][3]         0.0000000000 
_pdbx_struct_oper_list.vector[2]            0.0000000000 
_pdbx_struct_oper_list.matrix[3][1]         0.0000000000 
_pdbx_struct_oper_list.matrix[3][2]         0.0000000000 
_pdbx_struct_oper_list.matrix[3][3]         1.0000000000 
_pdbx_struct_oper_list.vector[3]            0.0000000000 
# 
_struct_biol.id                    1 
_struct_biol.details               
;The entire dimer is provided in the coordinate set and the monomers are distinguished 
by the chain IDs `A' and `B'. The decamer sequence corresponding to the MA-CA 
cleavage site of HIV-1 Gag polyprotein.
;
_struct_biol.pdbx_parent_biol_id   ? 
# 
loop_
_struct_conf.conf_type_id 
_struct_conf.id 
_struct_conf.pdbx_PDB_helix_id 
_struct_conf.beg_label_comp_id 
_struct_conf.beg_label_asym_id 
_struct_conf.beg_label_seq_id 
_struct_conf.pdbx_beg_PDB_ins_code 
_struct_conf.end_label_comp_id 
_struct_conf.end_label_asym_id 
_struct_conf.end_label_seq_id 
_struct_conf.pdbx_end_PDB_ins_code 
_struct_conf.beg_auth_comp_id 
_struct_conf.beg_auth_asym_id 
_struct_conf.beg_auth_seq_id 
_struct_conf.end_auth_comp_id 
_struct_conf.end_auth_asym_id 
_struct_conf.end_auth_seq_id 
_struct_conf.pdbx_PDB_helix_class 
_struct_conf.details 
_struct_conf.pdbx_PDB_helix_length 
HELX_P HELX_P1 1 GLY A 86 ? THR A 91 ? GLY A 86 THR A 91 1 ? 6 
HELX_P HELX_P2 2 GLY B 86 ? THR B 91 ? GLY B 86 THR B 91 1 ? 6 
# 
_struct_conf_type.id          HELX_P 
_struct_conf_type.criteria    ? 
_struct_conf_type.reference   ? 
# 
loop_
_struct_sheet.id 
_struct_sheet.type 
_struct_sheet.number_strands 
_struct_sheet.details 
A ? 4 ? 
B ? 3 ? 
C ? 5 ? 
D ? 4 ? 
E ? 3 ? 
F ? 5 ? 
G ? 4 ? 
# 
loop_
_struct_sheet_order.sheet_id 
_struct_sheet_order.range_id_1 
_struct_sheet_order.range_id_2 
_struct_sheet_order.offset 
_struct_sheet_order.sense 
A 1 2 ? anti-parallel 
A 2 3 ? anti-parallel 
A 3 4 ? anti-parallel 
B 1 2 ? anti-parallel 
B 2 3 ? parallel      
C 1 2 ? parallel      
C 2 3 ? anti-parallel 
C 3 4 ? anti-parallel 
C 4 5 ? anti-parallel 
D 1 2 ? parallel      
D 2 3 ? anti-parallel 
D 3 4 ? anti-parallel 
E 1 2 ? anti-parallel 
E 2 3 ? parallel      
F 1 2 ? parallel      
F 2 3 ? anti-parallel 
F 3 4 ? anti-parallel 
F 4 5 ? anti-parallel 
G 1 2 ? parallel      
G 2 3 ? anti-parallel 
G 3 4 ? anti-parallel 
# 
loop_
_struct_sheet_range.sheet_id 
_struct_sheet_range.id 
_struct_sheet_range.beg_label_comp_id 
_struct_sheet_range.beg_label_asym_id 
_struct_sheet_range.beg_label_seq_id 
_struct_sheet_range.pdbx_beg_PDB_ins_code 
_struct_sheet_range.end_label_comp_id 
_struct_sheet_range.end_label_asym_id 
_struct_sheet_range.end_label_seq_id 
_struct_sheet_range.pdbx_end_PDB_ins_code 
_struct_sheet_range.beg_auth_comp_id 
_struct_sheet_range.beg_auth_asym_id 
_struct_sheet_range.beg_auth_seq_id 
_struct_sheet_range.end_auth_comp_id 
_struct_sheet_range.end_auth_asym_id 
_struct_sheet_range.end_auth_seq_id 
A 1 GLN A 2  ? ILE A 3  ? GLN A 2  ILE A 3  
A 2 THR B 96 ? ASN B 98 ? THR B 96 ASN B 98 
A 3 THR A 96 ? ASN A 98 ? THR A 96 ASN A 98 
A 4 GLN B 2  ? ILE B 3  ? GLN B 2  ILE B 3  
B 1 LEU A 10 ? VAL A 11 ? LEU A 10 VAL A 11 
B 2 ALA A 22 ? LEU A 24 ? ALA A 22 LEU A 24 
B 3 ILE A 84 ? ILE A 85 ? ILE A 84 ILE A 85 
C 1 THR A 31 ? LEU A 33 ? THR A 31 LEU A 33 
C 2 HIS A 69 ? VAL A 77 ? HIS A 69 VAL A 77 
C 3 GLY A 52 ? ILE A 66 ? GLY A 52 ILE A 66 
C 4 ILE A 13 ? ILE A 15 ? ILE A 13 ILE A 15 
C 5 GLN A 18 ? LEU A 19 ? GLN A 18 LEU A 19 
D 1 THR A 31 ? LEU A 33 ? THR A 31 LEU A 33 
D 2 HIS A 69 ? VAL A 77 ? HIS A 69 VAL A 77 
D 3 GLY A 52 ? ILE A 66 ? GLY A 52 ILE A 66 
D 4 LYS A 43 ? GLY A 49 ? LYS A 43 GLY A 49 
E 1 LEU B 10 ? VAL B 11 ? LEU B 10 VAL B 11 
E 2 ALA B 22 ? LEU B 24 ? ALA B 22 LEU B 24 
E 3 ILE B 84 ? ILE B 85 ? ILE B 84 ILE B 85 
F 1 THR B 31 ? LEU B 33 ? THR B 31 LEU B 33 
F 2 HIS B 69 ? VAL B 77 ? HIS B 69 VAL B 77 
F 3 GLY B 52 ? ILE B 66 ? GLY B 52 ILE B 66 
F 4 ILE B 13 ? ILE B 15 ? ILE B 13 ILE B 15 
F 5 GLN B 18 ? LEU B 19 ? GLN B 18 LEU B 19 
G 1 THR B 31 ? LEU B 33 ? THR B 31 LEU B 33 
G 2 HIS B 69 ? VAL B 77 ? HIS B 69 VAL B 77 
G 3 GLY B 52 ? ILE B 66 ? GLY B 52 ILE B 66 
G 4 LYS B 43 ? GLY B 49 ? LYS B 43 GLY B 49 
# 
loop_
_pdbx_struct_sheet_hbond.sheet_id 
_pdbx_struct_sheet_hbond.range_id_1 
_pdbx_struct_sheet_hbond.range_id_2 
_pdbx_struct_sheet_hbond.range_1_label_atom_id 
_pdbx_struct_sheet_hbond.range_1_label_comp_id 
_pdbx_struct_sheet_hbond.range_1_label_asym_id 
_pdbx_struct_sheet_hbond.range_1_label_seq_id 
_pdbx_struct_sheet_hbond.range_1_PDB_ins_code 
_pdbx_struct_sheet_hbond.range_1_auth_atom_id 
_pdbx_struct_sheet_hbond.range_1_auth_comp_id 
_pdbx_struct_sheet_hbond.range_1_auth_asym_id 
_pdbx_struct_sheet_hbond.range_1_auth_seq_id 
_pdbx_struct_sheet_hbond.range_2_label_atom_id 
_pdbx_struct_sheet_hbond.range_2_label_comp_id 
_pdbx_struct_sheet_hbond.range_2_label_asym_id 
_pdbx_struct_sheet_hbond.range_2_label_seq_id 
_pdbx_struct_sheet_hbond.range_2_PDB_ins_code 
_pdbx_struct_sheet_hbond.range_2_auth_atom_id 
_pdbx_struct_sheet_hbond.range_2_auth_comp_id 
_pdbx_struct_sheet_hbond.range_2_auth_asym_id 
_pdbx_struct_sheet_hbond.range_2_auth_seq_id 
A 1 2 N ILE A 3  ? N ILE A 3  O LEU B 97 ? O LEU B 97 
A 2 3 N ASN B 98 ? N ASN B 98 O THR A 96 ? O THR A 96 
A 3 4 O LEU A 97 ? O LEU A 97 N ILE B 3  ? N ILE B 3  
B 1 2 O VAL A 11 ? O VAL A 11 N ALA A 22 ? N ALA A 22 
B 2 3 O LEU A 23 ? O LEU A 23 N ILE A 85 ? N ILE A 85 
C 1 2 N THR A 31 ? N THR A 31 O THR A 74 ? O THR A 74 
C 2 3 O VAL A 77 ? O VAL A 77 N ARG A 57 ? N ARG A 57 
C 3 4 O GLU A 65 ? O GLU A 65 N ARG A 14 ? N ARG A 14 
C 4 5 N ILE A 15 ? N ILE A 15 O GLN A 18 ? O GLN A 18 
D 1 2 N THR A 31 ? N THR A 31 O THR A 74 ? O THR A 74 
D 2 3 O VAL A 77 ? O VAL A 77 N ARG A 57 ? N ARG A 57 
D 3 4 N GLN A 58 ? N GLN A 58 O LYS A 43 ? O LYS A 43 
E 1 2 O VAL B 11 ? O VAL B 11 N ALA B 22 ? N ALA B 22 
E 2 3 O LEU B 23 ? O LEU B 23 N ILE B 85 ? N ILE B 85 
F 1 2 N THR B 31 ? N THR B 31 O THR B 74 ? O THR B 74 
F 2 3 O VAL B 77 ? O VAL B 77 N ARG B 57 ? N ARG B 57 
F 3 4 O GLU B 65 ? O GLU B 65 N ARG B 14 ? N ARG B 14 
F 4 5 N ILE B 15 ? N ILE B 15 O GLN B 18 ? O GLN B 18 
G 1 2 N THR B 31 ? N THR B 31 O THR B 74 ? O THR B 74 
G 2 3 O VAL B 77 ? O VAL B 77 N ARG B 57 ? N ARG B 57 
G 3 4 N GLN B 58 ? N GLN B 58 O LYS B 43 ? O LYS B 43 
# 
loop_
_struct_site.id 
_struct_site.pdbx_evidence_code 
_struct_site.pdbx_auth_asym_id 
_struct_site.pdbx_auth_comp_id 
_struct_site.pdbx_auth_seq_id 
_struct_site.pdbx_auth_ins_code 
_struct_site.pdbx_num_residues 
_struct_site.details 
AC1 Software B PO4 501 ? 4  'BINDING SITE FOR RESIDUE PO4 B 501'                          
AC2 Software B PO4 502 ? 3  'BINDING SITE FOR RESIDUE PO4 B 502'                          
AC3 Software B PO4 503 ? 5  'BINDING SITE FOR RESIDUE PO4 B 503'                          
AC4 Software A PO4 504 ? 3  'BINDING SITE FOR RESIDUE PO4 A 504'                          
AC5 Software A PO4 506 ? 3  'BINDING SITE FOR RESIDUE PO4 A 506'                          
AC6 Software A PO4 507 ? 5  'BINDING SITE FOR RESIDUE PO4 A 507'                          
AC7 Software ? ?   ?   ? 35 'BINDING SITE FOR CHAIN P OF P1-P6 GAG SUBSTRATE DECAPEPTIDE' 
# 
loop_
_struct_site_gen.id 
_struct_site_gen.site_id 
_struct_site_gen.pdbx_num_res 
_struct_site_gen.label_comp_id 
_struct_site_gen.label_asym_id 
_struct_site_gen.label_seq_id 
_struct_site_gen.pdbx_auth_ins_code 
_struct_site_gen.auth_comp_id 
_struct_site_gen.auth_asym_id 
_struct_site_gen.auth_seq_id 
_struct_site_gen.label_atom_id 
_struct_site_gen.label_alt_id 
_struct_site_gen.symmetry 
_struct_site_gen.details 
1  AC1 4  PRO A 1  ? PRO A 1   . ? 4_456 ? 
2  AC1 4  HIS B 69 ? HIS B 69  . ? 1_555 ? 
3  AC1 4  LYS B 70 ? LYS B 70  . ? 1_555 ? 
4  AC1 4  PHE B 99 ? PHE B 99  . ? 4_456 ? 
5  AC2 3  PRO B 1  ? PRO B 1   . ? 1_555 ? 
6  AC2 3  ARG B 57 ? ARG B 57  . ? 2_455 ? 
7  AC2 3  HIS B 69 ? HIS B 69  . ? 1_555 ? 
8  AC3 5  GLY A 16 ? GLY A 16  . ? 1_455 ? 
9  AC3 5  GLY A 17 ? GLY A 17  . ? 1_455 ? 
10 AC3 5  ARG B 14 ? ARG B 14  . ? 1_555 ? 
11 AC3 5  GLY B 17 ? GLY B 17  . ? 1_555 ? 
12 AC3 5  HOH K .  ? HOH B 533 . ? 1_555 ? 
13 AC4 3  LYS A 7  ? LYS A 7   . ? 1_555 ? 
14 AC4 3  ARG A 8  ? ARG A 8   . ? 1_555 ? 
15 AC4 3  ARG B 87 ? ARG B 87  . ? 1_555 ? 
16 AC5 3  GLY A 73 ? GLY A 73  . ? 1_555 ? 
17 AC5 3  THR A 74 ? THR A 74  . ? 1_555 ? 
18 AC5 3  ASN A 88 ? ASN A 88  . ? 1_555 ? 
19 AC6 5  PRO A 39 ? PRO A 39  . ? 1_555 ? 
20 AC6 5  GLY A 40 ? GLY A 40  . ? 1_555 ? 
21 AC6 5  HOH J .  ? HOH A 547 . ? 1_555 ? 
22 AC6 5  MET B 36 ? MET B 36  . ? 1_655 ? 
23 AC6 5  ASN B 37 ? ASN B 37  . ? 1_655 ? 
24 AC7 35 TRP A 6  ? TRP A 6   . ? 3_545 ? 
25 AC7 35 ARG A 8  ? ARG A 8   . ? 1_555 ? 
26 AC7 35 GLY A 27 ? GLY A 27  . ? 1_555 ? 
27 AC7 35 ALA A 28 ? ALA A 28  . ? 1_555 ? 
28 AC7 35 ASP A 29 ? ASP A 29  . ? 1_555 ? 
29 AC7 35 ASP A 30 ? ASP A 30  . ? 1_555 ? 
30 AC7 35 VAL A 32 ? VAL A 32  . ? 1_555 ? 
31 AC7 35 ILE A 47 ? ILE A 47  . ? 1_555 ? 
32 AC7 35 GLY A 48 ? GLY A 48  . ? 1_555 ? 
33 AC7 35 GLY A 49 ? GLY A 49  . ? 1_555 ? 
34 AC7 35 ILE A 50 ? ILE A 50  . ? 1_555 ? 
35 AC7 35 GLN A 61 ? GLN A 61  . ? 2_554 ? 
36 AC7 35 PRO A 81 ? PRO A 81  . ? 1_555 ? 
37 AC7 35 ILE A 84 ? ILE A 84  . ? 1_555 ? 
38 AC7 35 HOH J .  ? HOH A 509 . ? 1_555 ? 
39 AC7 35 ARG B 8  ? ARG B 8   . ? 1_555 ? 
40 AC7 35 ASN B 25 ? ASN B 25  . ? 1_555 ? 
41 AC7 35 GLY B 27 ? GLY B 27  . ? 1_555 ? 
42 AC7 35 ALA B 28 ? ALA B 28  . ? 1_555 ? 
43 AC7 35 ASP B 29 ? ASP B 29  . ? 1_555 ? 
44 AC7 35 ASP B 30 ? ASP B 30  . ? 1_555 ? 
45 AC7 35 MET B 46 ? MET B 46  . ? 1_555 ? 
46 AC7 35 ILE B 47 ? ILE B 47  . ? 1_555 ? 
47 AC7 35 GLY B 48 ? GLY B 48  . ? 1_555 ? 
48 AC7 35 GLY B 49 ? GLY B 49  . ? 1_555 ? 
49 AC7 35 ILE B 50 ? ILE B 50  . ? 1_555 ? 
50 AC7 35 GLN B 58 ? GLN B 58  . ? 1_555 ? 
51 AC7 35 THR B 74 ? THR B 74  . ? 1_555 ? 
52 AC7 35 LEU B 76 ? LEU B 76  . ? 1_555 ? 
53 AC7 35 PRO B 81 ? PRO B 81  . ? 1_555 ? 
54 AC7 35 HOH K .  ? HOH B 504 . ? 1_555 ? 
55 AC7 35 HOH K .  ? HOH B 546 . ? 1_555 ? 
56 AC7 35 HOH L .  ? HOH P 11  . ? 1_555 ? 
57 AC7 35 HOH L .  ? HOH P 12  . ? 1_555 ? 
58 AC7 35 HOH L .  ? HOH P 13  . ? 1_555 ? 
# 
loop_
_pdbx_validate_torsion.id 
_pdbx_validate_torsion.PDB_model_num 
_pdbx_validate_torsion.auth_comp_id 
_pdbx_validate_torsion.auth_asym_id 
_pdbx_validate_torsion.auth_seq_id 
_pdbx_validate_torsion.PDB_ins_code 
_pdbx_validate_torsion.label_alt_id 
_pdbx_validate_torsion.phi 
_pdbx_validate_torsion.psi 
1 1 GLU A 35 ? ? -39.16 127.95 
2 1 GLU A 35 ? ? -39.82 127.95 
3 1 GLU B 35 ? A -39.61 132.16 
4 1 GLU B 35 ? B -38.69 131.01 
5 1 PHE P 5  ? ? -90.93 44.61  
6 1 PHE P 5  ? ? -92.88 44.61  
# 
loop_
_chem_comp_atom.comp_id 
_chem_comp_atom.atom_id 
_chem_comp_atom.type_symbol 
_chem_comp_atom.pdbx_aromatic_flag 
_chem_comp_atom.pdbx_stereo_config 
_chem_comp_atom.pdbx_ordinal 
ALA N    N N N 1   
ALA CA   C N S 2   
ALA C    C N N 3   
ALA O    O N N 4   
ALA CB   C N N 5   
ALA OXT  O N N 6   
ALA H    H N N 7   
ALA H2   H N N 8   
ALA HA   H N N 9   
ALA HB1  H N N 10  
ALA HB2  H N N 11  
ALA HB3  H N N 12  
ALA HXT  H N N 13  
ARG N    N N N 14  
ARG CA   C N S 15  
ARG C    C N N 16  
ARG O    O N N 17  
ARG CB   C N N 18  
ARG CG   C N N 19  
ARG CD   C N N 20  
ARG NE   N N N 21  
ARG CZ   C N N 22  
ARG NH1  N N N 23  
ARG NH2  N N N 24  
ARG OXT  O N N 25  
ARG H    H N N 26  
ARG H2   H N N 27  
ARG HA   H N N 28  
ARG HB2  H N N 29  
ARG HB3  H N N 30  
ARG HG2  H N N 31  
ARG HG3  H N N 32  
ARG HD2  H N N 33  
ARG HD3  H N N 34  
ARG HE   H N N 35  
ARG HH11 H N N 36  
ARG HH12 H N N 37  
ARG HH21 H N N 38  
ARG HH22 H N N 39  
ARG HXT  H N N 40  
ASN N    N N N 41  
ASN CA   C N S 42  
ASN C    C N N 43  
ASN O    O N N 44  
ASN CB   C N N 45  
ASN CG   C N N 46  
ASN OD1  O N N 47  
ASN ND2  N N N 48  
ASN OXT  O N N 49  
ASN H    H N N 50  
ASN H2   H N N 51  
ASN HA   H N N 52  
ASN HB2  H N N 53  
ASN HB3  H N N 54  
ASN HD21 H N N 55  
ASN HD22 H N N 56  
ASN HXT  H N N 57  
ASP N    N N N 58  
ASP CA   C N S 59  
ASP C    C N N 60  
ASP O    O N N 61  
ASP CB   C N N 62  
ASP CG   C N N 63  
ASP OD1  O N N 64  
ASP OD2  O N N 65  
ASP OXT  O N N 66  
ASP H    H N N 67  
ASP H2   H N N 68  
ASP HA   H N N 69  
ASP HB2  H N N 70  
ASP HB3  H N N 71  
ASP HD2  H N N 72  
ASP HXT  H N N 73  
CYS N    N N N 74  
CYS CA   C N R 75  
CYS C    C N N 76  
CYS O    O N N 77  
CYS CB   C N N 78  
CYS SG   S N N 79  
CYS OXT  O N N 80  
CYS H    H N N 81  
CYS H2   H N N 82  
CYS HA   H N N 83  
CYS HB2  H N N 84  
CYS HB3  H N N 85  
CYS HG   H N N 86  
CYS HXT  H N N 87  
GLN N    N N N 88  
GLN CA   C N S 89  
GLN C    C N N 90  
GLN O    O N N 91  
GLN CB   C N N 92  
GLN CG   C N N 93  
GLN CD   C N N 94  
GLN OE1  O N N 95  
GLN NE2  N N N 96  
GLN OXT  O N N 97  
GLN H    H N N 98  
GLN H2   H N N 99  
GLN HA   H N N 100 
GLN HB2  H N N 101 
GLN HB3  H N N 102 
GLN HG2  H N N 103 
GLN HG3  H N N 104 
GLN HE21 H N N 105 
GLN HE22 H N N 106 
GLN HXT  H N N 107 
GLU N    N N N 108 
GLU CA   C N S 109 
GLU C    C N N 110 
GLU O    O N N 111 
GLU CB   C N N 112 
GLU CG   C N N 113 
GLU CD   C N N 114 
GLU OE1  O N N 115 
GLU OE2  O N N 116 
GLU OXT  O N N 117 
GLU H    H N N 118 
GLU H2   H N N 119 
GLU HA   H N N 120 
GLU HB2  H N N 121 
GLU HB3  H N N 122 
GLU HG2  H N N 123 
GLU HG3  H N N 124 
GLU HE2  H N N 125 
GLU HXT  H N N 126 
GLY N    N N N 127 
GLY CA   C N N 128 
GLY C    C N N 129 
GLY O    O N N 130 
GLY OXT  O N N 131 
GLY H    H N N 132 
GLY H2   H N N 133 
GLY HA2  H N N 134 
GLY HA3  H N N 135 
GLY HXT  H N N 136 
HIS N    N N N 137 
HIS CA   C N S 138 
HIS C    C N N 139 
HIS O    O N N 140 
HIS CB   C N N 141 
HIS CG   C Y N 142 
HIS ND1  N Y N 143 
HIS CD2  C Y N 144 
HIS CE1  C Y N 145 
HIS NE2  N Y N 146 
HIS OXT  O N N 147 
HIS H    H N N 148 
HIS H2   H N N 149 
HIS HA   H N N 150 
HIS HB2  H N N 151 
HIS HB3  H N N 152 
HIS HD1  H N N 153 
HIS HD2  H N N 154 
HIS HE1  H N N 155 
HIS HE2  H N N 156 
HIS HXT  H N N 157 
HOH O    O N N 158 
HOH H1   H N N 159 
HOH H2   H N N 160 
ILE N    N N N 161 
ILE CA   C N S 162 
ILE C    C N N 163 
ILE O    O N N 164 
ILE CB   C N S 165 
ILE CG1  C N N 166 
ILE CG2  C N N 167 
ILE CD1  C N N 168 
ILE OXT  O N N 169 
ILE H    H N N 170 
ILE H2   H N N 171 
ILE HA   H N N 172 
ILE HB   H N N 173 
ILE HG12 H N N 174 
ILE HG13 H N N 175 
ILE HG21 H N N 176 
ILE HG22 H N N 177 
ILE HG23 H N N 178 
ILE HD11 H N N 179 
ILE HD12 H N N 180 
ILE HD13 H N N 181 
ILE HXT  H N N 182 
LEU N    N N N 183 
LEU CA   C N S 184 
LEU C    C N N 185 
LEU O    O N N 186 
LEU CB   C N N 187 
LEU CG   C N N 188 
LEU CD1  C N N 189 
LEU CD2  C N N 190 
LEU OXT  O N N 191 
LEU H    H N N 192 
LEU H2   H N N 193 
LEU HA   H N N 194 
LEU HB2  H N N 195 
LEU HB3  H N N 196 
LEU HG   H N N 197 
LEU HD11 H N N 198 
LEU HD12 H N N 199 
LEU HD13 H N N 200 
LEU HD21 H N N 201 
LEU HD22 H N N 202 
LEU HD23 H N N 203 
LEU HXT  H N N 204 
LYS N    N N N 205 
LYS CA   C N S 206 
LYS C    C N N 207 
LYS O    O N N 208 
LYS CB   C N N 209 
LYS CG   C N N 210 
LYS CD   C N N 211 
LYS CE   C N N 212 
LYS NZ   N N N 213 
LYS OXT  O N N 214 
LYS H    H N N 215 
LYS H2   H N N 216 
LYS HA   H N N 217 
LYS HB2  H N N 218 
LYS HB3  H N N 219 
LYS HG2  H N N 220 
LYS HG3  H N N 221 
LYS HD2  H N N 222 
LYS HD3  H N N 223 
LYS HE2  H N N 224 
LYS HE3  H N N 225 
LYS HZ1  H N N 226 
LYS HZ2  H N N 227 
LYS HZ3  H N N 228 
LYS HXT  H N N 229 
MET N    N N N 230 
MET CA   C N S 231 
MET C    C N N 232 
MET O    O N N 233 
MET CB   C N N 234 
MET CG   C N N 235 
MET SD   S N N 236 
MET CE   C N N 237 
MET OXT  O N N 238 
MET H    H N N 239 
MET H2   H N N 240 
MET HA   H N N 241 
MET HB2  H N N 242 
MET HB3  H N N 243 
MET HG2  H N N 244 
MET HG3  H N N 245 
MET HE1  H N N 246 
MET HE2  H N N 247 
MET HE3  H N N 248 
MET HXT  H N N 249 
PHE N    N N N 250 
PHE CA   C N S 251 
PHE C    C N N 252 
PHE O    O N N 253 
PHE CB   C N N 254 
PHE CG   C Y N 255 
PHE CD1  C Y N 256 
PHE CD2  C Y N 257 
PHE CE1  C Y N 258 
PHE CE2  C Y N 259 
PHE CZ   C Y N 260 
PHE OXT  O N N 261 
PHE H    H N N 262 
PHE H2   H N N 263 
PHE HA   H N N 264 
PHE HB2  H N N 265 
PHE HB3  H N N 266 
PHE HD1  H N N 267 
PHE HD2  H N N 268 
PHE HE1  H N N 269 
PHE HE2  H N N 270 
PHE HZ   H N N 271 
PHE HXT  H N N 272 
PO4 P    P N N 273 
PO4 O1   O N N 274 
PO4 O2   O N N 275 
PO4 O3   O N N 276 
PO4 O4   O N N 277 
PRO N    N N N 278 
PRO CA   C N S 279 
PRO C    C N N 280 
PRO O    O N N 281 
PRO CB   C N N 282 
PRO CG   C N N 283 
PRO CD   C N N 284 
PRO OXT  O N N 285 
PRO H    H N N 286 
PRO HA   H N N 287 
PRO HB2  H N N 288 
PRO HB3  H N N 289 
PRO HG2  H N N 290 
PRO HG3  H N N 291 
PRO HD2  H N N 292 
PRO HD3  H N N 293 
PRO HXT  H N N 294 
SER N    N N N 295 
SER CA   C N S 296 
SER C    C N N 297 
SER O    O N N 298 
SER CB   C N N 299 
SER OG   O N N 300 
SER OXT  O N N 301 
SER H    H N N 302 
SER H2   H N N 303 
SER HA   H N N 304 
SER HB2  H N N 305 
SER HB3  H N N 306 
SER HG   H N N 307 
SER HXT  H N N 308 
THR N    N N N 309 
THR CA   C N S 310 
THR C    C N N 311 
THR O    O N N 312 
THR CB   C N R 313 
THR OG1  O N N 314 
THR CG2  C N N 315 
THR OXT  O N N 316 
THR H    H N N 317 
THR H2   H N N 318 
THR HA   H N N 319 
THR HB   H N N 320 
THR HG1  H N N 321 
THR HG21 H N N 322 
THR HG22 H N N 323 
THR HG23 H N N 324 
THR HXT  H N N 325 
TRP N    N N N 326 
TRP CA   C N S 327 
TRP C    C N N 328 
TRP O    O N N 329 
TRP CB   C N N 330 
TRP CG   C Y N 331 
TRP CD1  C Y N 332 
TRP CD2  C Y N 333 
TRP NE1  N Y N 334 
TRP CE2  C Y N 335 
TRP CE3  C Y N 336 
TRP CZ2  C Y N 337 
TRP CZ3  C Y N 338 
TRP CH2  C Y N 339 
TRP OXT  O N N 340 
TRP H    H N N 341 
TRP H2   H N N 342 
TRP HA   H N N 343 
TRP HB2  H N N 344 
TRP HB3  H N N 345 
TRP HD1  H N N 346 
TRP HE1  H N N 347 
TRP HE3  H N N 348 
TRP HZ2  H N N 349 
TRP HZ3  H N N 350 
TRP HH2  H N N 351 
TRP HXT  H N N 352 
TYR N    N N N 353 
TYR CA   C N S 354 
TYR C    C N N 355 
TYR O    O N N 356 
TYR CB   C N N 357 
TYR CG   C Y N 358 
TYR CD1  C Y N 359 
TYR CD2  C Y N 360 
TYR CE1  C Y N 361 
TYR CE2  C Y N 362 
TYR CZ   C Y N 363 
TYR OH   O N N 364 
TYR OXT  O N N 365 
TYR H    H N N 366 
TYR H2   H N N 367 
TYR HA   H N N 368 
TYR HB2  H N N 369 
TYR HB3  H N N 370 
TYR HD1  H N N 371 
TYR HD2  H N N 372 
TYR HE1  H N N 373 
TYR HE2  H N N 374 
TYR HH   H N N 375 
TYR HXT  H N N 376 
VAL N    N N N 377 
VAL CA   C N S 378 
VAL C    C N N 379 
VAL O    O N N 380 
VAL CB   C N N 381 
VAL CG1  C N N 382 
VAL CG2  C N N 383 
VAL OXT  O N N 384 
VAL H    H N N 385 
VAL H2   H N N 386 
VAL HA   H N N 387 
VAL HB   H N N 388 
VAL HG11 H N N 389 
VAL HG12 H N N 390 
VAL HG13 H N N 391 
VAL HG21 H N N 392 
VAL HG22 H N N 393 
VAL HG23 H N N 394 
VAL HXT  H N N 395 
# 
loop_
_chem_comp_bond.comp_id 
_chem_comp_bond.atom_id_1 
_chem_comp_bond.atom_id_2 
_chem_comp_bond.value_order 
_chem_comp_bond.pdbx_aromatic_flag 
_chem_comp_bond.pdbx_stereo_config 
_chem_comp_bond.pdbx_ordinal 
ALA N   CA   sing N N 1   
ALA N   H    sing N N 2   
ALA N   H2   sing N N 3   
ALA CA  C    sing N N 4   
ALA CA  CB   sing N N 5   
ALA CA  HA   sing N N 6   
ALA C   O    doub N N 7   
ALA C   OXT  sing N N 8   
ALA CB  HB1  sing N N 9   
ALA CB  HB2  sing N N 10  
ALA CB  HB3  sing N N 11  
ALA OXT HXT  sing N N 12  
ARG N   CA   sing N N 13  
ARG N   H    sing N N 14  
ARG N   H2   sing N N 15  
ARG CA  C    sing N N 16  
ARG CA  CB   sing N N 17  
ARG CA  HA   sing N N 18  
ARG C   O    doub N N 19  
ARG C   OXT  sing N N 20  
ARG CB  CG   sing N N 21  
ARG CB  HB2  sing N N 22  
ARG CB  HB3  sing N N 23  
ARG CG  CD   sing N N 24  
ARG CG  HG2  sing N N 25  
ARG CG  HG3  sing N N 26  
ARG CD  NE   sing N N 27  
ARG CD  HD2  sing N N 28  
ARG CD  HD3  sing N N 29  
ARG NE  CZ   sing N N 30  
ARG NE  HE   sing N N 31  
ARG CZ  NH1  sing N N 32  
ARG CZ  NH2  doub N N 33  
ARG NH1 HH11 sing N N 34  
ARG NH1 HH12 sing N N 35  
ARG NH2 HH21 sing N N 36  
ARG NH2 HH22 sing N N 37  
ARG OXT HXT  sing N N 38  
ASN N   CA   sing N N 39  
ASN N   H    sing N N 40  
ASN N   H2   sing N N 41  
ASN CA  C    sing N N 42  
ASN CA  CB   sing N N 43  
ASN CA  HA   sing N N 44  
ASN C   O    doub N N 45  
ASN C   OXT  sing N N 46  
ASN CB  CG   sing N N 47  
ASN CB  HB2  sing N N 48  
ASN CB  HB3  sing N N 49  
ASN CG  OD1  doub N N 50  
ASN CG  ND2  sing N N 51  
ASN ND2 HD21 sing N N 52  
ASN ND2 HD22 sing N N 53  
ASN OXT HXT  sing N N 54  
ASP N   CA   sing N N 55  
ASP N   H    sing N N 56  
ASP N   H2   sing N N 57  
ASP CA  C    sing N N 58  
ASP CA  CB   sing N N 59  
ASP CA  HA   sing N N 60  
ASP C   O    doub N N 61  
ASP C   OXT  sing N N 62  
ASP CB  CG   sing N N 63  
ASP CB  HB2  sing N N 64  
ASP CB  HB3  sing N N 65  
ASP CG  OD1  doub N N 66  
ASP CG  OD2  sing N N 67  
ASP OD2 HD2  sing N N 68  
ASP OXT HXT  sing N N 69  
CYS N   CA   sing N N 70  
CYS N   H    sing N N 71  
CYS N   H2   sing N N 72  
CYS CA  C    sing N N 73  
CYS CA  CB   sing N N 74  
CYS CA  HA   sing N N 75  
CYS C   O    doub N N 76  
CYS C   OXT  sing N N 77  
CYS CB  SG   sing N N 78  
CYS CB  HB2  sing N N 79  
CYS CB  HB3  sing N N 80  
CYS SG  HG   sing N N 81  
CYS OXT HXT  sing N N 82  
GLN N   CA   sing N N 83  
GLN N   H    sing N N 84  
GLN N   H2   sing N N 85  
GLN CA  C    sing N N 86  
GLN CA  CB   sing N N 87  
GLN CA  HA   sing N N 88  
GLN C   O    doub N N 89  
GLN C   OXT  sing N N 90  
GLN CB  CG   sing N N 91  
GLN CB  HB2  sing N N 92  
GLN CB  HB3  sing N N 93  
GLN CG  CD   sing N N 94  
GLN CG  HG2  sing N N 95  
GLN CG  HG3  sing N N 96  
GLN CD  OE1  doub N N 97  
GLN CD  NE2  sing N N 98  
GLN NE2 HE21 sing N N 99  
GLN NE2 HE22 sing N N 100 
GLN OXT HXT  sing N N 101 
GLU N   CA   sing N N 102 
GLU N   H    sing N N 103 
GLU N   H2   sing N N 104 
GLU CA  C    sing N N 105 
GLU CA  CB   sing N N 106 
GLU CA  HA   sing N N 107 
GLU C   O    doub N N 108 
GLU C   OXT  sing N N 109 
GLU CB  CG   sing N N 110 
GLU CB  HB2  sing N N 111 
GLU CB  HB3  sing N N 112 
GLU CG  CD   sing N N 113 
GLU CG  HG2  sing N N 114 
GLU CG  HG3  sing N N 115 
GLU CD  OE1  doub N N 116 
GLU CD  OE2  sing N N 117 
GLU OE2 HE2  sing N N 118 
GLU OXT HXT  sing N N 119 
GLY N   CA   sing N N 120 
GLY N   H    sing N N 121 
GLY N   H2   sing N N 122 
GLY CA  C    sing N N 123 
GLY CA  HA2  sing N N 124 
GLY CA  HA3  sing N N 125 
GLY C   O    doub N N 126 
GLY C   OXT  sing N N 127 
GLY OXT HXT  sing N N 128 
HIS N   CA   sing N N 129 
HIS N   H    sing N N 130 
HIS N   H2   sing N N 131 
HIS CA  C    sing N N 132 
HIS CA  CB   sing N N 133 
HIS CA  HA   sing N N 134 
HIS C   O    doub N N 135 
HIS C   OXT  sing N N 136 
HIS CB  CG   sing N N 137 
HIS CB  HB2  sing N N 138 
HIS CB  HB3  sing N N 139 
HIS CG  ND1  sing Y N 140 
HIS CG  CD2  doub Y N 141 
HIS ND1 CE1  doub Y N 142 
HIS ND1 HD1  sing N N 143 
HIS CD2 NE2  sing Y N 144 
HIS CD2 HD2  sing N N 145 
HIS CE1 NE2  sing Y N 146 
HIS CE1 HE1  sing N N 147 
HIS NE2 HE2  sing N N 148 
HIS OXT HXT  sing N N 149 
HOH O   H1   sing N N 150 
HOH O   H2   sing N N 151 
ILE N   CA   sing N N 152 
ILE N   H    sing N N 153 
ILE N   H2   sing N N 154 
ILE CA  C    sing N N 155 
ILE CA  CB   sing N N 156 
ILE CA  HA   sing N N 157 
ILE C   O    doub N N 158 
ILE C   OXT  sing N N 159 
ILE CB  CG1  sing N N 160 
ILE CB  CG2  sing N N 161 
ILE CB  HB   sing N N 162 
ILE CG1 CD1  sing N N 163 
ILE CG1 HG12 sing N N 164 
ILE CG1 HG13 sing N N 165 
ILE CG2 HG21 sing N N 166 
ILE CG2 HG22 sing N N 167 
ILE CG2 HG23 sing N N 168 
ILE CD1 HD11 sing N N 169 
ILE CD1 HD12 sing N N 170 
ILE CD1 HD13 sing N N 171 
ILE OXT HXT  sing N N 172 
LEU N   CA   sing N N 173 
LEU N   H    sing N N 174 
LEU N   H2   sing N N 175 
LEU CA  C    sing N N 176 
LEU CA  CB   sing N N 177 
LEU CA  HA   sing N N 178 
LEU C   O    doub N N 179 
LEU C   OXT  sing N N 180 
LEU CB  CG   sing N N 181 
LEU CB  HB2  sing N N 182 
LEU CB  HB3  sing N N 183 
LEU CG  CD1  sing N N 184 
LEU CG  CD2  sing N N 185 
LEU CG  HG   sing N N 186 
LEU CD1 HD11 sing N N 187 
LEU CD1 HD12 sing N N 188 
LEU CD1 HD13 sing N N 189 
LEU CD2 HD21 sing N N 190 
LEU CD2 HD22 sing N N 191 
LEU CD2 HD23 sing N N 192 
LEU OXT HXT  sing N N 193 
LYS N   CA   sing N N 194 
LYS N   H    sing N N 195 
LYS N   H2   sing N N 196 
LYS CA  C    sing N N 197 
LYS CA  CB   sing N N 198 
LYS CA  HA   sing N N 199 
LYS C   O    doub N N 200 
LYS C   OXT  sing N N 201 
LYS CB  CG   sing N N 202 
LYS CB  HB2  sing N N 203 
LYS CB  HB3  sing N N 204 
LYS CG  CD   sing N N 205 
LYS CG  HG2  sing N N 206 
LYS CG  HG3  sing N N 207 
LYS CD  CE   sing N N 208 
LYS CD  HD2  sing N N 209 
LYS CD  HD3  sing N N 210 
LYS CE  NZ   sing N N 211 
LYS CE  HE2  sing N N 212 
LYS CE  HE3  sing N N 213 
LYS NZ  HZ1  sing N N 214 
LYS NZ  HZ2  sing N N 215 
LYS NZ  HZ3  sing N N 216 
LYS OXT HXT  sing N N 217 
MET N   CA   sing N N 218 
MET N   H    sing N N 219 
MET N   H2   sing N N 220 
MET CA  C    sing N N 221 
MET CA  CB   sing N N 222 
MET CA  HA   sing N N 223 
MET C   O    doub N N 224 
MET C   OXT  sing N N 225 
MET CB  CG   sing N N 226 
MET CB  HB2  sing N N 227 
MET CB  HB3  sing N N 228 
MET CG  SD   sing N N 229 
MET CG  HG2  sing N N 230 
MET CG  HG3  sing N N 231 
MET SD  CE   sing N N 232 
MET CE  HE1  sing N N 233 
MET CE  HE2  sing N N 234 
MET CE  HE3  sing N N 235 
MET OXT HXT  sing N N 236 
PHE N   CA   sing N N 237 
PHE N   H    sing N N 238 
PHE N   H2   sing N N 239 
PHE CA  C    sing N N 240 
PHE CA  CB   sing N N 241 
PHE CA  HA   sing N N 242 
PHE C   O    doub N N 243 
PHE C   OXT  sing N N 244 
PHE CB  CG   sing N N 245 
PHE CB  HB2  sing N N 246 
PHE CB  HB3  sing N N 247 
PHE CG  CD1  doub Y N 248 
PHE CG  CD2  sing Y N 249 
PHE CD1 CE1  sing Y N 250 
PHE CD1 HD1  sing N N 251 
PHE CD2 CE2  doub Y N 252 
PHE CD2 HD2  sing N N 253 
PHE CE1 CZ   doub Y N 254 
PHE CE1 HE1  sing N N 255 
PHE CE2 CZ   sing Y N 256 
PHE CE2 HE2  sing N N 257 
PHE CZ  HZ   sing N N 258 
PHE OXT HXT  sing N N 259 
PO4 P   O1   doub N N 260 
PO4 P   O2   sing N N 261 
PO4 P   O3   sing N N 262 
PO4 P   O4   sing N N 263 
PRO N   CA   sing N N 264 
PRO N   CD   sing N N 265 
PRO N   H    sing N N 266 
PRO CA  C    sing N N 267 
PRO CA  CB   sing N N 268 
PRO CA  HA   sing N N 269 
PRO C   O    doub N N 270 
PRO C   OXT  sing N N 271 
PRO CB  CG   sing N N 272 
PRO CB  HB2  sing N N 273 
PRO CB  HB3  sing N N 274 
PRO CG  CD   sing N N 275 
PRO CG  HG2  sing N N 276 
PRO CG  HG3  sing N N 277 
PRO CD  HD2  sing N N 278 
PRO CD  HD3  sing N N 279 
PRO OXT HXT  sing N N 280 
SER N   CA   sing N N 281 
SER N   H    sing N N 282 
SER N   H2   sing N N 283 
SER CA  C    sing N N 284 
SER CA  CB   sing N N 285 
SER CA  HA   sing N N 286 
SER C   O    doub N N 287 
SER C   OXT  sing N N 288 
SER CB  OG   sing N N 289 
SER CB  HB2  sing N N 290 
SER CB  HB3  sing N N 291 
SER OG  HG   sing N N 292 
SER OXT HXT  sing N N 293 
THR N   CA   sing N N 294 
THR N   H    sing N N 295 
THR N   H2   sing N N 296 
THR CA  C    sing N N 297 
THR CA  CB   sing N N 298 
THR CA  HA   sing N N 299 
THR C   O    doub N N 300 
THR C   OXT  sing N N 301 
THR CB  OG1  sing N N 302 
THR CB  CG2  sing N N 303 
THR CB  HB   sing N N 304 
THR OG1 HG1  sing N N 305 
THR CG2 HG21 sing N N 306 
THR CG2 HG22 sing N N 307 
THR CG2 HG23 sing N N 308 
THR OXT HXT  sing N N 309 
TRP N   CA   sing N N 310 
TRP N   H    sing N N 311 
TRP N   H2   sing N N 312 
TRP CA  C    sing N N 313 
TRP CA  CB   sing N N 314 
TRP CA  HA   sing N N 315 
TRP C   O    doub N N 316 
TRP C   OXT  sing N N 317 
TRP CB  CG   sing N N 318 
TRP CB  HB2  sing N N 319 
TRP CB  HB3  sing N N 320 
TRP CG  CD1  doub Y N 321 
TRP CG  CD2  sing Y N 322 
TRP CD1 NE1  sing Y N 323 
TRP CD1 HD1  sing N N 324 
TRP CD2 CE2  doub Y N 325 
TRP CD2 CE3  sing Y N 326 
TRP NE1 CE2  sing Y N 327 
TRP NE1 HE1  sing N N 328 
TRP CE2 CZ2  sing Y N 329 
TRP CE3 CZ3  doub Y N 330 
TRP CE3 HE3  sing N N 331 
TRP CZ2 CH2  doub Y N 332 
TRP CZ2 HZ2  sing N N 333 
TRP CZ3 CH2  sing Y N 334 
TRP CZ3 HZ3  sing N N 335 
TRP CH2 HH2  sing N N 336 
TRP OXT HXT  sing N N 337 
TYR N   CA   sing N N 338 
TYR N   H    sing N N 339 
TYR N   H2   sing N N 340 
TYR CA  C    sing N N 341 
TYR CA  CB   sing N N 342 
TYR CA  HA   sing N N 343 
TYR C   O    doub N N 344 
TYR C   OXT  sing N N 345 
TYR CB  CG   sing N N 346 
TYR CB  HB2  sing N N 347 
TYR CB  HB3  sing N N 348 
TYR CG  CD1  doub Y N 349 
TYR CG  CD2  sing Y N 350 
TYR CD1 CE1  sing Y N 351 
TYR CD1 HD1  sing N N 352 
TYR CD2 CE2  doub Y N 353 
TYR CD2 HD2  sing N N 354 
TYR CE1 CZ   doub Y N 355 
TYR CE1 HE1  sing N N 356 
TYR CE2 CZ   sing Y N 357 
TYR CE2 HE2  sing N N 358 
TYR CZ  OH   sing N N 359 
TYR OH  HH   sing N N 360 
TYR OXT HXT  sing N N 361 
VAL N   CA   sing N N 362 
VAL N   H    sing N N 363 
VAL N   H2   sing N N 364 
VAL CA  C    sing N N 365 
VAL CA  CB   sing N N 366 
VAL CA  HA   sing N N 367 
VAL C   O    doub N N 368 
VAL C   OXT  sing N N 369 
VAL CB  CG1  sing N N 370 
VAL CB  CG2  sing N N 371 
VAL CB  HB   sing N N 372 
VAL CG1 HG11 sing N N 373 
VAL CG1 HG12 sing N N 374 
VAL CG1 HG13 sing N N 375 
VAL CG2 HG21 sing N N 376 
VAL CG2 HG22 sing N N 377 
VAL CG2 HG23 sing N N 378 
VAL OXT HXT  sing N N 379 
# 
_pdbx_initial_refinement_model.id               1 
_pdbx_initial_refinement_model.entity_id_list   ? 
_pdbx_initial_refinement_model.type             'experimental model' 
_pdbx_initial_refinement_model.source_name      PDB 
_pdbx_initial_refinement_model.accession_code   1MTR 
_pdbx_initial_refinement_model.details          ? 
# 
_atom_sites.entry_id                    1MT9 
_atom_sites.fract_transf_matrix[1][1]   0.00513079 
_atom_sites.fract_transf_matrix[1][2]   0.00242863 
_atom_sites.fract_transf_matrix[1][3]   0.01866175 
_atom_sites.fract_transf_matrix[2][1]   0.01436690 
_atom_sites.fract_transf_matrix[2][2]   0.00744196 
_atom_sites.fract_transf_matrix[2][3]   -0.00491847 
_atom_sites.fract_transf_matrix[3][1]   -0.00738338 
_atom_sites.fract_transf_matrix[3][2]   0.01436028 
_atom_sites.fract_transf_matrix[3][3]   0.00016112 
_atom_sites.fract_transf_vector[1]      0.100680 
_atom_sites.fract_transf_vector[2]      0.016950 
_atom_sites.fract_transf_vector[3]      0.292304 
# 
loop_
_atom_type.symbol 
C 
N 
O 
P 
S 
# 
loop_
_atom_site.group_PDB 
_atom_site.id 
_atom_site.type_symbol 
_atom_site.label_atom_id 
_atom_site.label_alt_id 
_atom_site.label_comp_id 
_atom_site.label_asym_id 
_atom_site.label_entity_id 
_atom_site.label_seq_id 
_atom_site.pdbx_PDB_ins_code 
_atom_site.Cartn_x 
_atom_site.Cartn_y 
_atom_site.Cartn_z 
_atom_site.occupancy 
_atom_site.B_iso_or_equiv 
_atom_site.pdbx_formal_charge 
_atom_site.auth_seq_id 
_atom_site.auth_comp_id 
_atom_site.auth_asym_id 
_atom_site.auth_atom_id 
_atom_site.pdbx_PDB_model_num 
ATOM   1    N N   . PRO A 1 1  ? 7.822   17.589  3.476   1.00 28.32 ? 1   PRO A N   1 
ATOM   2    C CA  . PRO A 1 1  ? 8.759   17.298  2.369   1.00 27.74 ? 1   PRO A CA  1 
ATOM   3    C C   . PRO A 1 1  ? 8.020   16.632  1.220   1.00 25.93 ? 1   PRO A C   1 
ATOM   4    O O   . PRO A 1 1  ? 6.821   16.376  1.313   1.00 26.02 ? 1   PRO A O   1 
ATOM   5    C CB  . PRO A 1 1  ? 9.810   16.359  2.929   1.00 27.32 ? 1   PRO A CB  1 
ATOM   6    C CG  . PRO A 1 1  ? 9.002   15.615  3.973   1.00 27.81 ? 1   PRO A CG  1 
ATOM   7    C CD  . PRO A 1 1  ? 8.109   16.698  4.613   1.00 27.71 ? 1   PRO A CD  1 
ATOM   8    N N   . GLN A 1 2  ? 8.741   16.366  0.136   1.00 26.78 ? 2   GLN A N   1 
ATOM   9    C CA  . GLN A 1 2  ? 8.171   15.697  -1.029  1.00 27.78 ? 2   GLN A CA  1 
ATOM   10   C C   . GLN A 1 2  ? 8.930   14.392  -1.245  1.00 26.88 ? 2   GLN A C   1 
ATOM   11   O O   . GLN A 1 2  ? 10.136  14.396  -1.500  1.00 26.62 ? 2   GLN A O   1 
ATOM   12   C CB  . GLN A 1 2  ? 8.276   16.573  -2.279  1.00 29.31 ? 2   GLN A CB  1 
ATOM   13   C CG  . GLN A 1 2  ? 7.995   15.814  -3.571  1.00 33.56 ? 2   GLN A CG  1 
ATOM   14   C CD  . GLN A 1 2  ? 7.674   16.725  -4.738  1.00 37.20 ? 2   GLN A CD  1 
ATOM   15   O OE1 . GLN A 1 2  ? 7.653   16.289  -5.888  1.00 40.75 ? 2   GLN A OE1 1 
ATOM   16   N NE2 . GLN A 1 2  ? 7.409   17.996  -4.449  1.00 38.92 ? 2   GLN A NE2 1 
ATOM   17   N N   . ILE A 1 3  ? 8.213   13.280  -1.139  1.00 24.58 ? 3   ILE A N   1 
ATOM   18   C CA  . ILE A 1 3  ? 8.800   11.956  -1.298  1.00 22.11 ? 3   ILE A CA  1 
ATOM   19   C C   . ILE A 1 3  ? 8.528   11.381  -2.686  1.00 21.30 ? 3   ILE A C   1 
ATOM   20   O O   . ILE A 1 3  ? 7.372   11.188  -3.067  1.00 18.65 ? 3   ILE A O   1 
ATOM   21   C CB  . ILE A 1 3  ? 8.221   10.980  -0.253  1.00 24.09 ? 3   ILE A CB  1 
ATOM   22   C CG1 . ILE A 1 3  ? 8.368   11.564  1.154   1.00 26.15 ? 3   ILE A CG1 1 
ATOM   23   C CG2 . ILE A 1 3  ? 8.925   9.632   -0.349  1.00 24.91 ? 3   ILE A CG2 1 
ATOM   24   C CD1 . ILE A 1 3  ? 9.796   11.801  1.577   1.00 30.18 ? 3   ILE A CD1 1 
ATOM   25   N N   . THR A 1 4  ? 9.590   11.109  -3.440  1.00 18.70 ? 4   THR A N   1 
ATOM   26   C CA  . THR A 1 4  ? 9.441   10.535  -4.771  1.00 18.34 ? 4   THR A CA  1 
ATOM   27   C C   . THR A 1 4  ? 9.260   9.030   -4.598  1.00 17.61 ? 4   THR A C   1 
ATOM   28   O O   . THR A 1 4  ? 9.547   8.488   -3.532  1.00 16.58 ? 4   THR A O   1 
ATOM   29   C CB  . THR A 1 4  ? 10.666  10.845  -5.670  1.00 20.63 ? 4   THR A CB  1 
ATOM   30   O OG1 . THR A 1 4  ? 11.858  10.314  -5.078  1.00 19.84 ? 4   THR A OG1 1 
ATOM   31   C CG2 . THR A 1 4  ? 10.817  12.353  -5.843  1.00 20.22 ? 4   THR A CG2 1 
ATOM   32   N N   . LEU A 1 5  ? 8.796   8.345   -5.637  1.00 14.35 ? 5   LEU A N   1 
ATOM   33   C CA  . LEU A 1 5  ? 8.537   6.917   -5.502  1.00 13.49 ? 5   LEU A CA  1 
ATOM   34   C C   . LEU A 1 5  ? 9.449   5.957   -6.255  1.00 14.13 ? 5   LEU A C   1 
ATOM   35   O O   . LEU A 1 5  ? 9.071   4.816   -6.507  1.00 11.93 ? 5   LEU A O   1 
ATOM   36   C CB  . LEU A 1 5  ? 7.068   6.650   -5.854  1.00 11.25 ? 5   LEU A CB  1 
ATOM   37   C CG  . LEU A 1 5  ? 6.122   7.442   -4.935  1.00 10.69 ? 5   LEU A CG  1 
ATOM   38   C CD1 . LEU A 1 5  ? 4.692   7.387   -5.450  1.00 12.06 ? 5   LEU A CD1 1 
ATOM   39   C CD2 . LEU A 1 5  ? 6.220   6.878   -3.512  1.00 11.97 ? 5   LEU A CD2 1 
ATOM   40   N N   . TRP A 1 6  ? 10.653  6.410   -6.595  1.00 15.38 ? 6   TRP A N   1 
ATOM   41   C CA  . TRP A 1 6  ? 11.618  5.567   -7.301  1.00 15.20 ? 6   TRP A CA  1 
ATOM   42   C C   . TRP A 1 6  ? 11.986  4.378   -6.410  1.00 16.85 ? 6   TRP A C   1 
ATOM   43   O O   . TRP A 1 6  ? 12.284  3.281   -6.892  1.00 16.65 ? 6   TRP A O   1 
ATOM   44   C CB  . TRP A 1 6  ? 12.876  6.371   -7.630  1.00 15.71 ? 6   TRP A CB  1 
ATOM   45   C CG  . TRP A 1 6  ? 12.621  7.543   -8.537  1.00 16.89 ? 6   TRP A CG  1 
ATOM   46   C CD1 . TRP A 1 6  ? 12.714  8.868   -8.217  1.00 17.89 ? 6   TRP A CD1 1 
ATOM   47   C CD2 . TRP A 1 6  ? 12.228  7.489   -9.911  1.00 14.64 ? 6   TRP A CD2 1 
ATOM   48   N NE1 . TRP A 1 6  ? 12.403  9.645   -9.312  1.00 16.63 ? 6   TRP A NE1 1 
ATOM   49   C CE2 . TRP A 1 6  ? 12.102  8.822   -10.366 1.00 17.14 ? 6   TRP A CE2 1 
ATOM   50   C CE3 . TRP A 1 6  ? 11.972  6.440   -10.807 1.00 16.01 ? 6   TRP A CE3 1 
ATOM   51   C CZ2 . TRP A 1 6  ? 11.731  9.137   -11.679 1.00 17.76 ? 6   TRP A CZ2 1 
ATOM   52   C CZ3 . TRP A 1 6  ? 11.601  6.754   -12.116 1.00 18.73 ? 6   TRP A CZ3 1 
ATOM   53   C CH2 . TRP A 1 6  ? 11.484  8.094   -12.537 1.00 16.88 ? 6   TRP A CH2 1 
ATOM   54   N N   . LYS A 1 7  ? 11.966  4.611   -5.104  1.00 15.43 ? 7   LYS A N   1 
ATOM   55   C CA  . LYS A 1 7  ? 12.280  3.569   -4.134  1.00 14.65 ? 7   LYS A CA  1 
ATOM   56   C C   . LYS A 1 7  ? 11.138  3.520   -3.131  1.00 14.51 ? 7   LYS A C   1 
ATOM   57   O O   . LYS A 1 7  ? 10.299  4.413   -3.117  1.00 12.45 ? 7   LYS A O   1 
ATOM   58   C CB  . LYS A 1 7  ? 13.598  3.897   -3.423  1.00 17.46 ? 7   LYS A CB  1 
ATOM   59   N N   . ARG A 1 8  ? 11.098  2.481   -2.299  1.00 13.33 ? 8   ARG A N   1 
ATOM   60   C CA  . ARG A 1 8  ? 10.036  2.371   -1.305  1.00 14.72 ? 8   ARG A CA  1 
ATOM   61   C C   . ARG A 1 8  ? 10.084  3.602   -0.405  1.00 14.04 ? 8   ARG A C   1 
ATOM   62   O O   . ARG A 1 8  ? 11.157  4.002   0.040   1.00 13.53 ? 8   ARG A O   1 
ATOM   63   C CB  . ARG A 1 8  ? 10.214  1.087   -0.480  1.00 15.92 ? 8   ARG A CB  1 
ATOM   64   C CG  . ARG A 1 8  ? 10.079  -0.178  -1.321  1.00 19.17 ? 8   ARG A CG  1 
ATOM   65   C CD  . ARG A 1 8  ? 10.168  -1.452  -0.494  1.00 25.07 ? 8   ARG A CD  1 
ATOM   66   N NE  . ARG A 1 8  ? 10.022  -2.639  -1.335  1.00 29.96 ? 8   ARG A NE  1 
ATOM   67   C CZ  . ARG A 1 8  ? 10.096  -3.891  -0.890  1.00 34.06 ? 8   ARG A CZ  1 
ATOM   68   N NH1 . ARG A 1 8  ? 10.317  -4.134  0.398   1.00 37.11 ? 8   ARG A NH1 1 
ATOM   69   N NH2 . ARG A 1 8  ? 9.948   -4.905  -1.731  1.00 32.92 ? 8   ARG A NH2 1 
ATOM   70   N N   . PRO A 1 9  ? 8.925   4.233   -0.140  1.00 12.31 ? 9   PRO A N   1 
ATOM   71   C CA  . PRO A 1 9  ? 8.897   5.426   0.715   1.00 10.77 ? 9   PRO A CA  1 
ATOM   72   C C   . PRO A 1 9  ? 9.043   5.101   2.202   1.00 14.72 ? 9   PRO A C   1 
ATOM   73   O O   . PRO A 1 9  ? 8.055   5.053   2.944   1.00 13.24 ? 9   PRO A O   1 
ATOM   74   C CB  . PRO A 1 9  ? 7.545   6.051   0.386   1.00 11.90 ? 9   PRO A CB  1 
ATOM   75   C CG  . PRO A 1 9  ? 6.683   4.838   0.165   1.00 9.81  ? 9   PRO A CG  1 
ATOM   76   C CD  . PRO A 1 9  ? 7.581   3.938   -0.671  1.00 11.13 ? 9   PRO A CD  1 
ATOM   77   N N   . LEU A 1 10 ? 10.284  4.890   2.629   1.00 15.15 ? 10  LEU A N   1 
ATOM   78   C CA  . LEU A 1 10 ? 10.583  4.579   4.021   1.00 19.04 ? 10  LEU A CA  1 
ATOM   79   C C   . LEU A 1 10 ? 10.944  5.833   4.809   1.00 21.35 ? 10  LEU A C   1 
ATOM   80   O O   . LEU A 1 10 ? 11.669  6.704   4.322   1.00 20.36 ? 10  LEU A O   1 
ATOM   81   C CB  . LEU A 1 10 ? 11.748  3.595   4.103   1.00 21.44 ? 10  LEU A CB  1 
ATOM   82   C CG  . LEU A 1 10 ? 11.532  2.180   3.569   1.00 22.92 ? 10  LEU A CG  1 
ATOM   83   C CD1 . LEU A 1 10 ? 12.847  1.416   3.668   1.00 26.18 ? 10  LEU A CD1 1 
ATOM   84   C CD2 . LEU A 1 10 ? 10.439  1.477   4.367   1.00 24.14 ? 10  LEU A CD2 1 
ATOM   85   N N   . VAL A 1 11 ? 10.428  5.927   6.026   1.00 20.34 ? 11  VAL A N   1 
ATOM   86   C CA  . VAL A 1 11 ? 10.726  7.068   6.880   1.00 20.80 ? 11  VAL A CA  1 
ATOM   87   C C   . VAL A 1 11 ? 10.899  6.576   8.306   1.00 22.80 ? 11  VAL A C   1 
ATOM   88   O O   . VAL A 1 11 ? 10.473  5.470   8.650   1.00 22.12 ? 11  VAL A O   1 
ATOM   89   C CB  . VAL A 1 11 ? 9.600   8.126   6.842   1.00 20.37 ? 11  VAL A CB  1 
ATOM   90   C CG1 . VAL A 1 11 ? 9.415   8.629   5.413   1.00 20.77 ? 11  VAL A CG1 1 
ATOM   91   C CG2 . VAL A 1 11 ? 8.299   7.536   7.383   1.00 18.94 ? 11  VAL A CG2 1 
ATOM   92   N N   . THR A 1 12 ? 11.541  7.395   9.128   1.00 21.95 ? 12  THR A N   1 
ATOM   93   C CA  . THR A 1 12 ? 11.766  7.045   10.520  1.00 22.52 ? 12  THR A CA  1 
ATOM   94   C C   . THR A 1 12 ? 10.561  7.491   11.337  1.00 20.26 ? 12  THR A C   1 
ATOM   95   O O   . THR A 1 12 ? 10.006  8.564   11.106  1.00 20.36 ? 12  THR A O   1 
ATOM   96   C CB  . THR A 1 12 ? 13.028  7.748   11.070  1.00 24.04 ? 12  THR A CB  1 
ATOM   97   O OG1 . THR A 1 12 ? 14.160  7.380   10.277  1.00 26.08 ? 12  THR A OG1 1 
ATOM   98   C CG2 . THR A 1 12 ? 13.279  7.351   12.509  1.00 24.39 ? 12  THR A CG2 1 
ATOM   99   N N   . ILE A 1 13 ? 10.147  6.653   12.277  1.00 21.06 ? 13  ILE A N   1 
ATOM   100  C CA  . ILE A 1 13 ? 9.027   6.989   13.145  1.00 21.54 ? 13  ILE A CA  1 
ATOM   101  C C   . ILE A 1 13 ? 9.428   6.683   14.582  1.00 21.34 ? 13  ILE A C   1 
ATOM   102  O O   . ILE A 1 13 ? 10.330  5.879   14.830  1.00 22.73 ? 13  ILE A O   1 
ATOM   103  C CB  . ILE A 1 13 ? 7.748   6.188   12.763  1.00 23.00 ? 13  ILE A CB  1 
ATOM   104  C CG1 . ILE A 1 13 ? 8.017   4.685   12.803  1.00 24.86 ? 13  ILE A CG1 1 
ATOM   105  C CG2 . ILE A 1 13 ? 7.293   6.576   11.375  1.00 22.19 ? 13  ILE A CG2 1 
ATOM   106  C CD1 . ILE A 1 13 ? 7.813   4.068   14.150  1.00 30.06 ? 13  ILE A CD1 1 
ATOM   107  N N   . ARG A 1 14 ? 8.782   7.349   15.528  1.00 19.29 ? 14  ARG A N   1 
ATOM   108  C CA  . ARG A 1 14 ? 9.071   7.120   16.934  1.00 18.74 ? 14  ARG A CA  1 
ATOM   109  C C   . ARG A 1 14 ? 7.793   6.602   17.565  1.00 18.45 ? 14  ARG A C   1 
ATOM   110  O O   . ARG A 1 14 ? 6.737   7.236   17.467  1.00 17.25 ? 14  ARG A O   1 
ATOM   111  C CB  . ARG A 1 14 ? 9.512   8.416   17.605  1.00 18.80 ? 14  ARG A CB  1 
ATOM   112  N N   . ILE A 1 15 ? 7.884   5.439   18.196  1.00 20.45 ? 15  ILE A N   1 
ATOM   113  C CA  . ILE A 1 15 ? 6.727   4.830   18.831  1.00 22.75 ? 15  ILE A CA  1 
ATOM   114  C C   . ILE A 1 15 ? 7.182   4.065   20.073  1.00 24.60 ? 15  ILE A C   1 
ATOM   115  O O   . ILE A 1 15 ? 8.157   3.312   20.029  1.00 22.33 ? 15  ILE A O   1 
ATOM   116  C CB  . ILE A 1 15 ? 6.002   3.885   17.823  1.00 24.31 ? 15  ILE A CB  1 
ATOM   117  C CG1 . ILE A 1 15 ? 4.661   3.398   18.389  1.00 27.08 ? 15  ILE A CG1 1 
ATOM   118  C CG2 . ILE A 1 15 ? 6.904   2.721   17.458  1.00 25.03 ? 15  ILE A CG2 1 
ATOM   119  C CD1 . ILE A 1 15 ? 4.770   2.375   19.496  1.00 31.29 ? 15  ILE A CD1 1 
ATOM   120  N N   . GLY A 1 16 ? 6.481   4.286   21.184  1.00 26.04 ? 16  GLY A N   1 
ATOM   121  C CA  . GLY A 1 16 ? 6.811   3.610   22.428  1.00 29.04 ? 16  GLY A CA  1 
ATOM   122  C C   . GLY A 1 16 ? 8.274   3.696   22.825  1.00 30.80 ? 16  GLY A C   1 
ATOM   123  O O   . GLY A 1 16 ? 8.865   2.707   23.264  1.00 31.39 ? 16  GLY A O   1 
ATOM   124  N N   . GLY A 1 17 ? 8.863   4.876   22.664  1.00 31.68 ? 17  GLY A N   1 
ATOM   125  C CA  . GLY A 1 17 ? 10.256  5.063   23.021  1.00 34.71 ? 17  GLY A CA  1 
ATOM   126  C C   . GLY A 1 17 ? 11.253  4.388   22.095  1.00 36.47 ? 17  GLY A C   1 
ATOM   127  O O   . GLY A 1 17 ? 12.387  4.119   22.493  1.00 36.78 ? 17  GLY A O   1 
ATOM   128  N N   . GLN A 1 18 ? 10.837  4.111   20.861  1.00 35.47 ? 18  GLN A N   1 
ATOM   129  C CA  . GLN A 1 18 ? 11.723  3.475   19.892  1.00 34.93 ? 18  GLN A CA  1 
ATOM   130  C C   . GLN A 1 18 ? 11.667  4.153   18.533  1.00 33.82 ? 18  GLN A C   1 
ATOM   131  O O   . GLN A 1 18 ? 10.671  4.787   18.176  1.00 31.54 ? 18  GLN A O   1 
ATOM   132  C CB  . GLN A 1 18 ? 11.364  1.999   19.709  1.00 38.18 ? 18  GLN A CB  1 
ATOM   133  C CG  . GLN A 1 18 ? 11.631  1.118   20.911  1.00 41.71 ? 18  GLN A CG  1 
ATOM   134  C CD  . GLN A 1 18 ? 11.374  -0.346  20.611  1.00 44.75 ? 18  GLN A CD  1 
ATOM   135  O OE1 . GLN A 1 18 ? 10.268  -0.727  20.222  1.00 45.79 ? 18  GLN A OE1 1 
ATOM   136  N NE2 . GLN A 1 18 ? 12.396  -1.175  20.790  1.00 44.47 ? 18  GLN A NE2 1 
ATOM   137  N N   . LEU A 1 19 ? 12.753  4.020   17.778  1.00 30.63 ? 19  LEU A N   1 
ATOM   138  C CA  . LEU A 1 19 ? 12.819  4.582   16.441  1.00 31.27 ? 19  LEU A CA  1 
ATOM   139  C C   . LEU A 1 19 ? 12.806  3.420   15.460  1.00 30.69 ? 19  LEU A C   1 
ATOM   140  O O   . LEU A 1 19 ? 13.556  2.454   15.619  1.00 29.90 ? 19  LEU A O   1 
ATOM   141  C CB  . LEU A 1 19 ? 14.090  5.406   16.251  1.00 31.22 ? 19  LEU A CB  1 
ATOM   142  C CG  . LEU A 1 19 ? 14.205  6.701   17.058  1.00 31.22 ? 19  LEU A CG  1 
ATOM   143  C CD1 . LEU A 1 19 ? 15.420  7.472   16.566  1.00 32.36 ? 19  LEU A CD1 1 
ATOM   144  C CD2 . LEU A 1 19 ? 12.945  7.545   16.895  1.00 29.82 ? 19  LEU A CD2 1 
ATOM   145  N N   . LYS A 1 20 ? 11.945  3.507   14.456  1.00 28.15 ? 20  LYS A N   1 
ATOM   146  C CA  . LYS A 1 20 ? 11.843  2.449   13.465  1.00 28.12 ? 20  LYS A CA  1 
ATOM   147  C C   . LYS A 1 20 ? 11.614  3.003   12.073  1.00 26.54 ? 20  LYS A C   1 
ATOM   148  O O   . LYS A 1 20 ? 11.165  4.135   11.908  1.00 27.54 ? 20  LYS A O   1 
ATOM   149  C CB  . LYS A 1 20 ? 10.700  1.497   13.827  1.00 29.60 ? 20  LYS A CB  1 
ATOM   150  C CG  . LYS A 1 20 ? 10.945  0.718   15.106  1.00 34.76 ? 20  LYS A CG  1 
ATOM   151  C CD  . LYS A 1 20 ? 9.764   -0.160  15.474  1.00 36.32 ? 20  LYS A CD  1 
ATOM   152  C CE  . LYS A 1 20 ? 10.102  -1.034  16.674  1.00 38.89 ? 20  LYS A CE  1 
ATOM   153  N NZ  . LYS A 1 20 ? 8.956   -1.885  17.092  1.00 40.63 ? 20  LYS A NZ  1 
ATOM   154  N N   . GLU A 1 21 ? 11.942  2.197   11.074  1.00 23.69 ? 21  GLU A N   1 
ATOM   155  C CA  . GLU A 1 21 ? 11.749  2.583   9.688   1.00 24.75 ? 21  GLU A CA  1 
ATOM   156  C C   . GLU A 1 21 ? 10.396  2.021   9.289   1.00 22.48 ? 21  GLU A C   1 
ATOM   157  O O   . GLU A 1 21 ? 10.129  0.833   9.480   1.00 20.25 ? 21  GLU A O   1 
ATOM   158  C CB  . GLU A 1 21 ? 12.846  1.982   8.805   1.00 28.94 ? 21  GLU A CB  1 
ATOM   159  C CG  . GLU A 1 21 ? 14.217  2.600   9.017   1.00 36.01 ? 21  GLU A CG  1 
ATOM   160  C CD  . GLU A 1 21 ? 14.671  3.422   7.823   1.00 40.94 ? 21  GLU A CD  1 
ATOM   161  O OE1 . GLU A 1 21 ? 14.972  2.823   6.767   1.00 42.63 ? 21  GLU A OE1 1 
ATOM   162  O OE2 . GLU A 1 21 ? 14.718  4.665   7.940   1.00 42.62 ? 21  GLU A OE2 1 
ATOM   163  N N   . ALA A 1 22 ? 9.533   2.879   8.762   1.00 19.27 ? 22  ALA A N   1 
ATOM   164  C CA  . ALA A 1 22 ? 8.211   2.443   8.352   1.00 17.35 ? 22  ALA A CA  1 
ATOM   165  C C   . ALA A 1 22 ? 7.917   2.921   6.941   1.00 16.65 ? 22  ALA A C   1 
ATOM   166  O O   . ALA A 1 22 ? 8.408   3.960   6.505   1.00 16.15 ? 22  ALA A O   1 
ATOM   167  C CB  . ALA A 1 22 ? 7.166   2.967   9.321   1.00 17.77 ? 22  ALA A CB  1 
ATOM   168  N N   . LEU A 1 23 ? 7.105   2.146   6.236   1.00 17.02 ? 23  LEU A N   1 
ATOM   169  C CA  . LEU A 1 23 ? 6.726   2.439   4.863   1.00 15.51 ? 23  LEU A CA  1 
ATOM   170  C C   . LEU A 1 23 ? 5.440   3.270   4.820   1.00 16.43 ? 23  LEU A C   1 
ATOM   171  O O   . LEU A 1 23 ? 4.448   2.898   5.439   1.00 16.73 ? 23  LEU A O   1 
ATOM   172  C CB  . LEU A 1 23 ? 6.514   1.109   4.135   1.00 18.61 ? 23  LEU A CB  1 
ATOM   173  C CG  . LEU A 1 23 ? 6.110   1.073   2.666   1.00 21.08 ? 23  LEU A CG  1 
ATOM   174  C CD1 . LEU A 1 23 ? 7.282   1.503   1.808   1.00 21.62 ? 23  LEU A CD1 1 
ATOM   175  C CD2 . LEU A 1 23 ? 5.684   -0.337  2.305   1.00 23.63 ? 23  LEU A CD2 1 
ATOM   176  N N   . LEU A 1 24 ? 5.466   4.404   4.118   1.00 15.44 ? 24  LEU A N   1 
ATOM   177  C CA  . LEU A 1 24 ? 4.271   5.241   3.980   1.00 15.39 ? 24  LEU A CA  1 
ATOM   178  C C   . LEU A 1 24 ? 3.438   4.501   2.938   1.00 14.14 ? 24  LEU A C   1 
ATOM   179  O O   . LEU A 1 24 ? 3.817   4.424   1.768   1.00 14.46 ? 24  LEU A O   1 
ATOM   180  C CB  . LEU A 1 24 ? 4.652   6.641   3.496   1.00 16.05 ? 24  LEU A CB  1 
ATOM   181  C CG  . LEU A 1 24 ? 5.025   7.681   4.567   1.00 19.96 ? 24  LEU A CG  1 
ATOM   182  C CD1 . LEU A 1 24 ? 5.311   7.033   5.917   1.00 17.88 ? 24  LEU A CD1 1 
ATOM   183  C CD2 . LEU A 1 24 ? 6.213   8.481   4.074   1.00 20.95 ? 24  LEU A CD2 1 
ATOM   184  N N   . ASN A 1 25 ? 2.297   3.978   3.377   1.00 11.79 ? 25  ASN A N   1 
ATOM   185  C CA  . ASN A 1 25 ? 1.437   3.136   2.548   1.00 10.62 ? 25  ASN A CA  1 
ATOM   186  C C   . ASN A 1 25 ? -0.001  3.644   2.361   1.00 12.11 ? 25  ASN A C   1 
ATOM   187  O O   . ASN A 1 25 ? -0.862  3.427   3.223   1.00 9.58  ? 25  ASN A O   1 
ATOM   188  C CB  . ASN A 1 25 ? 1.445   1.743   3.205   1.00 10.91 ? 25  ASN A CB  1 
ATOM   189  C CG  . ASN A 1 25 ? 0.796   0.668   2.366   1.00 13.90 ? 25  ASN A CG  1 
ATOM   190  O OD1 . ASN A 1 25 ? 0.872   -0.518  2.709   1.00 16.24 ? 25  ASN A OD1 1 
ATOM   191  N ND2 . ASN A 1 25 ? 0.153   1.057   1.279   1.00 9.82  ? 25  ASN A ND2 1 
ATOM   192  N N   . THR A 1 26 ? -0.261  4.302   1.232   1.00 9.15  ? 26  THR A N   1 
ATOM   193  C CA  . THR A 1 26 ? -1.601  4.812   0.943   1.00 13.00 ? 26  THR A CA  1 
ATOM   194  C C   . THR A 1 26 ? -2.549  3.654   0.641   1.00 12.73 ? 26  THR A C   1 
ATOM   195  O O   . THR A 1 26 ? -3.762  3.840   0.551   1.00 13.43 ? 26  THR A O   1 
ATOM   196  C CB  . THR A 1 26 ? -1.604  5.774   -0.263  1.00 12.40 ? 26  THR A CB  1 
ATOM   197  O OG1 . THR A 1 26 ? -1.110  5.095   -1.425  1.00 14.07 ? 26  THR A OG1 1 
ATOM   198  C CG2 . THR A 1 26 ? -0.738  6.986   0.031   1.00 13.51 ? 26  THR A CG2 1 
ATOM   199  N N   . GLY A 1 27 ? -1.978  2.464   0.489   1.00 10.33 ? 27  GLY A N   1 
ATOM   200  C CA  . GLY A 1 27 ? -2.770  1.281   0.206   1.00 12.75 ? 27  GLY A CA  1 
ATOM   201  C C   . GLY A 1 27 ? -3.172  0.520   1.458   1.00 11.84 ? 27  GLY A C   1 
ATOM   202  O O   . GLY A 1 27 ? -3.719  -0.585  1.376   1.00 13.82 ? 27  GLY A O   1 
ATOM   203  N N   . ALA A 1 28 ? -2.909  1.108   2.622   1.00 10.42 ? 28  ALA A N   1 
ATOM   204  C CA  . ALA A 1 28 ? -3.258  0.479   3.892   1.00 10.21 ? 28  ALA A CA  1 
ATOM   205  C C   . ALA A 1 28 ? -4.224  1.365   4.688   1.00 12.91 ? 28  ALA A C   1 
ATOM   206  O O   . ALA A 1 28 ? -3.961  2.557   4.882   1.00 13.35 ? 28  ALA A O   1 
ATOM   207  C CB  . ALA A 1 28 ? -1.992  0.223   4.711   1.00 10.14 ? 28  ALA A CB  1 
ATOM   208  N N   . ASP A 1 29 ? -5.338  0.792   5.145   1.00 12.71 ? 29  ASP A N   1 
ATOM   209  C CA  . ASP A 1 29 ? -6.303  1.560   5.926   1.00 15.32 ? 29  ASP A CA  1 
ATOM   210  C C   . ASP A 1 29 ? -5.751  1.823   7.315   1.00 14.99 ? 29  ASP A C   1 
ATOM   211  O O   . ASP A 1 29 ? -5.981  2.883   7.894   1.00 13.98 ? 29  ASP A O   1 
ATOM   212  C CB  . ASP A 1 29 ? -7.631  0.807   6.105   1.00 16.20 ? 29  ASP A CB  1 
ATOM   213  C CG  . ASP A 1 29 ? -8.318  0.495   4.798   1.00 18.19 ? 29  ASP A CG  1 
ATOM   214  O OD1 . ASP A 1 29 ? -8.127  1.245   3.823   1.00 18.95 ? 29  ASP A OD1 1 
ATOM   215  O OD2 . ASP A 1 29 ? -9.069  -0.500  4.758   1.00 21.10 ? 29  ASP A OD2 1 
ATOM   216  N N   . ASP A 1 30 ? -5.029  0.838   7.839   1.00 15.46 ? 30  ASP A N   1 
ATOM   217  C CA  . ASP A 1 30 ? -4.470  0.895   9.184   1.00 17.71 ? 30  ASP A CA  1 
ATOM   218  C C   . ASP A 1 30 ? -2.949  0.904   9.209   1.00 15.75 ? 30  ASP A C   1 
ATOM   219  O O   . ASP A 1 30 ? -2.290  0.674   8.197   1.00 14.26 ? 30  ASP A O   1 
ATOM   220  C CB  . ASP A 1 30 ? -4.945  -0.317  9.993   1.00 22.56 ? 30  ASP A CB  1 
ATOM   221  C CG  . ASP A 1 30 ? -6.432  -0.592  9.828   1.00 27.77 ? 30  ASP A CG  1 
ATOM   222  O OD1 . ASP A 1 30 ? -7.247  0.291   10.166  1.00 32.07 ? 30  ASP A OD1 1 
ATOM   223  O OD2 . ASP A 1 30 ? -6.786  -1.698  9.362   1.00 30.65 ? 30  ASP A OD2 1 
ATOM   224  N N   . THR A 1 31 ? -2.408  1.158   10.394  1.00 13.37 ? 31  THR A N   1 
ATOM   225  C CA  . THR A 1 31 ? -0.969  1.168   10.615  1.00 15.26 ? 31  THR A CA  1 
ATOM   226  C C   . THR A 1 31 ? -0.615  -0.153  11.299  1.00 15.25 ? 31  THR A C   1 
ATOM   227  O O   . THR A 1 31 ? -1.187  -0.502  12.332  1.00 16.87 ? 31  THR A O   1 
ATOM   228  C CB  . THR A 1 31 ? -0.567  2.354   11.518  1.00 15.70 ? 31  THR A CB  1 
ATOM   229  O OG1 . THR A 1 31 ? -0.786  3.577   10.805  1.00 13.82 ? 31  THR A OG1 1 
ATOM   230  C CG2 . THR A 1 31 ? 0.895   2.254   11.926  1.00 14.24 ? 31  THR A CG2 1 
ATOM   231  N N   . VAL A 1 32 ? 0.319   -0.896  10.720  1.00 16.29 ? 32  VAL A N   1 
ATOM   232  C CA  . VAL A 1 32 ? 0.701   -2.179  11.288  1.00 15.14 ? 32  VAL A CA  1 
ATOM   233  C C   . VAL A 1 32 ? 2.200   -2.227  11.504  1.00 17.13 ? 32  VAL A C   1 
ATOM   234  O O   . VAL A 1 32 ? 2.980   -1.979  10.583  1.00 16.51 ? 32  VAL A O   1 
ATOM   235  C CB  . VAL A 1 32 ? 0.298   -3.340  10.357  1.00 15.31 ? 32  VAL A CB  1 
ATOM   236  C CG1 . VAL A 1 32 ? 0.324   -4.667  11.129  1.00 11.37 ? 32  VAL A CG1 1 
ATOM   237  C CG2 . VAL A 1 32 ? -1.080  -3.069  9.770   1.00 17.05 ? 32  VAL A CG2 1 
ATOM   238  N N   . LEU A 1 33 ? 2.598   -2.548  12.729  1.00 16.62 ? 33  LEU A N   1 
ATOM   239  C CA  . LEU A 1 33 ? 4.010   -2.620  13.073  1.00 16.96 ? 33  LEU A CA  1 
ATOM   240  C C   . LEU A 1 33 ? 4.425   -4.047  13.383  1.00 17.94 ? 33  LEU A C   1 
ATOM   241  O O   . LEU A 1 33 ? 3.615   -4.854  13.839  1.00 17.38 ? 33  LEU A O   1 
ATOM   242  C CB  . LEU A 1 33 ? 4.297   -1.734  14.286  1.00 17.67 ? 33  LEU A CB  1 
ATOM   243  C CG  . LEU A 1 33 ? 3.917   -0.258  14.140  1.00 20.39 ? 33  LEU A CG  1 
ATOM   244  C CD1 . LEU A 1 33 ? 4.198   0.484   15.444  1.00 22.21 ? 33  LEU A CD1 1 
ATOM   245  C CD2 . LEU A 1 33 ? 4.700   0.346   12.991  1.00 21.88 ? 33  LEU A CD2 1 
ATOM   246  N N   A GLU A 1 34 ? 5.690   -4.355  13.127  0.50 18.80 ? 34  GLU A N   1 
ATOM   247  N N   B GLU A 1 34 ? 5.694   -4.350  13.137  0.50 18.81 ? 34  GLU A N   1 
ATOM   248  C CA  A GLU A 1 34 ? 6.208   -5.685  13.397  0.50 20.72 ? 34  GLU A CA  1 
ATOM   249  C CA  B GLU A 1 34 ? 6.233   -5.678  13.399  0.50 20.73 ? 34  GLU A CA  1 
ATOM   250  C C   A GLU A 1 34 ? 6.146   -5.937  14.898  0.50 20.89 ? 34  GLU A C   1 
ATOM   251  C C   B GLU A 1 34 ? 6.133   -5.936  14.899  0.50 20.92 ? 34  GLU A C   1 
ATOM   252  O O   A GLU A 1 34 ? 6.193   -5.001  15.697  0.50 20.11 ? 34  GLU A O   1 
ATOM   253  O O   B GLU A 1 34 ? 6.140   -5.000  15.700  0.50 20.10 ? 34  GLU A O   1 
ATOM   254  C CB  A GLU A 1 34 ? 7.644   -5.807  12.883  0.50 21.46 ? 34  GLU A CB  1 
ATOM   255  C CB  B GLU A 1 34 ? 7.698   -5.746  12.959  0.50 21.38 ? 34  GLU A CB  1 
ATOM   256  C CG  A GLU A 1 34 ? 7.749   -5.709  11.368  0.50 23.12 ? 34  GLU A CG  1 
ATOM   257  C CG  B GLU A 1 34 ? 8.112   -7.035  12.244  0.50 23.10 ? 34  GLU A CG  1 
ATOM   258  C CD  A GLU A 1 34 ? 9.167   -5.878  10.863  0.50 24.14 ? 34  GLU A CD  1 
ATOM   259  C CD  B GLU A 1 34 ? 7.947   -8.283  13.089  0.50 24.20 ? 34  GLU A CD  1 
ATOM   260  O OE1 A GLU A 1 34 ? 10.028  -5.047  11.218  0.50 22.34 ? 34  GLU A OE1 1 
ATOM   261  O OE1 B GLU A 1 34 ? 6.794   -8.712  13.307  0.50 24.79 ? 34  GLU A OE1 1 
ATOM   262  O OE2 A GLU A 1 34 ? 9.419   -6.846  10.111  0.50 25.96 ? 34  GLU A OE2 1 
ATOM   263  O OE2 B GLU A 1 34 ? 8.975   -8.841  13.536  0.50 22.51 ? 34  GLU A OE2 1 
ATOM   264  N N   . GLU A 1 35 ? 6.030   -7.207  15.272  1.00 22.44 ? 35  GLU A N   1 
ATOM   265  C CA  . GLU A 1 35 ? 5.930   -7.596  16.670  1.00 25.30 ? 35  GLU A CA  1 
ATOM   266  C C   . GLU A 1 35 ? 6.833   -6.786  17.610  1.00 26.36 ? 35  GLU A C   1 
ATOM   267  O O   . GLU A 1 35 ? 8.032   -6.645  17.374  1.00 24.70 ? 35  GLU A O   1 
ATOM   268  C CB  . GLU A 1 35 ? 6.240   -9.090  16.795  1.00 27.81 ? 35  GLU A CB  1 
ATOM   269  C CG  . GLU A 1 35 ? 5.999   -9.662  18.174  1.00 32.68 ? 35  GLU A CG  1 
ATOM   270  C CD  . GLU A 1 35 ? 4.608   -9.350  18.688  1.00 35.28 ? 35  GLU A CD  1 
ATOM   271  O OE1 . GLU A 1 35 ? 3.630   -9.641  17.967  1.00 35.42 ? 35  GLU A OE1 1 
ATOM   272  O OE2 . GLU A 1 35 ? 4.497   -8.817  19.815  1.00 36.03 ? 35  GLU A OE2 1 
ATOM   273  N N   . MET A 1 36 ? 6.234   -6.240  18.665  1.00 28.48 ? 36  MET A N   1 
ATOM   274  C CA  . MET A 1 36 ? 6.959   -5.462  19.666  1.00 31.29 ? 36  MET A CA  1 
ATOM   275  C C   . MET A 1 36 ? 6.136   -5.465  20.952  1.00 31.79 ? 36  MET A C   1 
ATOM   276  O O   . MET A 1 36 ? 4.907   -5.372  20.911  1.00 30.81 ? 36  MET A O   1 
ATOM   277  C CB  . MET A 1 36 ? 7.199   -4.030  19.181  1.00 33.02 ? 36  MET A CB  1 
ATOM   278  C CG  . MET A 1 36 ? 5.954   -3.185  19.014  1.00 35.34 ? 36  MET A CG  1 
ATOM   279  S SD  . MET A 1 36 ? 6.360   -1.532  18.388  1.00 38.42 ? 36  MET A SD  1 
ATOM   280  C CE  . MET A 1 36 ? 7.179   -0.824  19.816  1.00 37.67 ? 36  MET A CE  1 
ATOM   281  N N   . ASN A 1 37 ? 6.811   -5.573  22.091  1.00 31.74 ? 37  ASN A N   1 
ATOM   282  C CA  . ASN A 1 37 ? 6.123   -5.627  23.375  1.00 32.48 ? 37  ASN A CA  1 
ATOM   283  C C   . ASN A 1 37 ? 5.736   -4.266  23.944  1.00 32.17 ? 37  ASN A C   1 
ATOM   284  O O   . ASN A 1 37 ? 6.460   -3.690  24.755  1.00 34.56 ? 37  ASN A O   1 
ATOM   285  C CB  . ASN A 1 37 ? 6.975   -6.403  24.391  1.00 32.22 ? 37  ASN A CB  1 
ATOM   286  N N   . LEU A 1 38 ? 4.580   -3.764  23.520  1.00 31.99 ? 38  LEU A N   1 
ATOM   287  C CA  . LEU A 1 38 ? 4.067   -2.483  23.997  1.00 31.64 ? 38  LEU A CA  1 
ATOM   288  C C   . LEU A 1 38 ? 3.156   -2.702  25.197  1.00 31.36 ? 38  LEU A C   1 
ATOM   289  O O   . LEU A 1 38 ? 2.399   -3.669  25.241  1.00 32.39 ? 38  LEU A O   1 
ATOM   290  C CB  . LEU A 1 38 ? 3.262   -1.786  22.903  1.00 32.25 ? 38  LEU A CB  1 
ATOM   291  C CG  . LEU A 1 38 ? 4.029   -1.143  21.755  1.00 32.87 ? 38  LEU A CG  1 
ATOM   292  C CD1 . LEU A 1 38 ? 3.046   -0.624  20.718  1.00 34.47 ? 38  LEU A CD1 1 
ATOM   293  C CD2 . LEU A 1 38 ? 4.896   -0.018  22.299  1.00 32.13 ? 38  LEU A CD2 1 
ATOM   294  N N   . PRO A 1 39 ? 3.217   -1.806  26.193  1.00 31.27 ? 39  PRO A N   1 
ATOM   295  C CA  . PRO A 1 39 ? 2.350   -1.981  27.361  1.00 30.00 ? 39  PRO A CA  1 
ATOM   296  C C   . PRO A 1 39 ? 0.934   -1.513  27.032  1.00 30.29 ? 39  PRO A C   1 
ATOM   297  O O   . PRO A 1 39 ? 0.714   -0.857  26.016  1.00 29.37 ? 39  PRO A O   1 
ATOM   298  C CB  . PRO A 1 39 ? 3.018   -1.105  28.411  1.00 29.90 ? 39  PRO A CB  1 
ATOM   299  C CG  . PRO A 1 39 ? 3.542   0.039   27.584  1.00 30.09 ? 39  PRO A CG  1 
ATOM   300  C CD  . PRO A 1 39 ? 4.131   -0.662  26.375  1.00 29.93 ? 39  PRO A CD  1 
ATOM   301  N N   . GLY A 1 40 ? -0.021  -1.856  27.888  1.00 31.00 ? 40  GLY A N   1 
ATOM   302  C CA  . GLY A 1 40 ? -1.388  -1.433  27.655  1.00 31.72 ? 40  GLY A CA  1 
ATOM   303  C C   . GLY A 1 40 ? -2.316  -2.537  27.194  1.00 31.75 ? 40  GLY A C   1 
ATOM   304  O O   . GLY A 1 40 ? -1.879  -3.600  26.747  1.00 30.74 ? 40  GLY A O   1 
ATOM   305  N N   . LYS A 1 41 ? -3.612  -2.276  27.310  1.00 31.00 ? 41  LYS A N   1 
ATOM   306  C CA  . LYS A 1 41 ? -4.624  -3.232  26.903  1.00 30.02 ? 41  LYS A CA  1 
ATOM   307  C C   . LYS A 1 41 ? -4.715  -3.248  25.380  1.00 29.53 ? 41  LYS A C   1 
ATOM   308  O O   . LYS A 1 41 ? -4.396  -2.262  24.715  1.00 28.86 ? 41  LYS A O   1 
ATOM   309  C CB  . LYS A 1 41 ? -5.969  -2.851  27.510  1.00 29.58 ? 41  LYS A CB  1 
ATOM   310  N N   . TRP A 1 42 ? -5.139  -4.377  24.829  1.00 29.37 ? 42  TRP A N   1 
ATOM   311  C CA  . TRP A 1 42 ? -5.280  -4.506  23.385  1.00 29.68 ? 42  TRP A CA  1 
ATOM   312  C C   . TRP A 1 42 ? -6.434  -5.444  23.071  1.00 29.77 ? 42  TRP A C   1 
ATOM   313  O O   . TRP A 1 42 ? -6.957  -6.117  23.960  1.00 31.40 ? 42  TRP A O   1 
ATOM   314  C CB  . TRP A 1 42 ? -3.991  -5.050  22.762  1.00 30.55 ? 42  TRP A CB  1 
ATOM   315  C CG  . TRP A 1 42 ? -3.501  -6.307  23.409  1.00 33.28 ? 42  TRP A CG  1 
ATOM   316  C CD1 . TRP A 1 42 ? -2.660  -6.406  24.481  1.00 33.41 ? 42  TRP A CD1 1 
ATOM   317  C CD2 . TRP A 1 42 ? -3.861  -7.647  23.056  1.00 33.46 ? 42  TRP A CD2 1 
ATOM   318  N NE1 . TRP A 1 42 ? -2.474  -7.725  24.817  1.00 34.37 ? 42  TRP A NE1 1 
ATOM   319  C CE2 . TRP A 1 42 ? -3.201  -8.509  23.959  1.00 33.90 ? 42  TRP A CE2 1 
ATOM   320  C CE3 . TRP A 1 42 ? -4.680  -8.205  22.063  1.00 33.72 ? 42  TRP A CE3 1 
ATOM   321  C CZ2 . TRP A 1 42 ? -3.333  -9.898  23.901  1.00 34.06 ? 42  TRP A CZ2 1 
ATOM   322  C CZ3 . TRP A 1 42 ? -4.812  -9.587  22.005  1.00 33.97 ? 42  TRP A CZ3 1 
ATOM   323  C CH2 . TRP A 1 42 ? -4.142  -10.417 22.919  1.00 33.76 ? 42  TRP A CH2 1 
ATOM   324  N N   . LYS A 1 43 ? -6.831  -5.479  21.805  1.00 27.88 ? 43  LYS A N   1 
ATOM   325  C CA  . LYS A 1 43 ? -7.920  -6.338  21.366  1.00 25.99 ? 43  LYS A CA  1 
ATOM   326  C C   . LYS A 1 43 ? -7.463  -7.118  20.141  1.00 25.27 ? 43  LYS A C   1 
ATOM   327  O O   . LYS A 1 43 ? -6.741  -6.587  19.294  1.00 25.08 ? 43  LYS A O   1 
ATOM   328  C CB  . LYS A 1 43 ? -9.145  -5.496  21.026  1.00 23.04 ? 43  LYS A CB  1 
ATOM   329  N N   . PRO A 1 44 ? -7.867  -8.393  20.037  1.00 24.56 ? 44  PRO A N   1 
ATOM   330  C CA  . PRO A 1 44 ? -7.499  -9.251  18.907  1.00 23.95 ? 44  PRO A CA  1 
ATOM   331  C C   . PRO A 1 44 ? -8.201  -8.764  17.646  1.00 23.24 ? 44  PRO A C   1 
ATOM   332  O O   . PRO A 1 44 ? -9.344  -8.305  17.708  1.00 21.80 ? 44  PRO A O   1 
ATOM   333  C CB  . PRO A 1 44 ? -8.006  -10.630 19.335  1.00 25.65 ? 44  PRO A CB  1 
ATOM   334  C CG  . PRO A 1 44 ? -8.024  -10.546 20.842  1.00 27.06 ? 44  PRO A CG  1 
ATOM   335  C CD  . PRO A 1 44 ? -8.581  -9.169  21.065  1.00 26.71 ? 44  PRO A CD  1 
ATOM   336  N N   . LYS A 1 45 ? -7.521  -8.867  16.509  1.00 21.33 ? 45  LYS A N   1 
ATOM   337  C CA  . LYS A 1 45 ? -8.091  -8.434  15.244  1.00 20.97 ? 45  LYS A CA  1 
ATOM   338  C C   . LYS A 1 45 ? -7.453  -9.174  14.068  1.00 19.38 ? 45  LYS A C   1 
ATOM   339  O O   . LYS A 1 45 ? -6.338  -9.685  14.166  1.00 14.33 ? 45  LYS A O   1 
ATOM   340  C CB  . LYS A 1 45 ? -7.895  -6.922  15.069  1.00 23.06 ? 45  LYS A CB  1 
ATOM   341  C CG  . LYS A 1 45 ? -8.549  -6.354  13.818  1.00 28.99 ? 45  LYS A CG  1 
ATOM   342  C CD  . LYS A 1 45 ? -8.478  -4.831  13.783  1.00 32.22 ? 45  LYS A CD  1 
ATOM   343  C CE  . LYS A 1 45 ? -9.284  -4.275  12.614  1.00 35.02 ? 45  LYS A CE  1 
ATOM   344  N NZ  . LYS A 1 45 ? -9.391  -2.788  12.651  1.00 37.56 ? 45  LYS A NZ  1 
ATOM   345  N N   . MET A 1 46 ? -8.182  -9.240  12.962  1.00 16.86 ? 46  MET A N   1 
ATOM   346  C CA  . MET A 1 46 ? -7.692  -9.888  11.756  1.00 18.48 ? 46  MET A CA  1 
ATOM   347  C C   . MET A 1 46 ? -7.660  -8.837  10.658  1.00 16.88 ? 46  MET A C   1 
ATOM   348  O O   . MET A 1 46 ? -8.644  -8.127  10.448  1.00 15.98 ? 46  MET A O   1 
ATOM   349  C CB  . MET A 1 46 ? -8.628  -11.021 11.323  1.00 20.27 ? 46  MET A CB  1 
ATOM   350  C CG  . MET A 1 46 ? -8.653  -12.221 12.243  1.00 26.71 ? 46  MET A CG  1 
ATOM   351  S SD  . MET A 1 46 ? -7.185  -13.216 12.068  1.00 32.32 ? 46  MET A SD  1 
ATOM   352  C CE  . MET A 1 46 ? -7.627  -14.225 10.648  1.00 31.03 ? 46  MET A CE  1 
ATOM   353  N N   . ILE A 1 47 ? -6.529  -8.717  9.977   1.00 14.56 ? 47  ILE A N   1 
ATOM   354  C CA  . ILE A 1 47 ? -6.421  -7.768  8.876   1.00 14.68 ? 47  ILE A CA  1 
ATOM   355  C C   . ILE A 1 47 ? -5.967  -8.565  7.670   1.00 15.05 ? 47  ILE A C   1 
ATOM   356  O O   . ILE A 1 47 ? -5.249  -9.560  7.815   1.00 13.85 ? 47  ILE A O   1 
ATOM   357  C CB  . ILE A 1 47 ? -5.405  -6.640  9.164   1.00 16.28 ? 47  ILE A CB  1 
ATOM   358  C CG1 . ILE A 1 47 ? -4.039  -7.232  9.508   1.00 16.55 ? 47  ILE A CG1 1 
ATOM   359  C CG2 . ILE A 1 47 ? -5.926  -5.759  10.283  1.00 16.44 ? 47  ILE A CG2 1 
ATOM   360  C CD1 . ILE A 1 47 ? -2.917  -6.218  9.489   1.00 20.10 ? 47  ILE A CD1 1 
ATOM   361  N N   . GLY A 1 48 ? -6.387  -8.143  6.484   1.00 13.08 ? 48  GLY A N   1 
ATOM   362  C CA  . GLY A 1 48 ? -6.006  -8.875  5.297   1.00 15.87 ? 48  GLY A CA  1 
ATOM   363  C C   . GLY A 1 48 ? -5.502  -8.042  4.137   1.00 16.97 ? 48  GLY A C   1 
ATOM   364  O O   . GLY A 1 48 ? -5.513  -6.811  4.169   1.00 14.74 ? 48  GLY A O   1 
ATOM   365  N N   . GLY A 1 49 ? -5.052  -8.748  3.108   1.00 16.71 ? 49  GLY A N   1 
ATOM   366  C CA  . GLY A 1 49 ? -4.544  -8.113  1.912   1.00 16.97 ? 49  GLY A CA  1 
ATOM   367  C C   . GLY A 1 49 ? -4.139  -9.232  0.980   1.00 19.38 ? 49  GLY A C   1 
ATOM   368  O O   . GLY A 1 49 ? -4.711  -10.325 1.041   1.00 18.00 ? 49  GLY A O   1 
ATOM   369  N N   . ILE A 1 50 ? -3.158  -8.976  0.124   1.00 18.15 ? 50  ILE A N   1 
ATOM   370  C CA  . ILE A 1 50 ? -2.702  -9.997  -0.803  1.00 20.16 ? 50  ILE A CA  1 
ATOM   371  C C   . ILE A 1 50 ? -2.123  -11.170 -0.017  1.00 20.00 ? 50  ILE A C   1 
ATOM   372  O O   . ILE A 1 50 ? -1.312  -10.982 0.892   1.00 19.47 ? 50  ILE A O   1 
ATOM   373  C CB  . ILE A 1 50 ? -1.629  -9.433  -1.782  1.00 21.38 ? 50  ILE A CB  1 
ATOM   374  C CG1 . ILE A 1 50 ? -2.296  -8.590  -2.872  1.00 23.74 ? 50  ILE A CG1 1 
ATOM   375  C CG2 . ILE A 1 50 ? -0.854  -10.566 -2.431  1.00 19.60 ? 50  ILE A CG2 1 
ATOM   376  C CD1 . ILE A 1 50 ? -2.968  -7.337  -2.374  1.00 29.03 ? 50  ILE A CD1 1 
ATOM   377  N N   . GLY A 1 51 ? -2.558  -12.379 -0.357  1.00 21.55 ? 51  GLY A N   1 
ATOM   378  C CA  . GLY A 1 51 ? -2.052  -13.556 0.328   1.00 18.54 ? 51  GLY A CA  1 
ATOM   379  C C   . GLY A 1 51 ? -2.945  -14.095 1.428   1.00 20.42 ? 51  GLY A C   1 
ATOM   380  O O   . GLY A 1 51 ? -2.872  -15.278 1.757   1.00 21.83 ? 51  GLY A O   1 
ATOM   381  N N   . GLY A 1 52 ? -3.785  -13.238 2.004   1.00 17.12 ? 52  GLY A N   1 
ATOM   382  C CA  . GLY A 1 52 ? -4.674  -13.683 3.062   1.00 17.36 ? 52  GLY A CA  1 
ATOM   383  C C   . GLY A 1 52 ? -4.726  -12.766 4.271   1.00 15.18 ? 52  GLY A C   1 
ATOM   384  O O   . GLY A 1 52 ? -4.467  -11.560 4.167   1.00 11.14 ? 52  GLY A O   1 
ATOM   385  N N   . PHE A 1 53 ? -5.053  -13.343 5.424   1.00 12.94 ? 53  PHE A N   1 
ATOM   386  C CA  . PHE A 1 53 ? -5.161  -12.586 6.672   1.00 14.31 ? 53  PHE A CA  1 
ATOM   387  C C   . PHE A 1 53 ? -4.130  -12.980 7.720   1.00 14.84 ? 53  PHE A C   1 
ATOM   388  O O   . PHE A 1 53 ? -3.643  -14.104 7.728   1.00 15.50 ? 53  PHE A O   1 
ATOM   389  C CB  . PHE A 1 53 ? -6.541  -12.790 7.308   1.00 13.44 ? 53  PHE A CB  1 
ATOM   390  C CG  . PHE A 1 53 ? -7.674  -12.145 6.561   1.00 13.03 ? 53  PHE A CG  1 
ATOM   391  C CD1 . PHE A 1 53 ? -8.110  -12.659 5.344   1.00 15.58 ? 53  PHE A CD1 1 
ATOM   392  C CD2 . PHE A 1 53 ? -8.331  -11.041 7.099   1.00 14.73 ? 53  PHE A CD2 1 
ATOM   393  C CE1 . PHE A 1 53 ? -9.190  -12.082 4.671   1.00 13.30 ? 53  PHE A CE1 1 
ATOM   394  C CE2 . PHE A 1 53 ? -9.410  -10.459 6.432   1.00 17.32 ? 53  PHE A CE2 1 
ATOM   395  C CZ  . PHE A 1 53 ? -9.838  -10.984 5.218   1.00 12.09 ? 53  PHE A CZ  1 
ATOM   396  N N   . ILE A 1 54 ? -3.813  -12.048 8.617   1.00 14.35 ? 54  ILE A N   1 
ATOM   397  C CA  . ILE A 1 54 ? -2.898  -12.328 9.716   1.00 15.20 ? 54  ILE A CA  1 
ATOM   398  C C   . ILE A 1 54 ? -3.553  -11.790 10.986  1.00 16.27 ? 54  ILE A C   1 
ATOM   399  O O   . ILE A 1 54 ? -4.325  -10.830 10.931  1.00 12.87 ? 54  ILE A O   1 
ATOM   400  C CB  . ILE A 1 54 ? -1.509  -11.651 9.547   1.00 17.31 ? 54  ILE A CB  1 
ATOM   401  C CG1 . ILE A 1 54 ? -1.662  -10.136 9.477   1.00 16.89 ? 54  ILE A CG1 1 
ATOM   402  C CG2 . ILE A 1 54 ? -0.814  -12.184 8.304   1.00 20.11 ? 54  ILE A CG2 1 
ATOM   403  C CD1 . ILE A 1 54 ? -0.340  -9.397  9.572   1.00 18.80 ? 54  ILE A CD1 1 
ATOM   404  N N   . LYS A 1 55 ? -3.248  -12.413 12.120  1.00 13.80 ? 55  LYS A N   1 
ATOM   405  C CA  . LYS A 1 55 ? -3.801  -11.991 13.399  1.00 15.22 ? 55  LYS A CA  1 
ATOM   406  C C   . LYS A 1 55 ? -2.895  -10.937 14.023  1.00 14.67 ? 55  LYS A C   1 
ATOM   407  O O   . LYS A 1 55 ? -1.673  -11.101 14.057  1.00 15.14 ? 55  LYS A O   1 
ATOM   408  C CB  . LYS A 1 55 ? -3.933  -13.198 14.338  1.00 14.52 ? 55  LYS A CB  1 
ATOM   409  N N   . VAL A 1 56 ? -3.494  -9.854  14.508  1.00 14.11 ? 56  VAL A N   1 
ATOM   410  C CA  . VAL A 1 56 ? -2.731  -8.776  15.126  1.00 15.26 ? 56  VAL A CA  1 
ATOM   411  C C   . VAL A 1 56 ? -3.378  -8.291  16.424  1.00 17.98 ? 56  VAL A C   1 
ATOM   412  O O   . VAL A 1 56 ? -4.531  -8.617  16.721  1.00 16.61 ? 56  VAL A O   1 
ATOM   413  C CB  . VAL A 1 56 ? -2.611  -7.555  14.177  1.00 17.47 ? 56  VAL A CB  1 
ATOM   414  C CG1 . VAL A 1 56 ? -1.871  -7.944  12.909  1.00 18.06 ? 56  VAL A CG1 1 
ATOM   415  C CG2 . VAL A 1 56 ? -4.004  -7.029  13.835  1.00 16.64 ? 56  VAL A CG2 1 
ATOM   416  N N   . ARG A 1 57 ? -2.619  -7.517  17.194  1.00 15.39 ? 57  ARG A N   1 
ATOM   417  C CA  . ARG A 1 57 ? -3.109  -6.953  18.442  1.00 17.90 ? 57  ARG A CA  1 
ATOM   418  C C   . ARG A 1 57 ? -3.379  -5.470  18.193  1.00 17.18 ? 57  ARG A C   1 
ATOM   419  O O   . ARG A 1 57 ? -2.536  -4.761  17.645  1.00 18.79 ? 57  ARG A O   1 
ATOM   420  C CB  . ARG A 1 57 ? -2.065  -7.127  19.548  1.00 19.68 ? 57  ARG A CB  1 
ATOM   421  C CG  . ARG A 1 57 ? -1.812  -8.577  19.946  1.00 27.22 ? 57  ARG A CG  1 
ATOM   422  C CD  . ARG A 1 57 ? -0.747  -8.665  21.033  1.00 30.71 ? 57  ARG A CD  1 
ATOM   423  N NE  . ARG A 1 57 ? 0.566   -8.267  20.531  1.00 36.78 ? 57  ARG A NE  1 
ATOM   424  C CZ  . ARG A 1 57 ? 1.521   -7.730  21.281  1.00 39.03 ? 57  ARG A CZ  1 
ATOM   425  N NH1 . ARG A 1 57 ? 1.310   -7.525  22.575  1.00 44.04 ? 57  ARG A NH1 1 
ATOM   426  N NH2 . ARG A 1 57 ? 2.683   -7.392  20.740  1.00 37.97 ? 57  ARG A NH2 1 
ATOM   427  N N   . GLN A 1 58 ? -4.557  -5.006  18.585  1.00 17.28 ? 58  GLN A N   1 
ATOM   428  C CA  . GLN A 1 58 ? -4.926  -3.611  18.377  1.00 20.23 ? 58  GLN A CA  1 
ATOM   429  C C   . GLN A 1 58 ? -4.764  -2.740  19.620  1.00 21.46 ? 58  GLN A C   1 
ATOM   430  O O   . GLN A 1 58 ? -5.350  -3.018  20.668  1.00 21.41 ? 58  GLN A O   1 
ATOM   431  C CB  . GLN A 1 58 ? -6.371  -3.523  17.894  1.00 21.32 ? 58  GLN A CB  1 
ATOM   432  C CG  . GLN A 1 58 ? -6.832  -2.103  17.622  1.00 25.65 ? 58  GLN A CG  1 
ATOM   433  C CD  . GLN A 1 58 ? -8.309  -2.026  17.318  1.00 27.87 ? 58  GLN A CD  1 
ATOM   434  O OE1 . GLN A 1 58 ? -8.821  -2.775  16.484  1.00 30.93 ? 58  GLN A OE1 1 
ATOM   435  N NE2 . GLN A 1 58 ? -9.006  -1.113  17.987  1.00 29.99 ? 58  GLN A NE2 1 
ATOM   436  N N   . TYR A 1 59 ? -3.964  -1.686  19.488  1.00 21.53 ? 59  TYR A N   1 
ATOM   437  C CA  . TYR A 1 59 ? -3.723  -0.740  20.577  1.00 22.95 ? 59  TYR A CA  1 
ATOM   438  C C   . TYR A 1 59 ? -4.307  0.609   20.163  1.00 24.90 ? 59  TYR A C   1 
ATOM   439  O O   . TYR A 1 59 ? -4.098  1.055   19.034  1.00 23.08 ? 59  TYR A O   1 
ATOM   440  C CB  . TYR A 1 59 ? -2.224  -0.572  20.833  1.00 20.33 ? 59  TYR A CB  1 
ATOM   441  C CG  . TYR A 1 59 ? -1.535  -1.791  21.396  1.00 20.35 ? 59  TYR A CG  1 
ATOM   442  C CD1 . TYR A 1 59 ? -1.143  -2.842  20.568  1.00 21.07 ? 59  TYR A CD1 1 
ATOM   443  C CD2 . TYR A 1 59 ? -1.266  -1.890  22.763  1.00 21.20 ? 59  TYR A CD2 1 
ATOM   444  C CE1 . TYR A 1 59 ? -0.490  -3.959  21.085  1.00 20.74 ? 59  TYR A CE1 1 
ATOM   445  C CE2 . TYR A 1 59 ? -0.619  -3.002  23.292  1.00 21.04 ? 59  TYR A CE2 1 
ATOM   446  C CZ  . TYR A 1 59 ? -0.232  -4.031  22.448  1.00 22.75 ? 59  TYR A CZ  1 
ATOM   447  O OH  . TYR A 1 59 ? 0.425   -5.122  22.965  1.00 24.94 ? 59  TYR A OH  1 
ATOM   448  N N   . ASP A 1 60 ? -5.028  1.260   21.070  1.00 25.80 ? 60  ASP A N   1 
ATOM   449  C CA  . ASP A 1 60 ? -5.638  2.545   20.758  1.00 27.74 ? 60  ASP A CA  1 
ATOM   450  C C   . ASP A 1 60 ? -4.910  3.727   21.383  1.00 27.46 ? 60  ASP A C   1 
ATOM   451  O O   . ASP A 1 60 ? -4.215  3.587   22.389  1.00 26.46 ? 60  ASP A O   1 
ATOM   452  C CB  . ASP A 1 60 ? -7.100  2.562   21.208  1.00 30.73 ? 60  ASP A CB  1 
ATOM   453  C CG  . ASP A 1 60 ? -7.930  1.495   20.529  1.00 34.21 ? 60  ASP A CG  1 
ATOM   454  O OD1 . ASP A 1 60 ? -7.889  1.413   19.281  1.00 35.97 ? 60  ASP A OD1 1 
ATOM   455  O OD2 . ASP A 1 60 ? -8.625  0.741   21.240  1.00 35.10 ? 60  ASP A OD2 1 
ATOM   456  N N   . GLN A 1 61 ? -5.078  4.889   20.762  1.00 28.19 ? 61  GLN A N   1 
ATOM   457  C CA  . GLN A 1 61 ? -4.480  6.136   21.229  1.00 29.70 ? 61  GLN A CA  1 
ATOM   458  C C   . GLN A 1 61 ? -2.999  6.055   21.569  1.00 27.94 ? 61  GLN A C   1 
ATOM   459  O O   . GLN A 1 61 ? -2.580  6.440   22.662  1.00 27.34 ? 61  GLN A O   1 
ATOM   460  C CB  . GLN A 1 61 ? -5.259  6.656   22.440  1.00 32.92 ? 61  GLN A CB  1 
ATOM   461  C CG  . GLN A 1 61 ? -6.715  6.981   22.131  1.00 36.80 ? 61  GLN A CG  1 
ATOM   462  C CD  . GLN A 1 61 ? -6.856  8.054   21.067  1.00 40.26 ? 61  GLN A CD  1 
ATOM   463  O OE1 . GLN A 1 61 ? -6.447  9.199   21.266  1.00 42.60 ? 61  GLN A OE1 1 
ATOM   464  N NE2 . GLN A 1 61 ? -7.432  7.688   19.926  1.00 42.35 ? 61  GLN A NE2 1 
ATOM   465  N N   . ILE A 1 62 ? -2.205  5.568   20.623  1.00 25.67 ? 62  ILE A N   1 
ATOM   466  C CA  . ILE A 1 62 ? -0.769  5.453   20.816  1.00 22.94 ? 62  ILE A CA  1 
ATOM   467  C C   . ILE A 1 62 ? -0.075  6.621   20.121  1.00 22.92 ? 62  ILE A C   1 
ATOM   468  O O   . ILE A 1 62 ? -0.285  6.850   18.931  1.00 21.38 ? 62  ILE A O   1 
ATOM   469  C CB  . ILE A 1 62 ? -0.226  4.146   20.202  1.00 23.89 ? 62  ILE A CB  1 
ATOM   470  C CG1 . ILE A 1 62 ? -0.907  2.933   20.848  1.00 24.62 ? 62  ILE A CG1 1 
ATOM   471  C CG2 . ILE A 1 62 ? 1.285   4.091   20.356  1.00 26.50 ? 62  ILE A CG2 1 
ATOM   472  C CD1 . ILE A 1 62 ? -0.677  2.791   22.344  1.00 21.92 ? 62  ILE A CD1 1 
ATOM   473  N N   . PRO A 1 63 ? 0.750   7.386   20.859  1.00 23.07 ? 63  PRO A N   1 
ATOM   474  C CA  . PRO A 1 63 ? 1.461   8.524   20.262  1.00 23.20 ? 63  PRO A CA  1 
ATOM   475  C C   . PRO A 1 63 ? 2.533   8.021   19.291  1.00 24.23 ? 63  PRO A C   1 
ATOM   476  O O   . PRO A 1 63 ? 3.325   7.139   19.630  1.00 24.63 ? 63  PRO A O   1 
ATOM   477  C CB  . PRO A 1 63 ? 2.083   9.225   21.470  1.00 23.04 ? 63  PRO A CB  1 
ATOM   478  C CG  . PRO A 1 63 ? 1.207   8.811   22.615  1.00 23.80 ? 63  PRO A CG  1 
ATOM   479  C CD  . PRO A 1 63 ? 0.934   7.364   22.320  1.00 20.90 ? 63  PRO A CD  1 
ATOM   480  N N   . VAL A 1 64 ? 2.553   8.580   18.088  1.00 24.76 ? 64  VAL A N   1 
ATOM   481  C CA  . VAL A 1 64 ? 3.530   8.183   17.083  1.00 25.20 ? 64  VAL A CA  1 
ATOM   482  C C   . VAL A 1 64 ? 4.021   9.414   16.339  1.00 26.62 ? 64  VAL A C   1 
ATOM   483  O O   . VAL A 1 64 ? 3.218   10.184  15.806  1.00 28.63 ? 64  VAL A O   1 
ATOM   484  C CB  . VAL A 1 64 ? 2.915   7.208   16.051  1.00 24.94 ? 64  VAL A CB  1 
ATOM   485  C CG1 . VAL A 1 64 ? 3.950   6.839   14.993  1.00 26.07 ? 64  VAL A CG1 1 
ATOM   486  C CG2 . VAL A 1 64 ? 2.415   5.956   16.750  1.00 26.53 ? 64  VAL A CG2 1 
ATOM   487  N N   . GLU A 1 65 ? 5.334   9.609   16.312  1.00 24.97 ? 65  GLU A N   1 
ATOM   488  C CA  . GLU A 1 65 ? 5.895   10.750  15.604  1.00 24.22 ? 65  GLU A CA  1 
ATOM   489  C C   . GLU A 1 65 ? 6.453   10.255  14.275  1.00 24.00 ? 65  GLU A C   1 
ATOM   490  O O   . GLU A 1 65 ? 7.217   9.293   14.233  1.00 21.78 ? 65  GLU A O   1 
ATOM   491  C CB  . GLU A 1 65 ? 7.002   11.404  16.425  1.00 24.08 ? 65  GLU A CB  1 
ATOM   492  C CG  . GLU A 1 65 ? 7.345   12.795  15.947  1.00 28.50 ? 65  GLU A CG  1 
ATOM   493  C CD  . GLU A 1 65 ? 8.453   13.433  16.755  1.00 30.87 ? 65  GLU A CD  1 
ATOM   494  O OE1 . GLU A 1 65 ? 9.611   12.976  16.646  1.00 31.53 ? 65  GLU A OE1 1 
ATOM   495  O OE2 . GLU A 1 65 ? 8.161   14.390  17.501  1.00 32.54 ? 65  GLU A OE2 1 
ATOM   496  N N   . ILE A 1 66 ? 6.061   10.919  13.194  1.00 22.74 ? 66  ILE A N   1 
ATOM   497  C CA  . ILE A 1 66 ? 6.492   10.545  11.855  1.00 24.41 ? 66  ILE A CA  1 
ATOM   498  C C   . ILE A 1 66 ? 7.257   11.689  11.198  1.00 24.51 ? 66  ILE A C   1 
ATOM   499  O O   . ILE A 1 66 ? 6.674   12.709  10.815  1.00 21.41 ? 66  ILE A O   1 
ATOM   500  C CB  . ILE A 1 66 ? 5.272   10.173  10.995  1.00 24.74 ? 66  ILE A CB  1 
ATOM   501  C CG1 . ILE A 1 66 ? 4.496   9.039   11.679  1.00 26.73 ? 66  ILE A CG1 1 
ATOM   502  C CG2 . ILE A 1 66 ? 5.717   9.740   9.604   1.00 27.69 ? 66  ILE A CG2 1 
ATOM   503  C CD1 . ILE A 1 66 ? 3.080   8.858   11.173  1.00 25.91 ? 66  ILE A CD1 1 
ATOM   504  N N   . CYS A 1 67 ? 8.568   11.511  11.068  1.00 26.29 ? 67  CYS A N   1 
ATOM   505  C CA  . CYS A 1 67 ? 9.422   12.535  10.473  1.00 30.32 ? 67  CYS A CA  1 
ATOM   506  C C   . CYS A 1 67 ? 9.214   13.883  11.142  1.00 30.18 ? 67  CYS A C   1 
ATOM   507  O O   . CYS A 1 67 ? 9.113   14.904  10.464  1.00 32.57 ? 67  CYS A O   1 
ATOM   508  C CB  . CYS A 1 67 ? 9.137   12.677  8.977   1.00 33.59 ? 67  CYS A CB  1 
ATOM   509  S SG  . CYS A 1 67 ? 9.960   11.472  7.950   1.00 43.02 ? 67  CYS A SG  1 
ATOM   510  N N   . GLY A 1 68 ? 9.134   13.885  12.469  1.00 29.61 ? 68  GLY A N   1 
ATOM   511  C CA  . GLY A 1 68 ? 8.947   15.127  13.194  1.00 29.61 ? 68  GLY A CA  1 
ATOM   512  C C   . GLY A 1 68 ? 7.503   15.580  13.308  1.00 28.76 ? 68  GLY A C   1 
ATOM   513  O O   . GLY A 1 68 ? 7.205   16.548  14.000  1.00 30.87 ? 68  GLY A O   1 
ATOM   514  N N   . HIS A 1 69 ? 6.599   14.889  12.625  1.00 26.32 ? 69  HIS A N   1 
ATOM   515  C CA  . HIS A 1 69 ? 5.187   15.241  12.678  1.00 25.17 ? 69  HIS A CA  1 
ATOM   516  C C   . HIS A 1 69 ? 4.486   14.332  13.674  1.00 24.60 ? 69  HIS A C   1 
ATOM   517  O O   . HIS A 1 69 ? 4.485   13.112  13.517  1.00 23.72 ? 69  HIS A O   1 
ATOM   518  C CB  . HIS A 1 69 ? 4.556   15.091  11.297  1.00 25.44 ? 69  HIS A CB  1 
ATOM   519  C CG  . HIS A 1 69 ? 5.040   16.099  10.303  1.00 27.23 ? 69  HIS A CG  1 
ATOM   520  N ND1 . HIS A 1 69 ? 4.386   17.288  10.074  1.00 26.52 ? 69  HIS A ND1 1 
ATOM   521  C CD2 . HIS A 1 69 ? 6.127   16.103  9.498   1.00 25.22 ? 69  HIS A CD2 1 
ATOM   522  C CE1 . HIS A 1 69 ? 5.050   17.984  9.167   1.00 27.94 ? 69  HIS A CE1 1 
ATOM   523  N NE2 . HIS A 1 69 ? 6.110   17.287  8.802   1.00 25.30 ? 69  HIS A NE2 1 
ATOM   524  N N   . LYS A 1 70 ? 3.885   14.929  14.696  1.00 21.90 ? 70  LYS A N   1 
ATOM   525  C CA  . LYS A 1 70 ? 3.204   14.151  15.717  1.00 23.36 ? 70  LYS A CA  1 
ATOM   526  C C   . LYS A 1 70 ? 1.818   13.703  15.295  1.00 22.71 ? 70  LYS A C   1 
ATOM   527  O O   . LYS A 1 70 ? 1.093   14.417  14.600  1.00 23.15 ? 70  LYS A O   1 
ATOM   528  C CB  . LYS A 1 70 ? 3.120   14.949  17.022  1.00 26.25 ? 70  LYS A CB  1 
ATOM   529  C CG  . LYS A 1 70 ? 4.485   15.217  17.644  1.00 29.03 ? 70  LYS A CG  1 
ATOM   530  C CD  . LYS A 1 70 ? 4.397   16.159  18.829  1.00 31.73 ? 70  LYS A CD  1 
ATOM   531  C CE  . LYS A 1 70 ? 5.790   16.488  19.348  1.00 34.73 ? 70  LYS A CE  1 
ATOM   532  N NZ  . LYS A 1 70 ? 5.763   17.578  20.361  1.00 38.63 ? 70  LYS A NZ  1 
ATOM   533  N N   . ALA A 1 71 ? 1.468   12.500  15.718  1.00 21.41 ? 71  ALA A N   1 
ATOM   534  C CA  . ALA A 1 71 ? 0.175   11.922  15.418  1.00 20.47 ? 71  ALA A CA  1 
ATOM   535  C C   . ALA A 1 71 ? -0.145  11.002  16.584  1.00 20.16 ? 71  ALA A C   1 
ATOM   536  O O   . ALA A 1 71 ? 0.721   10.704  17.409  1.00 18.46 ? 71  ALA A O   1 
ATOM   537  C CB  . ALA A 1 71 ? 0.237   11.133  14.110  1.00 20.37 ? 71  ALA A CB  1 
ATOM   538  N N   . ILE A 1 72 ? -1.393  10.564  16.659  1.00 19.36 ? 72  ILE A N   1 
ATOM   539  C CA  . ILE A 1 72 ? -1.815  9.675   17.727  1.00 21.21 ? 72  ILE A CA  1 
ATOM   540  C C   . ILE A 1 72 ? -3.040  8.929   17.241  1.00 20.22 ? 72  ILE A C   1 
ATOM   541  O O   . ILE A 1 72 ? -4.010  9.536   16.782  1.00 21.75 ? 72  ILE A O   1 
ATOM   542  C CB  . ILE A 1 72 ? -2.142  10.467  19.030  1.00 22.29 ? 72  ILE A CB  1 
ATOM   543  C CG1 . ILE A 1 72 ? -2.586  9.503   20.134  1.00 22.04 ? 72  ILE A CG1 1 
ATOM   544  C CG2 . ILE A 1 72 ? -3.214  11.522  18.756  1.00 21.69 ? 72  ILE A CG2 1 
ATOM   545  C CD1 . ILE A 1 72 ? -2.927  10.181  21.445  1.00 23.07 ? 72  ILE A CD1 1 
ATOM   546  N N   . GLY A 1 73 ? -2.984  7.607   17.318  1.00 19.67 ? 73  GLY A N   1 
ATOM   547  C CA  . GLY A 1 73 ? -4.107  6.811   16.872  1.00 19.29 ? 73  GLY A CA  1 
ATOM   548  C C   . GLY A 1 73 ? -3.941  5.334   17.150  1.00 18.88 ? 73  GLY A C   1 
ATOM   549  O O   . GLY A 1 73 ? -3.116  4.929   17.968  1.00 18.23 ? 73  GLY A O   1 
ATOM   550  N N   . THR A 1 74 ? -4.744  4.530   16.464  1.00 18.02 ? 74  THR A N   1 
ATOM   551  C CA  . THR A 1 74 ? -4.700  3.087   16.617  1.00 20.29 ? 74  THR A CA  1 
ATOM   552  C C   . THR A 1 74 ? -3.488  2.506   15.908  1.00 19.71 ? 74  THR A C   1 
ATOM   553  O O   . THR A 1 74 ? -3.141  2.912   14.794  1.00 18.67 ? 74  THR A O   1 
ATOM   554  C CB  . THR A 1 74 ? -5.967  2.430   16.035  1.00 21.92 ? 74  THR A CB  1 
ATOM   555  O OG1 . THR A 1 74 ? -7.119  2.897   16.748  1.00 24.99 ? 74  THR A OG1 1 
ATOM   556  C CG2 . THR A 1 74 ? -5.881  0.920   16.153  1.00 21.49 ? 74  THR A CG2 1 
ATOM   557  N N   . VAL A 1 75 ? -2.836  1.561   16.570  1.00 18.29 ? 75  VAL A N   1 
ATOM   558  C CA  . VAL A 1 75 ? -1.678  0.890   16.003  1.00 18.05 ? 75  VAL A CA  1 
ATOM   559  C C   . VAL A 1 75 ? -1.892  -0.612  16.159  1.00 17.59 ? 75  VAL A C   1 
ATOM   560  O O   . VAL A 1 75 ? -2.226  -1.084  17.244  1.00 19.84 ? 75  VAL A O   1 
ATOM   561  C CB  . VAL A 1 75 ? -0.374  1.303   16.730  1.00 19.89 ? 75  VAL A CB  1 
ATOM   562  C CG1 . VAL A 1 75 ? 0.776   0.439   16.262  1.00 19.80 ? 75  VAL A CG1 1 
ATOM   563  C CG2 . VAL A 1 75 ? -0.070  2.767   16.461  1.00 17.87 ? 75  VAL A CG2 1 
ATOM   564  N N   . LEU A 1 76 ? -1.732  -1.354  15.068  1.00 16.80 ? 76  LEU A N   1 
ATOM   565  C CA  . LEU A 1 76 ? -1.887  -2.804  15.105  1.00 15.13 ? 76  LEU A CA  1 
ATOM   566  C C   . LEU A 1 76 ? -0.496  -3.422  15.132  1.00 16.34 ? 76  LEU A C   1 
ATOM   567  O O   . LEU A 1 76 ? 0.408   -2.953  14.447  1.00 17.35 ? 76  LEU A O   1 
ATOM   568  C CB  . LEU A 1 76 ? -2.646  -3.297  13.868  1.00 14.11 ? 76  LEU A CB  1 
ATOM   569  C CG  . LEU A 1 76 ? -3.984  -2.613  13.587  1.00 14.91 ? 76  LEU A CG  1 
ATOM   570  C CD1 . LEU A 1 76 ? -4.544  -3.118  12.263  1.00 14.31 ? 76  LEU A CD1 1 
ATOM   571  C CD2 . LEU A 1 76 ? -4.955  -2.885  14.734  1.00 14.47 ? 76  LEU A CD2 1 
ATOM   572  N N   . VAL A 1 77 ? -0.325  -4.473  15.926  1.00 17.70 ? 77  VAL A N   1 
ATOM   573  C CA  . VAL A 1 77 ? 0.970   -5.140  16.043  1.00 17.76 ? 77  VAL A CA  1 
ATOM   574  C C   . VAL A 1 77 ? 0.812   -6.631  15.765  1.00 17.76 ? 77  VAL A C   1 
ATOM   575  O O   . VAL A 1 77 ? -0.078  -7.281  16.312  1.00 17.57 ? 77  VAL A O   1 
ATOM   576  C CB  . VAL A 1 77 ? 1.571   -4.942  17.460  1.00 20.21 ? 77  VAL A CB  1 
ATOM   577  C CG1 . VAL A 1 77 ? 2.917   -5.653  17.566  1.00 20.91 ? 77  VAL A CG1 1 
ATOM   578  C CG2 . VAL A 1 77 ? 1.742   -3.452  17.748  1.00 19.71 ? 77  VAL A CG2 1 
ATOM   579  N N   . GLY A 1 78 ? 1.671   -7.162  14.904  1.00 15.24 ? 78  GLY A N   1 
ATOM   580  C CA  . GLY A 1 78 ? 1.598   -8.569  14.558  1.00 17.27 ? 78  GLY A CA  1 
ATOM   581  C C   . GLY A 1 78 ? 2.692   -8.991  13.594  1.00 16.65 ? 78  GLY A C   1 
ATOM   582  O O   . GLY A 1 78 ? 3.592   -8.208  13.299  1.00 19.66 ? 78  GLY A O   1 
ATOM   583  N N   . PRO A 1 79 ? 2.636   -10.225 13.073  1.00 18.39 ? 79  PRO A N   1 
ATOM   584  C CA  . PRO A 1 79 ? 3.644   -10.735 12.139  1.00 19.09 ? 79  PRO A CA  1 
ATOM   585  C C   . PRO A 1 79 ? 3.600   -10.157 10.722  1.00 20.67 ? 79  PRO A C   1 
ATOM   586  O O   . PRO A 1 79 ? 3.465   -10.900 9.746   1.00 21.92 ? 79  PRO A O   1 
ATOM   587  C CB  . PRO A 1 79 ? 3.391   -12.237 12.155  1.00 17.27 ? 79  PRO A CB  1 
ATOM   588  C CG  . PRO A 1 79 ? 1.905   -12.303 12.307  1.00 19.86 ? 79  PRO A CG  1 
ATOM   589  C CD  . PRO A 1 79 ? 1.636   -11.264 13.379  1.00 18.99 ? 79  PRO A CD  1 
ATOM   590  N N   . THR A 1 80 ? 3.710   -8.836  10.605  1.00 21.45 ? 80  THR A N   1 
ATOM   591  C CA  . THR A 1 80 ? 3.711   -8.220  9.282   1.00 21.57 ? 80  THR A CA  1 
ATOM   592  C C   . THR A 1 80 ? 5.138   -8.243  8.742   1.00 22.36 ? 80  THR A C   1 
ATOM   593  O O   . THR A 1 80 ? 6.097   -8.103  9.498   1.00 23.16 ? 80  THR A O   1 
ATOM   594  C CB  . THR A 1 80 ? 3.208   -6.756  9.317   1.00 20.60 ? 80  THR A CB  1 
ATOM   595  O OG1 . THR A 1 80 ? 3.415   -6.156  8.031   1.00 18.15 ? 80  THR A OG1 1 
ATOM   596  C CG2 . THR A 1 80 ? 3.941   -5.951  10.387  1.00 18.28 ? 80  THR A CG2 1 
ATOM   597  N N   . PRO A 1 81 ? 5.296   -8.435  7.423   1.00 23.55 ? 81  PRO A N   1 
ATOM   598  C CA  . PRO A 1 81 ? 6.634   -8.469  6.821   1.00 24.76 ? 81  PRO A CA  1 
ATOM   599  C C   . PRO A 1 81 ? 7.316   -7.103  6.759   1.00 25.88 ? 81  PRO A C   1 
ATOM   600  O O   . PRO A 1 81 ? 8.475   -6.999  6.361   1.00 26.60 ? 81  PRO A O   1 
ATOM   601  C CB  . PRO A 1 81 ? 6.375   -9.065  5.440   1.00 23.98 ? 81  PRO A CB  1 
ATOM   602  C CG  . PRO A 1 81 ? 4.990   -8.599  5.129   1.00 27.41 ? 81  PRO A CG  1 
ATOM   603  C CD  . PRO A 1 81 ? 4.261   -8.781  6.433   1.00 23.61 ? 81  PRO A CD  1 
ATOM   604  N N   . ALA A 1 82 ? 6.596   -6.058  7.155   1.00 23.50 ? 82  ALA A N   1 
ATOM   605  C CA  . ALA A 1 82 ? 7.157   -4.711  7.144   1.00 22.70 ? 82  ALA A CA  1 
ATOM   606  C C   . ALA A 1 82 ? 6.332   -3.741  7.983   1.00 21.19 ? 82  ALA A C   1 
ATOM   607  O O   . ALA A 1 82 ? 5.115   -3.898  8.104   1.00 20.82 ? 82  ALA A O   1 
ATOM   608  C CB  . ALA A 1 82 ? 7.249   -4.199  5.711   1.00 23.35 ? 82  ALA A CB  1 
ATOM   609  N N   . ASN A 1 83 ? 7.000   -2.749  8.568   1.00 19.61 ? 83  ASN A N   1 
ATOM   610  C CA  . ASN A 1 83 ? 6.315   -1.737  9.363   1.00 18.77 ? 83  ASN A CA  1 
ATOM   611  C C   . ASN A 1 83 ? 5.577   -0.888  8.338   1.00 17.34 ? 83  ASN A C   1 
ATOM   612  O O   . ASN A 1 83 ? 6.175   -0.407  7.366   1.00 14.93 ? 83  ASN A O   1 
ATOM   613  C CB  . ASN A 1 83 ? 7.319   -0.899  10.151  1.00 19.81 ? 83  ASN A CB  1 
ATOM   614  C CG  . ASN A 1 83 ? 8.063   -1.717  11.180  1.00 25.13 ? 83  ASN A CG  1 
ATOM   615  O OD1 . ASN A 1 83 ? 7.453   -2.471  11.944  1.00 25.45 ? 83  ASN A OD1 1 
ATOM   616  N ND2 . ASN A 1 83 ? 9.386   -1.571  11.215  1.00 23.58 ? 83  ASN A ND2 1 
ATOM   617  N N   A ILE A 1 84 ? 4.282   -0.699  8.566   0.50 15.85 ? 84  ILE A N   1 
ATOM   618  N N   B ILE A 1 84 ? 4.279   -0.709  8.560   0.50 15.84 ? 84  ILE A N   1 
ATOM   619  C CA  A ILE A 1 84 ? 3.442   0.047   7.643   0.50 15.97 ? 84  ILE A CA  1 
ATOM   620  C CA  B ILE A 1 84 ? 3.436   0.047   7.644   0.50 15.94 ? 84  ILE A CA  1 
ATOM   621  C C   A ILE A 1 84 ? 2.642   1.160   8.305   0.50 16.03 ? 84  ILE A C   1 
ATOM   622  C C   B ILE A 1 84 ? 2.646   1.163   8.310   0.50 16.01 ? 84  ILE A C   1 
ATOM   623  O O   A ILE A 1 84 ? 1.934   0.927   9.284   0.50 14.14 ? 84  ILE A O   1 
ATOM   624  O O   B ILE A 1 84 ? 1.949   0.935   9.298   0.50 14.11 ? 84  ILE A O   1 
ATOM   625  C CB  A ILE A 1 84 ? 2.447   -0.905  6.947   0.50 16.97 ? 84  ILE A CB  1 
ATOM   626  C CB  B ILE A 1 84 ? 2.412   -0.882  6.947   0.50 17.17 ? 84  ILE A CB  1 
ATOM   627  C CG1 A ILE A 1 84 ? 3.215   -1.979  6.175   0.50 17.17 ? 84  ILE A CG1 1 
ATOM   628  C CG1 B ILE A 1 84 ? 3.138   -1.915  6.080   0.50 17.84 ? 84  ILE A CG1 1 
ATOM   629  C CG2 A ILE A 1 84 ? 1.522   -0.117  6.035   0.50 18.88 ? 84  ILE A CG2 1 
ATOM   630  C CG2 B ILE A 1 84 ? 1.432   -0.053  6.127   0.50 18.00 ? 84  ILE A CG2 1 
ATOM   631  C CD1 A ILE A 1 84 ? 2.354   -3.115  5.680   0.50 15.07 ? 84  ILE A CD1 1 
ATOM   632  C CD1 B ILE A 1 84 ? 3.944   -1.319  4.949   0.50 18.11 ? 84  ILE A CD1 1 
ATOM   633  N N   . ILE A 1 85 ? 2.755   2.369   7.760   1.00 13.92 ? 85  ILE A N   1 
ATOM   634  C CA  . ILE A 1 85 ? 2.011   3.502   8.282   1.00 12.80 ? 85  ILE A CA  1 
ATOM   635  C C   . ILE A 1 85 ? 0.842   3.668   7.312   1.00 13.59 ? 85  ILE A C   1 
ATOM   636  O O   . ILE A 1 85 ? 1.048   3.937   6.125   1.00 13.32 ? 85  ILE A O   1 
ATOM   637  C CB  . ILE A 1 85 ? 2.837   4.800   8.286   1.00 15.66 ? 85  ILE A CB  1 
ATOM   638  C CG1 . ILE A 1 85 ? 4.048   4.646   9.211   1.00 17.60 ? 85  ILE A CG1 1 
ATOM   639  C CG2 . ILE A 1 85 ? 1.964   5.953   8.760   1.00 14.61 ? 85  ILE A CG2 1 
ATOM   640  C CD1 . ILE A 1 85 ? 4.871   5.913   9.337   1.00 25.22 ? 85  ILE A CD1 1 
ATOM   641  N N   . GLY A 1 86 ? -0.376  3.501   7.819   1.00 11.87 ? 86  GLY A N   1 
ATOM   642  C CA  . GLY A 1 86 ? -1.559  3.605   6.978   1.00 12.68 ? 86  GLY A CA  1 
ATOM   643  C C   . GLY A 1 86 ? -2.252  4.952   6.984   1.00 10.29 ? 86  GLY A C   1 
ATOM   644  O O   . GLY A 1 86 ? -1.800  5.894   7.633   1.00 11.99 ? 86  GLY A O   1 
ATOM   645  N N   . ARG A 1 87 ? -3.365  5.040   6.262   1.00 9.99  ? 87  ARG A N   1 
ATOM   646  C CA  . ARG A 1 87 ? -4.113  6.286   6.162   1.00 10.55 ? 87  ARG A CA  1 
ATOM   647  C C   . ARG A 1 87 ? -4.596  6.866   7.490   1.00 12.82 ? 87  ARG A C   1 
ATOM   648  O O   . ARG A 1 87 ? -4.731  8.082   7.612   1.00 11.83 ? 87  ARG A O   1 
ATOM   649  C CB  . ARG A 1 87 ? -5.313  6.120   5.214   1.00 10.34 ? 87  ARG A CB  1 
ATOM   650  C CG  . ARG A 1 87 ? -4.915  5.920   3.757   1.00 13.18 ? 87  ARG A CG  1 
ATOM   651  C CD  . ARG A 1 87 ? -6.126  5.893   2.822   1.00 13.36 ? 87  ARG A CD  1 
ATOM   652  N NE  . ARG A 1 87 ? -7.052  4.812   3.152   1.00 15.56 ? 87  ARG A NE  1 
ATOM   653  C CZ  . ARG A 1 87 ? -8.195  4.976   3.816   1.00 16.64 ? 87  ARG A CZ  1 
ATOM   654  N NH1 . ARG A 1 87 ? -8.565  6.181   4.228   1.00 13.36 ? 87  ARG A NH1 1 
ATOM   655  N NH2 . ARG A 1 87 ? -8.975  3.932   4.059   1.00 16.85 ? 87  ARG A NH2 1 
ATOM   656  N N   . ASN A 1 88 ? -4.854  6.017   8.480   1.00 12.48 ? 88  ASN A N   1 
ATOM   657  C CA  . ASN A 1 88 ? -5.333  6.523   9.762   1.00 15.20 ? 88  ASN A CA  1 
ATOM   658  C C   . ASN A 1 88 ? -4.351  7.544   10.340  1.00 16.91 ? 88  ASN A C   1 
ATOM   659  O O   . ASN A 1 88 ? -4.758  8.511   10.983  1.00 16.18 ? 88  ASN A O   1 
ATOM   660  C CB  . ASN A 1 88 ? -5.584  5.371   10.754  1.00 16.79 ? 88  ASN A CB  1 
ATOM   661  C CG  . ASN A 1 88 ? -4.307  4.718   11.251  1.00 16.47 ? 88  ASN A CG  1 
ATOM   662  O OD1 . ASN A 1 88 ? -3.490  4.245   10.464  1.00 17.27 ? 88  ASN A OD1 1 
ATOM   663  N ND2 . ASN A 1 88 ? -4.140  4.675   12.573  1.00 15.14 ? 88  ASN A ND2 1 
ATOM   664  N N   . LEU A 1 89 ? -3.061  7.347   10.091  1.00 16.25 ? 89  LEU A N   1 
ATOM   665  C CA  . LEU A 1 89 ? -2.050  8.279   10.585  1.00 15.59 ? 89  LEU A CA  1 
ATOM   666  C C   . LEU A 1 89 ? -1.578  9.272   9.516   1.00 15.52 ? 89  LEU A C   1 
ATOM   667  O O   . LEU A 1 89 ? -1.181  10.388  9.849   1.00 16.14 ? 89  LEU A O   1 
ATOM   668  C CB  . LEU A 1 89 ? -0.849  7.517   11.155  1.00 13.67 ? 89  LEU A CB  1 
ATOM   669  C CG  . LEU A 1 89 ? -1.149  6.617   12.359  1.00 15.80 ? 89  LEU A CG  1 
ATOM   670  C CD1 . LEU A 1 89 ? 0.148   6.039   12.908  1.00 16.76 ? 89  LEU A CD1 1 
ATOM   671  C CD2 . LEU A 1 89 ? -1.852  7.428   13.430  1.00 14.90 ? 89  LEU A CD2 1 
ATOM   672  N N   . LEU A 1 90 ? -1.632  8.874   8.244   1.00 14.30 ? 90  LEU A N   1 
ATOM   673  C CA  . LEU A 1 90 ? -1.215  9.750   7.140   1.00 13.53 ? 90  LEU A CA  1 
ATOM   674  C C   . LEU A 1 90 ? -2.078  11.011  7.041   1.00 15.26 ? 90  LEU A C   1 
ATOM   675  O O   . LEU A 1 90 ? -1.582  12.086  6.700   1.00 16.91 ? 90  LEU A O   1 
ATOM   676  C CB  . LEU A 1 90 ? -1.262  8.999   5.807   1.00 10.97 ? 90  LEU A CB  1 
ATOM   677  C CG  . LEU A 1 90 ? -0.259  7.850   5.633   1.00 13.09 ? 90  LEU A CG  1 
ATOM   678  C CD1 . LEU A 1 90 ? -0.511  7.126   4.312   1.00 12.39 ? 90  LEU A CD1 1 
ATOM   679  C CD2 . LEU A 1 90 ? 1.160   8.400   5.669   1.00 14.45 ? 90  LEU A CD2 1 
ATOM   680  N N   . THR A 1 91 ? -3.369  10.882  7.320   1.00 13.73 ? 91  THR A N   1 
ATOM   681  C CA  . THR A 1 91 ? -4.261  12.040  7.274   1.00 16.23 ? 91  THR A CA  1 
ATOM   682  C C   . THR A 1 91 ? -3.884  13.024  8.382   1.00 17.92 ? 91  THR A C   1 
ATOM   683  O O   . THR A 1 91 ? -3.979  14.241  8.213   1.00 19.56 ? 91  THR A O   1 
ATOM   684  C CB  . THR A 1 91 ? -5.731  11.636  7.488   1.00 15.48 ? 91  THR A CB  1 
ATOM   685  O OG1 . THR A 1 91 ? -5.838  10.852  8.684   1.00 15.18 ? 91  THR A OG1 1 
ATOM   686  C CG2 . THR A 1 91 ? -6.247  10.834  6.309   1.00 12.21 ? 91  THR A CG2 1 
ATOM   687  N N   . GLN A 1 92 ? -3.458  12.483  9.517   1.00 16.96 ? 92  GLN A N   1 
ATOM   688  C CA  . GLN A 1 92 ? -3.077  13.294  10.665  1.00 20.36 ? 92  GLN A CA  1 
ATOM   689  C C   . GLN A 1 92 ? -1.861  14.190  10.437  1.00 21.52 ? 92  GLN A C   1 
ATOM   690  O O   . GLN A 1 92 ? -1.751  15.261  11.045  1.00 21.78 ? 92  GLN A O   1 
ATOM   691  C CB  . GLN A 1 92 ? -2.845  12.388  11.879  1.00 20.45 ? 92  GLN A CB  1 
ATOM   692  C CG  . GLN A 1 92 ? -4.133  11.809  12.447  1.00 24.61 ? 92  GLN A CG  1 
ATOM   693  C CD  . GLN A 1 92 ? -3.910  11.059  13.743  1.00 26.46 ? 92  GLN A CD  1 
ATOM   694  O OE1 . GLN A 1 92 ? -3.108  11.471  14.579  1.00 25.76 ? 92  GLN A OE1 1 
ATOM   695  N NE2 . GLN A 1 92 ? -4.631  9.956   13.923  1.00 29.48 ? 92  GLN A NE2 1 
ATOM   696  N N   . ILE A 1 93 ? -0.949  13.764  9.567   1.00 22.31 ? 93  ILE A N   1 
ATOM   697  C CA  . ILE A 1 93 ? 0.238   14.569  9.289   1.00 20.93 ? 93  ILE A CA  1 
ATOM   698  C C   . ILE A 1 93 ? 0.073   15.399  8.015   1.00 20.42 ? 93  ILE A C   1 
ATOM   699  O O   . ILE A 1 93 ? 1.024   16.010  7.531   1.00 21.31 ? 93  ILE A O   1 
ATOM   700  C CB  . ILE A 1 93 ? 1.511   13.690  9.198   1.00 21.13 ? 93  ILE A CB  1 
ATOM   701  C CG1 . ILE A 1 93 ? 1.411   12.708  8.029   1.00 21.32 ? 93  ILE A CG1 1 
ATOM   702  C CG2 . ILE A 1 93 ? 1.691   12.919  10.502  1.00 18.95 ? 93  ILE A CG2 1 
ATOM   703  C CD1 . ILE A 1 93 ? 2.665   11.871  7.839   1.00 19.17 ? 93  ILE A CD1 1 
ATOM   704  N N   . GLY A 1 94 ? -1.147  15.421  7.488   1.00 20.47 ? 94  GLY A N   1 
ATOM   705  C CA  . GLY A 1 94 ? -1.445  16.197  6.295   1.00 21.73 ? 94  GLY A CA  1 
ATOM   706  C C   . GLY A 1 94 ? -0.796  15.694  5.023   1.00 20.89 ? 94  GLY A C   1 
ATOM   707  O O   . GLY A 1 94 ? -0.446  16.480  4.141   1.00 20.53 ? 94  GLY A O   1 
ATOM   708  N N   . CYS A 1 95 ? -0.649  14.380  4.923   1.00 19.94 ? 95  CYS A N   1 
ATOM   709  C CA  . CYS A 1 95 ? -0.029  13.760  3.758   1.00 20.10 ? 95  CYS A CA  1 
ATOM   710  C C   . CYS A 1 95 ? -1.000  13.638  2.583   1.00 18.49 ? 95  CYS A C   1 
ATOM   711  O O   . CYS A 1 95 ? -2.151  13.233  2.759   1.00 18.57 ? 95  CYS A O   1 
ATOM   712  C CB  . CYS A 1 95 ? 0.506   12.375  4.146   1.00 21.34 ? 95  CYS A CB  1 
ATOM   713  S SG  . CYS A 1 95 ? 1.377   11.535  2.829   1.00 24.79 ? 95  CYS A SG  1 
ATOM   714  N N   . THR A 1 96 ? -0.536  13.996  1.386   1.00 16.32 ? 96  THR A N   1 
ATOM   715  C CA  . THR A 1 96 ? -1.361  13.912  0.182   1.00 15.33 ? 96  THR A CA  1 
ATOM   716  C C   . THR A 1 96 ? -0.603  13.278  -0.978  1.00 15.76 ? 96  THR A C   1 
ATOM   717  O O   . THR A 1 96 ? 0.624   13.239  -0.976  1.00 15.31 ? 96  THR A O   1 
ATOM   718  C CB  . THR A 1 96 ? -1.825  15.313  -0.301  1.00 17.39 ? 96  THR A CB  1 
ATOM   719  O OG1 . THR A 1 96 ? -0.673  16.126  -0.581  1.00 15.34 ? 96  THR A OG1 1 
ATOM   720  C CG2 . THR A 1 96 ? -2.687  15.993  0.753   1.00 16.68 ? 96  THR A CG2 1 
ATOM   721  N N   . LEU A 1 97 ? -1.344  12.767  -1.960  1.00 14.14 ? 97  LEU A N   1 
ATOM   722  C CA  . LEU A 1 97 ? -0.744  12.189  -3.156  1.00 16.29 ? 97  LEU A CA  1 
ATOM   723  C C   . LEU A 1 97 ? -0.922  13.272  -4.212  1.00 18.48 ? 97  LEU A C   1 
ATOM   724  O O   . LEU A 1 97 ? -2.012  13.825  -4.346  1.00 20.28 ? 97  LEU A O   1 
ATOM   725  C CB  . LEU A 1 97 ? -1.488  10.927  -3.594  1.00 17.15 ? 97  LEU A CB  1 
ATOM   726  C CG  . LEU A 1 97 ? -1.196  9.625   -2.847  1.00 17.19 ? 97  LEU A CG  1 
ATOM   727  C CD1 . LEU A 1 97 ? -2.212  8.564   -3.257  1.00 20.49 ? 97  LEU A CD1 1 
ATOM   728  C CD2 . LEU A 1 97 ? 0.218   9.160   -3.167  1.00 19.07 ? 97  LEU A CD2 1 
ATOM   729  N N   . ASN A 1 98 ? 0.135   13.582  -4.954  1.00 18.67 ? 98  ASN A N   1 
ATOM   730  C CA  . ASN A 1 98 ? 0.042   14.622  -5.971  1.00 19.89 ? 98  ASN A CA  1 
ATOM   731  C C   . ASN A 1 98 ? 0.650   14.234  -7.314  1.00 20.25 ? 98  ASN A C   1 
ATOM   732  O O   . ASN A 1 98 ? 1.751   13.697  -7.367  1.00 17.25 ? 98  ASN A O   1 
ATOM   733  C CB  . ASN A 1 98 ? 0.738   15.898  -5.490  1.00 20.94 ? 98  ASN A CB  1 
ATOM   734  C CG  . ASN A 1 98 ? 0.266   16.344  -4.120  1.00 24.21 ? 98  ASN A CG  1 
ATOM   735  O OD1 . ASN A 1 98 ? 0.643   15.767  -3.098  1.00 25.66 ? 98  ASN A OD1 1 
ATOM   736  N ND2 . ASN A 1 98 ? -0.566  17.373  -4.093  1.00 24.02 ? 98  ASN A ND2 1 
ATOM   737  N N   . PHE A 1 99 ? -0.078  14.507  -8.393  1.00 21.10 ? 99  PHE A N   1 
ATOM   738  C CA  . PHE A 1 99 ? 0.422   14.249  -9.741  1.00 23.09 ? 99  PHE A CA  1 
ATOM   739  C C   . PHE A 1 99 ? -0.331  15.109  -10.756 1.00 25.13 ? 99  PHE A C   1 
ATOM   740  O O   . PHE A 1 99 ? -0.127  14.900  -11.968 1.00 25.61 ? 99  PHE A O   1 
ATOM   741  C CB  . PHE A 1 99 ? 0.308   12.767  -10.121 1.00 22.47 ? 99  PHE A CB  1 
ATOM   742  C CG  . PHE A 1 99 ? -1.097  12.241  -10.141 1.00 27.09 ? 99  PHE A CG  1 
ATOM   743  C CD1 . PHE A 1 99 ? -1.730  11.866  -8.962  1.00 27.18 ? 99  PHE A CD1 1 
ATOM   744  C CD2 . PHE A 1 99 ? -1.787  12.115  -11.345 1.00 26.78 ? 99  PHE A CD2 1 
ATOM   745  C CE1 . PHE A 1 99 ? -3.031  11.369  -8.979  1.00 29.13 ? 99  PHE A CE1 1 
ATOM   746  C CE2 . PHE A 1 99 ? -3.088  11.619  -11.373 1.00 28.76 ? 99  PHE A CE2 1 
ATOM   747  C CZ  . PHE A 1 99 ? -3.711  11.245  -10.190 1.00 29.90 ? 99  PHE A CZ  1 
ATOM   748  O OXT . PHE A 1 99 ? -1.103  15.994  -10.324 1.00 22.47 ? 99  PHE A OXT 1 
ATOM   749  N N   . PRO B 1 1  ? -3.630  16.254  -9.924  1.00 26.97 ? 1   PRO B N   1 
ATOM   750  C CA  . PRO B 1 1  ? -4.546  16.638  -8.829  1.00 26.51 ? 1   PRO B CA  1 
ATOM   751  C C   . PRO B 1 1  ? -3.871  16.364  -7.496  1.00 24.96 ? 1   PRO B C   1 
ATOM   752  O O   . PRO B 1 1  ? -2.811  15.744  -7.448  1.00 23.63 ? 1   PRO B O   1 
ATOM   753  C CB  . PRO B 1 1  ? -5.790  15.768  -8.941  1.00 27.50 ? 1   PRO B CB  1 
ATOM   754  C CG  . PRO B 1 1  ? -5.557  14.991  -10.261 1.00 27.48 ? 1   PRO B CG  1 
ATOM   755  C CD  . PRO B 1 1  ? -4.051  14.961  -10.487 1.00 28.71 ? 1   PRO B CD  1 
ATOM   756  N N   . GLN B 1 2  ? -4.488  16.836  -6.420  1.00 23.79 ? 2   GLN B N   1 
ATOM   757  C CA  . GLN B 1 2  ? -3.982  16.596  -5.075  1.00 24.36 ? 2   GLN B CA  1 
ATOM   758  C C   . GLN B 1 2  ? -5.027  15.717  -4.399  1.00 22.71 ? 2   GLN B C   1 
ATOM   759  O O   . GLN B 1 2  ? -6.209  16.058  -4.359  1.00 21.69 ? 2   GLN B O   1 
ATOM   760  C CB  . GLN B 1 2  ? -3.815  17.905  -4.300  1.00 25.82 ? 2   GLN B CB  1 
ATOM   761  C CG  . GLN B 1 2  ? -3.590  17.688  -2.811  1.00 28.74 ? 2   GLN B CG  1 
ATOM   762  C CD  . GLN B 1 2  ? -3.023  18.910  -2.115  1.00 31.59 ? 2   GLN B CD  1 
ATOM   763  O OE1 . GLN B 1 2  ? -1.826  19.185  -2.198  1.00 31.54 ? 2   GLN B OE1 1 
ATOM   764  N NE2 . GLN B 1 2  ? -3.884  19.655  -1.432  1.00 33.59 ? 2   GLN B NE2 1 
ATOM   765  N N   . ILE B 1 3  ? -4.597  14.577  -3.876  1.00 22.33 ? 3   ILE B N   1 
ATOM   766  C CA  . ILE B 1 3  ? -5.527  13.652  -3.251  1.00 21.21 ? 3   ILE B CA  1 
ATOM   767  C C   . ILE B 1 3  ? -5.264  13.485  -1.765  1.00 19.03 ? 3   ILE B C   1 
ATOM   768  O O   . ILE B 1 3  ? -4.148  13.161  -1.351  1.00 17.85 ? 3   ILE B O   1 
ATOM   769  C CB  . ILE B 1 3  ? -5.470  12.256  -3.951  1.00 24.13 ? 3   ILE B CB  1 
ATOM   770  C CG1 . ILE B 1 3  ? -5.969  12.362  -5.397  1.00 26.35 ? 3   ILE B CG1 1 
ATOM   771  C CG2 . ILE B 1 3  ? -6.330  11.250  -3.203  1.00 22.93 ? 3   ILE B CG2 1 
ATOM   772  C CD1 . ILE B 1 3  ? -5.077  13.170  -6.317  1.00 31.18 ? 3   ILE B CD1 1 
ATOM   773  N N   . THR B 1 4  ? -6.296  13.729  -0.963  1.00 18.04 ? 4   THR B N   1 
ATOM   774  C CA  . THR B 1 4  ? -6.187  13.576  0.482   1.00 17.88 ? 4   THR B CA  1 
ATOM   775  C C   . THR B 1 4  ? -6.479  12.113  0.783   1.00 17.34 ? 4   THR B C   1 
ATOM   776  O O   . THR B 1 4  ? -6.999  11.391  -0.071  1.00 17.99 ? 4   THR B O   1 
ATOM   777  C CB  . THR B 1 4  ? -7.187  14.480  1.233   1.00 16.87 ? 4   THR B CB  1 
ATOM   778  O OG1 . THR B 1 4  ? -8.495  14.311  0.675   1.00 18.33 ? 4   THR B OG1 1 
ATOM   779  C CG2 . THR B 1 4  ? -6.762  15.938  1.126   1.00 18.82 ? 4   THR B CG2 1 
ATOM   780  N N   . LEU B 1 5  ? -6.162  11.675  1.994   1.00 17.29 ? 5   LEU B N   1 
ATOM   781  C CA  . LEU B 1 5  ? -6.343  10.273  2.336   1.00 16.23 ? 5   LEU B CA  1 
ATOM   782  C C   . LEU B 1 5  ? -7.400  9.923   3.383   1.00 17.50 ? 5   LEU B C   1 
ATOM   783  O O   . LEU B 1 5  ? -7.268  8.917   4.085   1.00 17.84 ? 5   LEU B O   1 
ATOM   784  C CB  . LEU B 1 5  ? -4.981  9.703   2.737   1.00 15.02 ? 5   LEU B CB  1 
ATOM   785  C CG  . LEU B 1 5  ? -3.941  9.867   1.621   1.00 13.99 ? 5   LEU B CG  1 
ATOM   786  C CD1 . LEU B 1 5  ? -2.536  9.658   2.160   1.00 13.41 ? 5   LEU B CD1 1 
ATOM   787  C CD2 . LEU B 1 5  ? -4.255  8.880   0.498   1.00 15.06 ? 5   LEU B CD2 1 
ATOM   788  N N   . TRP B 1 6  ? -8.451  10.736  3.488   1.00 17.09 ? 6   TRP B N   1 
ATOM   789  C CA  . TRP B 1 6  ? -9.520  10.450  4.442   1.00 17.74 ? 6   TRP B CA  1 
ATOM   790  C C   . TRP B 1 6  ? -10.307 9.262   3.913   1.00 16.72 ? 6   TRP B C   1 
ATOM   791  O O   . TRP B 1 6  ? -10.993 8.570   4.657   1.00 18.43 ? 6   TRP B O   1 
ATOM   792  C CB  . TRP B 1 6  ? -10.435 11.667  4.619   1.00 19.04 ? 6   TRP B CB  1 
ATOM   793  C CG  . TRP B 1 6  ? -9.700  12.839  5.169   1.00 23.22 ? 6   TRP B CG  1 
ATOM   794  C CD1 . TRP B 1 6  ? -9.201  13.900  4.468   1.00 24.90 ? 6   TRP B CD1 1 
ATOM   795  C CD2 . TRP B 1 6  ? -9.285  13.023  6.526   1.00 25.61 ? 6   TRP B CD2 1 
ATOM   796  N NE1 . TRP B 1 6  ? -8.493  14.729  5.305   1.00 25.68 ? 6   TRP B NE1 1 
ATOM   797  C CE2 . TRP B 1 6  ? -8.528  14.215  6.573   1.00 25.57 ? 6   TRP B CE2 1 
ATOM   798  C CE3 . TRP B 1 6  ? -9.473  12.292  7.706   1.00 26.76 ? 6   TRP B CE3 1 
ATOM   799  C CZ2 . TRP B 1 6  ? -7.960  14.696  7.757   1.00 27.61 ? 6   TRP B CZ2 1 
ATOM   800  C CZ3 . TRP B 1 6  ? -8.908  12.770  8.885   1.00 29.48 ? 6   TRP B CZ3 1 
ATOM   801  C CH2 . TRP B 1 6  ? -8.158  13.962  8.899   1.00 30.21 ? 6   TRP B CH2 1 
ATOM   802  N N   . LYS B 1 7  ? -10.186 9.026   2.614   1.00 16.71 ? 7   LYS B N   1 
ATOM   803  C CA  . LYS B 1 7  ? -10.855 7.907   1.969   1.00 16.35 ? 7   LYS B CA  1 
ATOM   804  C C   . LYS B 1 7  ? -9.798  7.185   1.146   1.00 17.47 ? 7   LYS B C   1 
ATOM   805  O O   . LYS B 1 7  ? -8.725  7.736   0.894   1.00 15.44 ? 7   LYS B O   1 
ATOM   806  C CB  . LYS B 1 7  ? -11.980 8.411   1.066   1.00 19.96 ? 7   LYS B CB  1 
ATOM   807  N N   . ARG B 1 8  ? -10.085 5.951   0.744   1.00 16.20 ? 8   ARG B N   1 
ATOM   808  C CA  . ARG B 1 8  ? -9.138  5.204   -0.073  1.00 17.03 ? 8   ARG B CA  1 
ATOM   809  C C   . ARG B 1 8  ? -8.927  5.985   -1.369  1.00 18.03 ? 8   ARG B C   1 
ATOM   810  O O   . ARG B 1 8  ? -9.886  6.494   -1.962  1.00 17.04 ? 8   ARG B O   1 
ATOM   811  C CB  . ARG B 1 8  ? -9.688  3.810   -0.395  1.00 17.76 ? 8   ARG B CB  1 
ATOM   812  C CG  . ARG B 1 8  ? -9.761  2.885   0.799   1.00 17.75 ? 8   ARG B CG  1 
ATOM   813  C CD  . ARG B 1 8  ? -10.172 1.476   0.383   1.00 23.09 ? 8   ARG B CD  1 
ATOM   814  N NE  . ARG B 1 8  ? -10.101 0.541   1.505   1.00 21.91 ? 8   ARG B NE  1 
ATOM   815  C CZ  . ARG B 1 8  ? -10.329 -0.765  1.406   1.00 26.63 ? 8   ARG B CZ  1 
ATOM   816  N NH1 . ARG B 1 8  ? -10.645 -1.297  0.233   1.00 26.41 ? 8   ARG B NH1 1 
ATOM   817  N NH2 . ARG B 1 8  ? -10.229 -1.542  2.480   1.00 27.21 ? 8   ARG B NH2 1 
ATOM   818  N N   . PRO B 1 9  ? -7.668  6.110   -1.815  1.00 16.40 ? 9   PRO B N   1 
ATOM   819  C CA  . PRO B 1 9  ? -7.367  6.842   -3.050  1.00 16.29 ? 9   PRO B CA  1 
ATOM   820  C C   . PRO B 1 9  ? -7.676  6.055   -4.318  1.00 16.97 ? 9   PRO B C   1 
ATOM   821  O O   . PRO B 1 9  ? -6.772  5.585   -5.013  1.00 15.24 ? 9   PRO B O   1 
ATOM   822  C CB  . PRO B 1 9  ? -5.878  7.168   -2.901  1.00 16.21 ? 9   PRO B CB  1 
ATOM   823  C CG  . PRO B 1 9  ? -5.361  5.996   -2.125  1.00 16.27 ? 9   PRO B CG  1 
ATOM   824  C CD  . PRO B 1 9  ? -6.434  5.799   -1.069  1.00 17.61 ? 9   PRO B CD  1 
ATOM   825  N N   . LEU B 1 10 ? -8.962  5.918   -4.620  1.00 18.80 ? 10  LEU B N   1 
ATOM   826  C CA  . LEU B 1 10 ? -9.392  5.189   -5.808  1.00 22.25 ? 10  LEU B CA  1 
ATOM   827  C C   . LEU B 1 10 ? -9.431  6.096   -7.032  1.00 23.45 ? 10  LEU B C   1 
ATOM   828  O O   . LEU B 1 10 ? -9.701  7.292   -6.925  1.00 24.22 ? 10  LEU B O   1 
ATOM   829  C CB  . LEU B 1 10 ? -10.780 4.584   -5.586  1.00 22.85 ? 10  LEU B CB  1 
ATOM   830  C CG  . LEU B 1 10 ? -10.904 3.526   -4.486  1.00 26.08 ? 10  LEU B CG  1 
ATOM   831  C CD1 . LEU B 1 10 ? -12.355 3.108   -4.346  1.00 27.53 ? 10  LEU B CD1 1 
ATOM   832  C CD2 . LEU B 1 10 ? -10.027 2.323   -4.823  1.00 25.54 ? 10  LEU B CD2 1 
ATOM   833  N N   . VAL B 1 11 ? -9.151  5.520   -8.195  1.00 21.63 ? 11  VAL B N   1 
ATOM   834  C CA  . VAL B 1 11 ? -9.182  6.268   -9.445  1.00 20.00 ? 11  VAL B CA  1 
ATOM   835  C C   . VAL B 1 11 ? -9.631  5.330   -10.545 1.00 19.87 ? 11  VAL B C   1 
ATOM   836  O O   . VAL B 1 11 ? -9.646  4.109   -10.368 1.00 17.31 ? 11  VAL B O   1 
ATOM   837  C CB  . VAL B 1 11 ? -7.795  6.825   -9.839  1.00 22.11 ? 11  VAL B CB  1 
ATOM   838  C CG1 . VAL B 1 11 ? -7.296  7.793   -8.774  1.00 24.60 ? 11  VAL B CG1 1 
ATOM   839  C CG2 . VAL B 1 11 ? -6.806  5.675   -10.035 1.00 21.39 ? 11  VAL B CG2 1 
ATOM   840  N N   . THR B 1 12 ? -9.994  5.905   -11.684 1.00 18.20 ? 12  THR B N   1 
ATOM   841  C CA  . THR B 1 12 ? -10.421 5.114   -12.817 1.00 19.31 ? 12  THR B CA  1 
ATOM   842  C C   . THR B 1 12 ? -9.237  4.967   -13.758 1.00 19.77 ? 12  THR B C   1 
ATOM   843  O O   . THR B 1 12 ? -8.466  5.907   -13.961 1.00 18.45 ? 12  THR B O   1 
ATOM   844  C CB  . THR B 1 12 ? -11.589 5.786   -13.568 1.00 21.69 ? 12  THR B CB  1 
ATOM   845  O OG1 . THR B 1 12 ? -12.715 5.902   -12.688 1.00 22.61 ? 12  THR B OG1 1 
ATOM   846  C CG2 . THR B 1 12 ? -11.993 4.956   -14.785 1.00 21.63 ? 12  THR B CG2 1 
ATOM   847  N N   . ILE B 1 13 ? -9.077  3.772   -14.308 1.00 18.72 ? 13  ILE B N   1 
ATOM   848  C CA  . ILE B 1 13 ? -7.998  3.524   -15.243 1.00 19.65 ? 13  ILE B CA  1 
ATOM   849  C C   . ILE B 1 13 ? -8.606  2.826   -16.442 1.00 22.00 ? 13  ILE B C   1 
ATOM   850  O O   . ILE B 1 13 ? -9.701  2.262   -16.348 1.00 19.72 ? 13  ILE B O   1 
ATOM   851  C CB  . ILE B 1 13 ? -6.914  2.599   -14.640 1.00 20.23 ? 13  ILE B CB  1 
ATOM   852  C CG1 . ILE B 1 13 ? -7.496  1.202   -14.397 1.00 19.25 ? 13  ILE B CG1 1 
ATOM   853  C CG2 . ILE B 1 13 ? -6.390  3.184   -13.329 1.00 20.82 ? 13  ILE B CG2 1 
ATOM   854  C CD1 . ILE B 1 13 ? -6.460  0.164   -13.990 1.00 20.43 ? 13  ILE B CD1 1 
ATOM   855  N N   . ARG B 1 14 ? -7.919  2.891   -17.577 1.00 22.81 ? 14  ARG B N   1 
ATOM   856  C CA  . ARG B 1 14 ? -8.396  2.198   -18.757 1.00 24.29 ? 14  ARG B CA  1 
ATOM   857  C C   . ARG B 1 14 ? -7.267  1.276   -19.164 1.00 22.42 ? 14  ARG B C   1 
ATOM   858  O O   . ARG B 1 14 ? -6.127  1.708   -19.329 1.00 20.58 ? 14  ARG B O   1 
ATOM   859  C CB  . ARG B 1 14 ? -8.735  3.160   -19.906 1.00 28.65 ? 14  ARG B CB  1 
ATOM   860  C CG  . ARG B 1 14 ? -9.593  2.480   -20.982 1.00 34.63 ? 14  ARG B CG  1 
ATOM   861  C CD  . ARG B 1 14 ? -10.012 3.389   -22.143 1.00 38.67 ? 14  ARG B CD  1 
ATOM   862  N NE  . ARG B 1 14 ? -8.910  3.670   -23.059 1.00 40.81 ? 14  ARG B NE  1 
ATOM   863  C CZ  . ARG B 1 14 ? -8.020  4.640   -22.879 1.00 43.80 ? 14  ARG B CZ  1 
ATOM   864  N NH1 . ARG B 1 14 ? -8.106  5.429   -21.816 1.00 45.66 ? 14  ARG B NH1 1 
ATOM   865  N NH2 . ARG B 1 14 ? -7.038  4.815   -23.754 1.00 44.18 ? 14  ARG B NH2 1 
ATOM   866  N N   . ILE B 1 15 ? -7.583  -0.004  -19.288 1.00 21.37 ? 15  ILE B N   1 
ATOM   867  C CA  . ILE B 1 15 ? -6.594  -0.991  -19.670 1.00 23.40 ? 15  ILE B CA  1 
ATOM   868  C C   . ILE B 1 15 ? -7.256  -1.998  -20.603 1.00 25.31 ? 15  ILE B C   1 
ATOM   869  O O   . ILE B 1 15 ? -8.403  -2.394  -20.385 1.00 23.53 ? 15  ILE B O   1 
ATOM   870  C CB  . ILE B 1 15 ? -6.016  -1.707  -18.418 1.00 25.03 ? 15  ILE B CB  1 
ATOM   871  C CG1 . ILE B 1 15 ? -4.981  -2.752  -18.845 1.00 24.22 ? 15  ILE B CG1 1 
ATOM   872  C CG2 . ILE B 1 15 ? -7.143  -2.329  -17.598 1.00 23.45 ? 15  ILE B CG2 1 
ATOM   873  C CD1 . ILE B 1 15 ? -4.262  -3.421  -17.690 1.00 24.60 ? 15  ILE B CD1 1 
ATOM   874  N N   . GLY B 1 16 ? -6.537  -2.392  -21.652 1.00 25.50 ? 16  GLY B N   1 
ATOM   875  C CA  . GLY B 1 16 ? -7.087  -3.338  -22.603 1.00 27.54 ? 16  GLY B CA  1 
ATOM   876  C C   . GLY B 1 16 ? -8.400  -2.842  -23.183 1.00 28.03 ? 16  GLY B C   1 
ATOM   877  O O   . GLY B 1 16 ? -9.254  -3.637  -23.572 1.00 30.44 ? 16  GLY B O   1 
ATOM   878  N N   . GLY B 1 17 ? -8.561  -1.520  -23.232 1.00 28.18 ? 17  GLY B N   1 
ATOM   879  C CA  . GLY B 1 17 ? -9.771  -0.932  -23.776 1.00 29.01 ? 17  GLY B CA  1 
ATOM   880  C C   . GLY B 1 17 ? -10.963 -0.937  -22.837 1.00 29.65 ? 17  GLY B C   1 
ATOM   881  O O   . GLY B 1 17 ? -12.054 -0.519  -23.227 1.00 31.19 ? 17  GLY B O   1 
ATOM   882  N N   . GLN B 1 18 ? -10.767 -1.403  -21.606 1.00 27.92 ? 18  GLN B N   1 
ATOM   883  C CA  . GLN B 1 18 ? -11.849 -1.452  -20.624 1.00 27.27 ? 18  GLN B CA  1 
ATOM   884  C C   . GLN B 1 18 ? -11.579 -0.537  -19.426 1.00 26.66 ? 18  GLN B C   1 
ATOM   885  O O   . GLN B 1 18 ? -10.426 -0.276  -19.082 1.00 27.08 ? 18  GLN B O   1 
ATOM   886  C CB  . GLN B 1 18 ? -12.046 -2.887  -20.146 1.00 27.20 ? 18  GLN B CB  1 
ATOM   887  N N   . LEU B 1 19 ? -12.645 -0.048  -18.799 1.00 23.04 ? 19  LEU B N   1 
ATOM   888  C CA  . LEU B 1 19 ? -12.518 0.825   -17.639 1.00 24.40 ? 19  LEU B CA  1 
ATOM   889  C C   . LEU B 1 19 ? -12.617 0.028   -16.347 1.00 24.53 ? 19  LEU B C   1 
ATOM   890  O O   . LEU B 1 19 ? -13.427 -0.891  -16.231 1.00 24.13 ? 19  LEU B O   1 
ATOM   891  C CB  . LEU B 1 19 ? -13.611 1.899   -17.634 1.00 27.31 ? 19  LEU B CB  1 
ATOM   892  C CG  . LEU B 1 19 ? -13.574 3.013   -18.683 1.00 29.29 ? 19  LEU B CG  1 
ATOM   893  C CD1 . LEU B 1 19 ? -14.755 3.953   -18.453 1.00 31.11 ? 19  LEU B CD1 1 
ATOM   894  C CD2 . LEU B 1 19 ? -12.265 3.782   -18.577 1.00 29.55 ? 19  LEU B CD2 1 
ATOM   895  N N   . LYS B 1 20 ? -11.787 0.386   -15.376 1.00 22.48 ? 20  LYS B N   1 
ATOM   896  C CA  . LYS B 1 20 ? -11.787 -0.281  -14.084 1.00 23.03 ? 20  LYS B CA  1 
ATOM   897  C C   . LYS B 1 20 ? -11.394 0.708   -13.004 1.00 21.32 ? 20  LYS B C   1 
ATOM   898  O O   . LYS B 1 20 ? -10.884 1.789   -13.296 1.00 20.71 ? 20  LYS B O   1 
ATOM   899  C CB  . LYS B 1 20 ? -10.823 -1.470  -14.083 1.00 25.19 ? 20  LYS B CB  1 
ATOM   900  C CG  . LYS B 1 20 ? -11.321 -2.643  -14.914 1.00 30.72 ? 20  LYS B CG  1 
ATOM   901  C CD  . LYS B 1 20 ? -10.532 -3.909  -14.652 1.00 33.06 ? 20  LYS B CD  1 
ATOM   902  C CE  . LYS B 1 20 ? -11.174 -5.096  -15.350 1.00 35.88 ? 20  LYS B CE  1 
ATOM   903  N NZ  . LYS B 1 20 ? -11.309 -4.860  -16.820 1.00 38.68 ? 20  LYS B NZ  1 
ATOM   904  N N   . GLU B 1 21 ? -11.648 0.335   -11.758 1.00 20.82 ? 21  GLU B N   1 
ATOM   905  C CA  . GLU B 1 21 ? -11.328 1.183   -10.626 1.00 21.28 ? 21  GLU B CA  1 
ATOM   906  C C   . GLU B 1 21 ? -10.136 0.574   -9.895  1.00 18.50 ? 21  GLU B C   1 
ATOM   907  O O   . GLU B 1 21 ? -10.097 -0.635  -9.674  1.00 16.83 ? 21  GLU B O   1 
ATOM   908  C CB  . GLU B 1 21 ? -12.542 1.266   -9.701  1.00 24.64 ? 21  GLU B CB  1 
ATOM   909  C CG  . GLU B 1 21 ? -12.411 2.260   -8.571  1.00 32.93 ? 21  GLU B CG  1 
ATOM   910  C CD  . GLU B 1 21 ? -13.718 2.443   -7.822  1.00 37.81 ? 21  GLU B CD  1 
ATOM   911  O OE1 . GLU B 1 21 ? -14.274 1.429   -7.342  1.00 40.42 ? 21  GLU B OE1 1 
ATOM   912  O OE2 . GLU B 1 21 ? -14.190 3.598   -7.717  1.00 39.60 ? 21  GLU B OE2 1 
ATOM   913  N N   . ALA B 1 22 ? -9.165  1.408   -9.532  1.00 17.25 ? 22  ALA B N   1 
ATOM   914  C CA  . ALA B 1 22 ? -7.979  0.929   -8.830  1.00 15.70 ? 22  ALA B CA  1 
ATOM   915  C C   . ALA B 1 22 ? -7.511  1.897   -7.739  1.00 16.05 ? 22  ALA B C   1 
ATOM   916  O O   . ALA B 1 22 ? -7.819  3.089   -7.769  1.00 14.66 ? 22  ALA B O   1 
ATOM   917  C CB  . ALA B 1 22 ? -6.860  0.678   -9.827  1.00 14.47 ? 22  ALA B CB  1 
ATOM   918  N N   . LEU B 1 23 ? -6.746  1.373   -6.787  1.00 13.42 ? 23  LEU B N   1 
ATOM   919  C CA  . LEU B 1 23 ? -6.238  2.156   -5.667  1.00 15.10 ? 23  LEU B CA  1 
ATOM   920  C C   . LEU B 1 23 ? -4.778  2.578   -5.878  1.00 14.80 ? 23  LEU B C   1 
ATOM   921  O O   . LEU B 1 23 ? -3.935  1.741   -6.201  1.00 12.88 ? 23  LEU B O   1 
ATOM   922  C CB  . LEU B 1 23 ? -6.356  1.311   -4.394  1.00 20.13 ? 23  LEU B CB  1 
ATOM   923  C CG  . LEU B 1 23 ? -6.091  1.889   -3.001  1.00 24.57 ? 23  LEU B CG  1 
ATOM   924  C CD1 . LEU B 1 23 ? -7.144  2.929   -2.655  1.00 26.96 ? 23  LEU B CD1 1 
ATOM   925  C CD2 . LEU B 1 23 ? -6.135  0.756   -1.988  1.00 27.86 ? 23  LEU B CD2 1 
ATOM   926  N N   . LEU B 1 24 ? -4.481  3.868   -5.702  1.00 12.69 ? 24  LEU B N   1 
ATOM   927  C CA  . LEU B 1 24 ? -3.100  4.353   -5.844  1.00 13.36 ? 24  LEU B CA  1 
ATOM   928  C C   . LEU B 1 24 ? -2.392  3.864   -4.584  1.00 11.25 ? 24  LEU B C   1 
ATOM   929  O O   . LEU B 1 24 ? -2.662  4.342   -3.477  1.00 13.87 ? 24  LEU B O   1 
ATOM   930  C CB  . LEU B 1 24 ? -3.071  5.878   -5.925  1.00 13.88 ? 24  LEU B CB  1 
ATOM   931  C CG  . LEU B 1 24 ? -3.886  6.455   -7.085  1.00 17.31 ? 24  LEU B CG  1 
ATOM   932  C CD1 . LEU B 1 24 ? -3.868  7.978   -7.021  1.00 15.62 ? 24  LEU B CD1 1 
ATOM   933  C CD2 . LEU B 1 24 ? -3.315  5.954   -8.404  1.00 17.52 ? 24  LEU B CD2 1 
ATOM   934  N N   . ASN B 1 25 ? -1.466  2.935   -4.770  1.00 10.89 ? 25  ASN B N   1 
ATOM   935  C CA  . ASN B 1 25 ? -0.790  2.275   -3.661  1.00 11.46 ? 25  ASN B CA  1 
ATOM   936  C C   . ASN B 1 25 ? 0.733   2.454   -3.562  1.00 11.04 ? 25  ASN B C   1 
ATOM   937  O O   . ASN B 1 25 ? 1.490   1.772   -4.257  1.00 11.20 ? 25  ASN B O   1 
ATOM   938  C CB  . ASN B 1 25 ? -1.138  0.783   -3.769  1.00 8.98  ? 25  ASN B CB  1 
ATOM   939  C CG  . ASN B 1 25 ? -0.772  0.001   -2.540  1.00 9.27  ? 25  ASN B CG  1 
ATOM   940  O OD1 . ASN B 1 25 ? -0.091  0.503   -1.646  1.00 10.80 ? 25  ASN B OD1 1 
ATOM   941  N ND2 . ASN B 1 25 ? -1.217  -1.249  -2.490  1.00 10.26 ? 25  ASN B ND2 1 
ATOM   942  N N   . THR B 1 26 ? 1.178   3.354   -2.686  1.00 10.06 ? 26  THR B N   1 
ATOM   943  C CA  . THR B 1 26 ? 2.608   3.593   -2.503  1.00 11.64 ? 26  THR B CA  1 
ATOM   944  C C   . THR B 1 26 ? 3.271   2.444   -1.741  1.00 11.84 ? 26  THR B C   1 
ATOM   945  O O   . THR B 1 26 ? 4.494   2.398   -1.621  1.00 14.41 ? 26  THR B O   1 
ATOM   946  C CB  . THR B 1 26 ? 2.876   4.901   -1.732  1.00 10.83 ? 26  THR B CB  1 
ATOM   947  O OG1 . THR B 1 26 ? 2.300   4.813   -0.422  1.00 11.00 ? 26  THR B OG1 1 
ATOM   948  C CG2 . THR B 1 26 ? 2.272   6.093   -2.477  1.00 9.10  ? 26  THR B CG2 1 
ATOM   949  N N   . GLY B 1 27 ? 2.458   1.521   -1.232  1.00 11.39 ? 27  GLY B N   1 
ATOM   950  C CA  . GLY B 1 27 ? 2.987   0.385   -0.497  1.00 9.88  ? 27  GLY B CA  1 
ATOM   951  C C   . GLY B 1 27 ? 3.177   -0.849  -1.362  1.00 9.82  ? 27  GLY B C   1 
ATOM   952  O O   . GLY B 1 27 ? 3.484   -1.935  -0.865  1.00 11.70 ? 27  GLY B O   1 
ATOM   953  N N   . ALA B 1 28 ? 2.997   -0.689  -2.667  1.00 9.87  ? 28  ALA B N   1 
ATOM   954  C CA  . ALA B 1 28 ? 3.162   -1.803  -3.595  1.00 9.51  ? 28  ALA B CA  1 
ATOM   955  C C   . ALA B 1 28 ? 4.256   -1.494  -4.614  1.00 12.40 ? 28  ALA B C   1 
ATOM   956  O O   . ALA B 1 28 ? 4.264   -0.417  -5.223  1.00 10.51 ? 28  ALA B O   1 
ATOM   957  C CB  . ALA B 1 28 ? 1.843   -2.080  -4.319  1.00 11.89 ? 28  ALA B CB  1 
ATOM   958  N N   . ASP B 1 29 ? 5.175   -2.436  -4.797  1.00 10.93 ? 29  ASP B N   1 
ATOM   959  C CA  . ASP B 1 29 ? 6.251   -2.262  -5.767  1.00 11.18 ? 29  ASP B CA  1 
ATOM   960  C C   . ASP B 1 29 ? 5.662   -2.347  -7.173  1.00 12.84 ? 29  ASP B C   1 
ATOM   961  O O   . ASP B 1 29 ? 6.050   -1.597  -8.069  1.00 8.98  ? 29  ASP B O   1 
ATOM   962  C CB  . ASP B 1 29 ? 7.303   -3.373  -5.656  1.00 12.76 ? 29  ASP B CB  1 
ATOM   963  C CG  . ASP B 1 29 ? 8.006   -3.401  -4.315  1.00 16.31 ? 29  ASP B CG  1 
ATOM   964  O OD1 . ASP B 1 29 ? 8.103   -2.341  -3.667  1.00 15.05 ? 29  ASP B OD1 1 
ATOM   965  O OD2 . ASP B 1 29 ? 8.482   -4.490  -3.923  1.00 14.49 ? 29  ASP B OD2 1 
ATOM   966  N N   . ASP B 1 30 ? 4.715   -3.265  -7.341  1.00 11.74 ? 30  ASP B N   1 
ATOM   967  C CA  . ASP B 1 30 ? 4.096   -3.521  -8.635  1.00 13.24 ? 30  ASP B CA  1 
ATOM   968  C C   . ASP B 1 30 ? 2.615   -3.192  -8.725  1.00 13.72 ? 30  ASP B C   1 
ATOM   969  O O   . ASP B 1 30 ? 1.962   -2.872  -7.724  1.00 13.92 ? 30  ASP B O   1 
ATOM   970  C CB  . ASP B 1 30 ? 4.279   -4.994  -8.999  1.00 14.24 ? 30  ASP B CB  1 
ATOM   971  C CG  . ASP B 1 30 ? 5.695   -5.480  -8.766  1.00 16.79 ? 30  ASP B CG  1 
ATOM   972  O OD1 . ASP B 1 30 ? 6.610   -5.002  -9.460  1.00 18.68 ? 30  ASP B OD1 1 
ATOM   973  O OD2 . ASP B 1 30 ? 5.896   -6.338  -7.882  1.00 20.74 ? 30  ASP B OD2 1 
ATOM   974  N N   . THR B 1 31 ? 2.104   -3.287  -9.946  1.00 11.95 ? 31  THR B N   1 
ATOM   975  C CA  . THR B 1 31 ? 0.701   -3.039  -10.248 1.00 12.42 ? 31  THR B CA  1 
ATOM   976  C C   . THR B 1 31 ? 0.047   -4.412  -10.395 1.00 13.16 ? 31  THR B C   1 
ATOM   977  O O   . THR B 1 31 ? 0.482   -5.244  -11.200 1.00 12.71 ? 31  THR B O   1 
ATOM   978  C CB  . THR B 1 31 ? 0.564   -2.226  -11.555 1.00 12.83 ? 31  THR B CB  1 
ATOM   979  O OG1 . THR B 1 31 ? 1.059   -0.896  -11.334 1.00 14.71 ? 31  THR B OG1 1 
ATOM   980  C CG2 . THR B 1 31 ? -0.879  -2.162  -12.010 1.00 10.29 ? 31  THR B CG2 1 
ATOM   981  N N   . VAL B 1 32 ? -0.989  -4.646  -9.599  1.00 14.04 ? 32  VAL B N   1 
ATOM   982  C CA  . VAL B 1 32 ? -1.683  -5.924  -9.600  1.00 11.53 ? 32  VAL B CA  1 
ATOM   983  C C   . VAL B 1 32 ? -3.180  -5.712  -9.774  1.00 12.94 ? 32  VAL B C   1 
ATOM   984  O O   . VAL B 1 32 ? -3.806  -4.972  -9.020  1.00 10.73 ? 32  VAL B O   1 
ATOM   985  C CB  . VAL B 1 32 ? -1.429  -6.686  -8.275  1.00 12.45 ? 32  VAL B CB  1 
ATOM   986  C CG1 . VAL B 1 32 ? -1.982  -8.115  -8.368  1.00 11.02 ? 32  VAL B CG1 1 
ATOM   987  C CG2 . VAL B 1 32 ? 0.067   -6.703  -7.968  1.00 11.02 ? 32  VAL B CG2 1 
ATOM   988  N N   . LEU B 1 33 ? -3.741  -6.361  -10.785 1.00 12.88 ? 33  LEU B N   1 
ATOM   989  C CA  . LEU B 1 33 ? -5.164  -6.254  -11.068 1.00 14.09 ? 33  LEU B CA  1 
ATOM   990  C C   . LEU B 1 33 ? -5.812  -7.608  -10.858 1.00 14.57 ? 33  LEU B C   1 
ATOM   991  O O   . LEU B 1 33 ? -5.149  -8.644  -10.960 1.00 12.35 ? 33  LEU B O   1 
ATOM   992  C CB  . LEU B 1 33 ? -5.381  -5.809  -12.512 1.00 15.46 ? 33  LEU B CB  1 
ATOM   993  C CG  . LEU B 1 33 ? -4.668  -4.539  -12.974 1.00 19.61 ? 33  LEU B CG  1 
ATOM   994  C CD1 . LEU B 1 33 ? -5.047  -4.264  -14.425 1.00 23.14 ? 33  LEU B CD1 1 
ATOM   995  C CD2 . LEU B 1 33 ? -5.056  -3.365  -12.097 1.00 21.19 ? 33  LEU B CD2 1 
ATOM   996  N N   . GLU B 1 34 ? -7.107  -7.611  -10.561 1.00 16.20 ? 34  GLU B N   1 
ATOM   997  C CA  . GLU B 1 34 ? -7.797  -8.869  -10.350 1.00 20.75 ? 34  GLU B CA  1 
ATOM   998  C C   . GLU B 1 34 ? -7.921  -9.611  -11.672 1.00 22.66 ? 34  GLU B C   1 
ATOM   999  O O   . GLU B 1 34 ? -7.781  -9.016  -12.744 1.00 18.94 ? 34  GLU B O   1 
ATOM   1000 C CB  . GLU B 1 34 ? -9.169  -8.637  -9.703  1.00 25.22 ? 34  GLU B CB  1 
ATOM   1001 C CG  . GLU B 1 34 ? -9.955  -7.470  -10.251 1.00 32.57 ? 34  GLU B CG  1 
ATOM   1002 C CD  . GLU B 1 34 ? -11.128 -7.099  -9.353  1.00 35.79 ? 34  GLU B CD  1 
ATOM   1003 O OE1 . GLU B 1 34 ? -10.899 -6.796  -8.160  1.00 36.28 ? 34  GLU B OE1 1 
ATOM   1004 O OE2 . GLU B 1 34 ? -12.277 -7.111  -9.845  1.00 38.24 ? 34  GLU B OE2 1 
ATOM   1005 N N   A GLU B 1 35 ? -8.166  -10.916 -11.589 0.50 23.53 ? 35  GLU B N   1 
ATOM   1006 N N   B GLU B 1 35 ? -8.182  -10.912 -11.587 0.50 23.94 ? 35  GLU B N   1 
ATOM   1007 C CA  A GLU B 1 35 ? -8.283  -11.759 -12.775 0.50 26.75 ? 35  GLU B CA  1 
ATOM   1008 C CA  B GLU B 1 35 ? -8.316  -11.762 -12.765 0.50 27.58 ? 35  GLU B CA  1 
ATOM   1009 C C   A GLU B 1 35 ? -9.029  -11.082 -13.914 0.50 26.92 ? 35  GLU B C   1 
ATOM   1010 C C   B GLU B 1 35 ? -9.039  -11.078 -13.919 0.50 27.39 ? 35  GLU B C   1 
ATOM   1011 O O   A GLU B 1 35 ? -10.097 -10.507 -13.720 0.50 27.33 ? 35  GLU B O   1 
ATOM   1012 O O   B GLU B 1 35 ? -10.106 -10.494 -13.737 0.50 27.78 ? 35  GLU B O   1 
ATOM   1013 C CB  A GLU B 1 35 ? -8.973  -13.082 -12.424 0.50 28.73 ? 35  GLU B CB  1 
ATOM   1014 C CB  B GLU B 1 35 ? -9.056  -13.050 -12.400 0.50 30.46 ? 35  GLU B CB  1 
ATOM   1015 C CG  A GLU B 1 35 ? -9.210  -13.988 -13.626 0.50 31.42 ? 35  GLU B CG  1 
ATOM   1016 C CG  B GLU B 1 35 ? -8.255  -14.012 -11.543 0.50 34.75 ? 35  GLU B CG  1 
ATOM   1017 C CD  A GLU B 1 35 ? -7.934  -14.316 -14.374 0.50 32.82 ? 35  GLU B CD  1 
ATOM   1018 C CD  B GLU B 1 35 ? -6.977  -14.462 -12.220 0.50 37.34 ? 35  GLU B CD  1 
ATOM   1019 O OE1 A GLU B 1 35 ? -7.051  -14.977 -13.790 0.50 35.42 ? 35  GLU B OE1 1 
ATOM   1020 O OE1 B GLU B 1 35 ? -7.028  -14.795 -13.423 0.50 39.74 ? 35  GLU B OE1 1 
ATOM   1021 O OE2 A GLU B 1 35 ? -7.812  -13.909 -15.549 0.50 32.77 ? 35  GLU B OE2 1 
ATOM   1022 O OE2 B GLU B 1 35 ? -5.924  -14.494 -11.548 0.50 38.47 ? 35  GLU B OE2 1 
ATOM   1023 N N   . MET B 1 36 ? -8.445  -11.157 -15.106 1.00 27.65 ? 36  MET B N   1 
ATOM   1024 C CA  . MET B 1 36 ? -9.027  -10.559 -16.299 1.00 28.29 ? 36  MET B CA  1 
ATOM   1025 C C   . MET B 1 36 ? -8.172  -10.991 -17.481 1.00 28.52 ? 36  MET B C   1 
ATOM   1026 O O   . MET B 1 36 ? -7.029  -11.406 -17.310 1.00 26.73 ? 36  MET B O   1 
ATOM   1027 C CB  . MET B 1 36 ? -9.017  -9.029  -16.196 1.00 26.91 ? 36  MET B CB  1 
ATOM   1028 C CG  . MET B 1 36 ? -7.643  -8.398  -16.408 1.00 29.08 ? 36  MET B CG  1 
ATOM   1029 S SD  . MET B 1 36 ? -7.658  -6.601  -16.281 1.00 29.63 ? 36  MET B SD  1 
ATOM   1030 C CE  . MET B 1 36 ? -8.626  -6.170  -17.744 1.00 30.94 ? 36  MET B CE  1 
ATOM   1031 N N   . ASN B 1 37 ? -8.726  -10.898 -18.683 1.00 30.23 ? 37  ASN B N   1 
ATOM   1032 C CA  . ASN B 1 37 ? -7.971  -11.269 -19.869 1.00 31.02 ? 37  ASN B CA  1 
ATOM   1033 C C   . ASN B 1 37 ? -7.261  -10.047 -20.439 1.00 28.84 ? 37  ASN B C   1 
ATOM   1034 O O   . ASN B 1 37 ? -7.815  -8.952  -20.465 1.00 29.53 ? 37  ASN B O   1 
ATOM   1035 C CB  . ASN B 1 37 ? -8.899  -11.864 -20.933 1.00 33.11 ? 37  ASN B CB  1 
ATOM   1036 C CG  . ASN B 1 37 ? -9.214  -13.331 -20.686 1.00 35.76 ? 37  ASN B CG  1 
ATOM   1037 O OD1 . ASN B 1 37 ? -10.054 -13.914 -21.370 1.00 40.66 ? 37  ASN B OD1 1 
ATOM   1038 N ND2 . ASN B 1 37 ? -8.535  -13.936 -19.719 1.00 36.08 ? 37  ASN B ND2 1 
ATOM   1039 N N   . LEU B 1 38 ? -6.022  -10.242 -20.870 1.00 27.24 ? 38  LEU B N   1 
ATOM   1040 C CA  . LEU B 1 38 ? -5.235  -9.178  -21.479 1.00 27.71 ? 38  LEU B CA  1 
ATOM   1041 C C   . LEU B 1 38 ? -4.503  -9.791  -22.663 1.00 28.91 ? 38  LEU B C   1 
ATOM   1042 O O   . LEU B 1 38 ? -4.043  -10.930 -22.592 1.00 27.99 ? 38  LEU B O   1 
ATOM   1043 C CB  . LEU B 1 38 ? -4.214  -8.594  -20.492 1.00 26.32 ? 38  LEU B CB  1 
ATOM   1044 C CG  . LEU B 1 38 ? -4.726  -7.662  -19.390 1.00 25.43 ? 38  LEU B CG  1 
ATOM   1045 C CD1 . LEU B 1 38 ? -3.559  -7.181  -18.534 1.00 24.27 ? 38  LEU B CD1 1 
ATOM   1046 C CD2 . LEU B 1 38 ? -5.441  -6.480  -20.017 1.00 24.93 ? 38  LEU B CD2 1 
ATOM   1047 N N   . PRO B 1 39 ? -4.398  -9.050  -23.775 1.00 31.63 ? 39  PRO B N   1 
ATOM   1048 C CA  . PRO B 1 39 ? -3.703  -9.586  -24.947 1.00 32.27 ? 39  PRO B CA  1 
ATOM   1049 C C   . PRO B 1 39 ? -2.207  -9.721  -24.688 1.00 33.42 ? 39  PRO B C   1 
ATOM   1050 O O   . PRO B 1 39 ? -1.654  -9.042  -23.821 1.00 33.87 ? 39  PRO B O   1 
ATOM   1051 C CB  . PRO B 1 39 ? -4.012  -8.554  -26.034 1.00 33.92 ? 39  PRO B CB  1 
ATOM   1052 C CG  . PRO B 1 39 ? -5.322  -7.953  -25.582 1.00 33.40 ? 39  PRO B CG  1 
ATOM   1053 C CD  . PRO B 1 39 ? -5.078  -7.787  -24.104 1.00 32.00 ? 39  PRO B CD  1 
ATOM   1054 N N   . GLY B 1 40 ? -1.558  -10.602 -25.441 1.00 33.80 ? 40  GLY B N   1 
ATOM   1055 C CA  . GLY B 1 40 ? -0.130  -10.791 -25.278 1.00 33.04 ? 40  GLY B CA  1 
ATOM   1056 C C   . GLY B 1 40 ? 0.226   -12.017 -24.466 1.00 33.06 ? 40  GLY B C   1 
ATOM   1057 O O   . GLY B 1 40 ? -0.637  -12.653 -23.862 1.00 33.90 ? 40  GLY B O   1 
ATOM   1058 N N   . LYS B 1 41 ? 1.511   -12.350 -24.457 1.00 31.75 ? 41  LYS B N   1 
ATOM   1059 C CA  . LYS B 1 41 ? 1.998   -13.500 -23.716 1.00 33.10 ? 41  LYS B CA  1 
ATOM   1060 C C   . LYS B 1 41 ? 2.225   -13.113 -22.261 1.00 33.12 ? 41  LYS B C   1 
ATOM   1061 O O   . LYS B 1 41 ? 2.473   -11.948 -21.948 1.00 33.88 ? 41  LYS B O   1 
ATOM   1062 C CB  . LYS B 1 41 ? 3.299   -14.004 -24.330 1.00 32.20 ? 41  LYS B CB  1 
ATOM   1063 N N   . TRP B 1 42 ? 2.134   -14.092 -21.369 1.00 32.58 ? 42  TRP B N   1 
ATOM   1064 C CA  . TRP B 1 42 ? 2.355   -13.834 -19.955 1.00 31.48 ? 42  TRP B CA  1 
ATOM   1065 C C   . TRP B 1 42 ? 3.203   -14.940 -19.348 1.00 30.41 ? 42  TRP B C   1 
ATOM   1066 O O   . TRP B 1 42 ? 3.170   -16.085 -19.808 1.00 32.04 ? 42  TRP B O   1 
ATOM   1067 C CB  . TRP B 1 42 ? 1.025   -13.738 -19.205 1.00 31.81 ? 42  TRP B CB  1 
ATOM   1068 C CG  . TRP B 1 42 ? 0.175   -14.969 -19.303 1.00 32.55 ? 42  TRP B CG  1 
ATOM   1069 C CD1 . TRP B 1 42 ? -0.798  -15.224 -20.230 1.00 31.60 ? 42  TRP B CD1 1 
ATOM   1070 C CD2 . TRP B 1 42 ? 0.212   -16.108 -18.434 1.00 31.55 ? 42  TRP B CD2 1 
ATOM   1071 N NE1 . TRP B 1 42 ? -1.372  -16.448 -19.988 1.00 31.67 ? 42  TRP B NE1 1 
ATOM   1072 C CE2 . TRP B 1 42 ? -0.770  -17.015 -18.892 1.00 31.61 ? 42  TRP B CE2 1 
ATOM   1073 C CE3 . TRP B 1 42 ? 0.979   -16.454 -17.313 1.00 31.54 ? 42  TRP B CE3 1 
ATOM   1074 C CZ2 . TRP B 1 42 ? -1.010  -18.245 -18.265 1.00 30.31 ? 42  TRP B CZ2 1 
ATOM   1075 C CZ3 . TRP B 1 42 ? 0.743   -17.679 -16.688 1.00 31.21 ? 42  TRP B CZ3 1 
ATOM   1076 C CH2 . TRP B 1 42 ? -0.243  -18.558 -17.168 1.00 31.49 ? 42  TRP B CH2 1 
ATOM   1077 N N   . LYS B 1 43 ? 3.961   -14.587 -18.318 1.00 26.76 ? 43  LYS B N   1 
ATOM   1078 C CA  . LYS B 1 43 ? 4.819   -15.538 -17.629 1.00 25.21 ? 43  LYS B CA  1 
ATOM   1079 C C   . LYS B 1 43 ? 4.355   -15.651 -16.183 1.00 24.64 ? 43  LYS B C   1 
ATOM   1080 O O   . LYS B 1 43 ? 3.933   -14.661 -15.582 1.00 22.91 ? 43  LYS B O   1 
ATOM   1081 C CB  . LYS B 1 43 ? 6.271   -15.068 -17.681 1.00 25.41 ? 43  LYS B CB  1 
ATOM   1082 N N   . PRO B 1 44 ? 4.411   -16.863 -15.607 1.00 23.67 ? 44  PRO B N   1 
ATOM   1083 C CA  . PRO B 1 44 ? 3.985   -17.055 -14.216 1.00 23.38 ? 44  PRO B CA  1 
ATOM   1084 C C   . PRO B 1 44 ? 4.975   -16.400 -13.259 1.00 23.73 ? 44  PRO B C   1 
ATOM   1085 O O   . PRO B 1 44 ? 6.184   -16.465 -13.467 1.00 22.19 ? 44  PRO B O   1 
ATOM   1086 C CB  . PRO B 1 44 ? 3.970   -18.577 -14.059 1.00 24.16 ? 44  PRO B CB  1 
ATOM   1087 C CG  . PRO B 1 44 ? 3.807   -19.084 -15.468 1.00 23.98 ? 44  PRO B CG  1 
ATOM   1088 C CD  . PRO B 1 44 ? 4.691   -18.157 -16.249 1.00 24.13 ? 44  PRO B CD  1 
ATOM   1089 N N   . LYS B 1 45 ? 4.460   -15.765 -12.214 1.00 22.45 ? 45  LYS B N   1 
ATOM   1090 C CA  . LYS B 1 45 ? 5.313   -15.111 -11.235 1.00 21.56 ? 45  LYS B CA  1 
ATOM   1091 C C   . LYS B 1 45 ? 4.631   -15.170 -9.881  1.00 20.57 ? 45  LYS B C   1 
ATOM   1092 O O   . LYS B 1 45 ? 3.431   -15.419 -9.795  1.00 20.44 ? 45  LYS B O   1 
ATOM   1093 C CB  . LYS B 1 45 ? 5.565   -13.657 -11.640 1.00 20.54 ? 45  LYS B CB  1 
ATOM   1094 N N   . MET B 1 46 ? 5.403   -14.964 -8.822  1.00 20.48 ? 46  MET B N   1 
ATOM   1095 C CA  . MET B 1 46 ? 4.851   -14.974 -7.478  1.00 20.45 ? 46  MET B CA  1 
ATOM   1096 C C   . MET B 1 46 ? 5.188   -13.659 -6.801  1.00 20.26 ? 46  MET B C   1 
ATOM   1097 O O   . MET B 1 46 ? 6.288   -13.141 -6.971  1.00 21.57 ? 46  MET B O   1 
ATOM   1098 C CB  . MET B 1 46 ? 5.435   -16.126 -6.669  1.00 24.18 ? 46  MET B CB  1 
ATOM   1099 C CG  . MET B 1 46 ? 4.981   -17.500 -7.127  1.00 29.15 ? 46  MET B CG  1 
ATOM   1100 S SD  . MET B 1 46 ? 5.678   -18.792 -6.079  1.00 33.16 ? 46  MET B SD  1 
ATOM   1101 C CE  . MET B 1 46 ? 4.615   -18.650 -4.646  1.00 29.11 ? 46  MET B CE  1 
ATOM   1102 N N   . ILE B 1 47 ? 4.236   -13.113 -6.051  1.00 17.45 ? 47  ILE B N   1 
ATOM   1103 C CA  . ILE B 1 47 ? 4.451   -11.865 -5.330  1.00 16.71 ? 47  ILE B CA  1 
ATOM   1104 C C   . ILE B 1 47 ? 3.981   -12.044 -3.895  1.00 15.23 ? 47  ILE B C   1 
ATOM   1105 O O   . ILE B 1 47 ? 3.158   -12.916 -3.603  1.00 15.47 ? 47  ILE B O   1 
ATOM   1106 C CB  . ILE B 1 47 ? 3.675   -10.672 -5.960  1.00 18.71 ? 47  ILE B CB  1 
ATOM   1107 C CG1 . ILE B 1 47 ? 2.180   -11.006 -6.043  1.00 17.58 ? 47  ILE B CG1 1 
ATOM   1108 C CG2 . ILE B 1 47 ? 4.259   -10.330 -7.327  1.00 15.87 ? 47  ILE B CG2 1 
ATOM   1109 C CD1 . ILE B 1 47 ? 1.320   -9.855  -6.544  1.00 16.12 ? 47  ILE B CD1 1 
ATOM   1110 N N   . GLY B 1 48 ? 4.509   -11.219 -3.003  1.00 14.43 ? 48  GLY B N   1 
ATOM   1111 C CA  . GLY B 1 48 ? 4.144   -11.319 -1.605  1.00 15.68 ? 48  GLY B CA  1 
ATOM   1112 C C   . GLY B 1 48 ? 3.315   -10.158 -1.105  1.00 17.51 ? 48  GLY B C   1 
ATOM   1113 O O   . GLY B 1 48 ? 3.411   -9.023  -1.600  1.00 15.89 ? 48  GLY B O   1 
ATOM   1114 N N   . GLY B 1 49 ? 2.487   -10.457 -0.114  1.00 15.77 ? 49  GLY B N   1 
ATOM   1115 C CA  . GLY B 1 49 ? 1.635   -9.446  0.475   1.00 18.27 ? 49  GLY B CA  1 
ATOM   1116 C C   . GLY B 1 49 ? 1.659   -9.576  1.983   1.00 19.14 ? 49  GLY B C   1 
ATOM   1117 O O   . GLY B 1 49 ? 2.457   -10.332 2.538   1.00 15.94 ? 49  GLY B O   1 
ATOM   1118 N N   . ILE B 1 50 ? 0.763   -8.850  2.639   1.00 19.13 ? 50  ILE B N   1 
ATOM   1119 C CA  . ILE B 1 50 ? 0.680   -8.856  4.086   1.00 20.45 ? 50  ILE B CA  1 
ATOM   1120 C C   . ILE B 1 50 ? 0.366   -10.242 4.636   1.00 19.56 ? 50  ILE B C   1 
ATOM   1121 O O   . ILE B 1 50 ? 0.828   -10.597 5.716   1.00 21.09 ? 50  ILE B O   1 
ATOM   1122 C CB  . ILE B 1 50 ? -0.410  -7.859  4.582   1.00 21.26 ? 50  ILE B CB  1 
ATOM   1123 C CG1 . ILE B 1 50 ? -0.202  -7.547  6.064   1.00 24.73 ? 50  ILE B CG1 1 
ATOM   1124 C CG2 . ILE B 1 50 ? -1.794  -8.438  4.363   1.00 22.23 ? 50  ILE B CG2 1 
ATOM   1125 C CD1 . ILE B 1 50 ? 1.085   -6.804  6.345   1.00 26.43 ? 50  ILE B CD1 1 
ATOM   1126 N N   . GLY B 1 51 ? -0.397  -11.029 3.885   1.00 16.45 ? 51  GLY B N   1 
ATOM   1127 C CA  . GLY B 1 51 ? -0.768  -12.348 4.365   1.00 17.95 ? 51  GLY B CA  1 
ATOM   1128 C C   . GLY B 1 51 ? -0.087  -13.543 3.733   1.00 18.74 ? 51  GLY B C   1 
ATOM   1129 O O   . GLY B 1 51 ? -0.416  -14.684 4.064   1.00 17.09 ? 51  GLY B O   1 
ATOM   1130 N N   . GLY B 1 52 ? 0.859   -13.297 2.833   1.00 17.73 ? 52  GLY B N   1 
ATOM   1131 C CA  . GLY B 1 52 ? 1.553   -14.398 2.192   1.00 18.43 ? 52  GLY B CA  1 
ATOM   1132 C C   . GLY B 1 52 ? 1.813   -14.157 0.718   1.00 17.84 ? 52  GLY B C   1 
ATOM   1133 O O   . GLY B 1 52 ? 1.731   -13.024 0.242   1.00 14.45 ? 52  GLY B O   1 
ATOM   1134 N N   . PHE B 1 53 ? 2.120   -15.229 -0.004  1.00 16.33 ? 53  PHE B N   1 
ATOM   1135 C CA  . PHE B 1 53 ? 2.406   -15.138 -1.427  1.00 16.61 ? 53  PHE B CA  1 
ATOM   1136 C C   . PHE B 1 53 ? 1.299   -15.714 -2.291  1.00 16.25 ? 53  PHE B C   1 
ATOM   1137 O O   . PHE B 1 53 ? 0.572   -16.612 -1.867  1.00 16.47 ? 53  PHE B O   1 
ATOM   1138 C CB  . PHE B 1 53 ? 3.716   -15.864 -1.750  1.00 18.52 ? 53  PHE B CB  1 
ATOM   1139 C CG  . PHE B 1 53 ? 4.939   -15.145 -1.263  1.00 19.60 ? 53  PHE B CG  1 
ATOM   1140 C CD1 . PHE B 1 53 ? 5.212   -15.047 0.097   1.00 20.73 ? 53  PHE B CD1 1 
ATOM   1141 C CD2 . PHE B 1 53 ? 5.807   -14.538 -2.168  1.00 19.76 ? 53  PHE B CD2 1 
ATOM   1142 C CE1 . PHE B 1 53 ? 6.332   -14.349 0.550   1.00 20.65 ? 53  PHE B CE1 1 
ATOM   1143 C CE2 . PHE B 1 53 ? 6.920   -13.843 -1.726  1.00 18.75 ? 53  PHE B CE2 1 
ATOM   1144 C CZ  . PHE B 1 53 ? 7.184   -13.748 -0.362  1.00 20.70 ? 53  PHE B CZ  1 
ATOM   1145 N N   . ILE B 1 54 ? 1.174   -15.182 -3.503  1.00 12.90 ? 54  ILE B N   1 
ATOM   1146 C CA  . ILE B 1 54 ? 0.175   -15.656 -4.460  1.00 15.10 ? 54  ILE B CA  1 
ATOM   1147 C C   . ILE B 1 54 ? 0.836   -15.757 -5.833  1.00 14.09 ? 54  ILE B C   1 
ATOM   1148 O O   . ILE B 1 54 ? 1.882   -15.154 -6.072  1.00 13.07 ? 54  ILE B O   1 
ATOM   1149 C CB  . ILE B 1 54 ? -1.041  -14.696 -4.582  1.00 15.79 ? 54  ILE B CB  1 
ATOM   1150 C CG1 . ILE B 1 54 ? -0.582  -13.332 -5.099  1.00 15.26 ? 54  ILE B CG1 1 
ATOM   1151 C CG2 . ILE B 1 54 ? -1.752  -14.558 -3.226  1.00 16.72 ? 54  ILE B CG2 1 
ATOM   1152 C CD1 . ILE B 1 54 ? -1.738  -12.402 -5.476  1.00 15.24 ? 54  ILE B CD1 1 
ATOM   1153 N N   . LYS B 1 55 ? 0.224   -16.522 -6.729  1.00 16.02 ? 55  LYS B N   1 
ATOM   1154 C CA  . LYS B 1 55 ? 0.752   -16.688 -8.078  1.00 17.40 ? 55  LYS B CA  1 
ATOM   1155 C C   . LYS B 1 55 ? -0.002  -15.739 -9.001  1.00 16.97 ? 55  LYS B C   1 
ATOM   1156 O O   . LYS B 1 55 ? -1.224  -15.614 -8.909  1.00 17.48 ? 55  LYS B O   1 
ATOM   1157 C CB  . LYS B 1 55 ? 0.570   -18.132 -8.540  1.00 17.03 ? 55  LYS B CB  1 
ATOM   1158 N N   . VAL B 1 56 ? 0.724   -15.063 -9.883  1.00 17.27 ? 56  VAL B N   1 
ATOM   1159 C CA  . VAL B 1 56 ? 0.100   -14.127 -10.809 1.00 18.94 ? 56  VAL B CA  1 
ATOM   1160 C C   . VAL B 1 56 ? 0.660   -14.306 -12.216 1.00 20.29 ? 56  VAL B C   1 
ATOM   1161 O O   . VAL B 1 56 ? 1.640   -15.022 -12.410 1.00 21.94 ? 56  VAL B O   1 
ATOM   1162 C CB  . VAL B 1 56 ? 0.343   -12.660 -10.374 1.00 16.52 ? 56  VAL B CB  1 
ATOM   1163 C CG1 . VAL B 1 56 ? -0.265  -12.408 -8.991  1.00 16.39 ? 56  VAL B CG1 1 
ATOM   1164 C CG2 . VAL B 1 56 ? 1.832   -12.364 -10.361 1.00 14.29 ? 56  VAL B CG2 1 
ATOM   1165 N N   . ARG B 1 57 ? 0.017   -13.664 -13.190 1.00 19.03 ? 57  ARG B N   1 
ATOM   1166 C CA  . ARG B 1 57 ? 0.463   -13.707 -14.581 1.00 20.28 ? 57  ARG B CA  1 
ATOM   1167 C C   . ARG B 1 57 ? 1.075   -12.342 -14.849 1.00 21.12 ? 57  ARG B C   1 
ATOM   1168 O O   . ARG B 1 57 ? 0.446   -11.320 -14.569 1.00 21.01 ? 57  ARG B O   1 
ATOM   1169 C CB  . ARG B 1 57 ? -0.711  -13.877 -15.543 1.00 22.22 ? 57  ARG B CB  1 
ATOM   1170 C CG  . ARG B 1 57 ? -1.635  -15.047 -15.288 1.00 28.49 ? 57  ARG B CG  1 
ATOM   1171 C CD  . ARG B 1 57 ? -2.630  -15.142 -16.441 1.00 34.08 ? 57  ARG B CD  1 
ATOM   1172 N NE  . ARG B 1 57 ? -3.678  -16.130 -16.215 1.00 39.67 ? 57  ARG B NE  1 
ATOM   1173 C CZ  . ARG B 1 57 ? -4.582  -16.477 -17.128 1.00 42.86 ? 57  ARG B CZ  1 
ATOM   1174 N NH1 . ARG B 1 57 ? -4.563  -15.916 -18.332 1.00 43.30 ? 57  ARG B NH1 1 
ATOM   1175 N NH2 . ARG B 1 57 ? -5.512  -17.378 -16.836 1.00 44.96 ? 57  ARG B NH2 1 
ATOM   1176 N N   . GLN B 1 58 ? 2.286   -12.314 -15.397 1.00 20.58 ? 58  GLN B N   1 
ATOM   1177 C CA  . GLN B 1 58 ? 2.935   -11.046 -15.690 1.00 19.54 ? 58  GLN B CA  1 
ATOM   1178 C C   . GLN B 1 58 ? 2.852   -10.674 -17.169 1.00 22.56 ? 58  GLN B C   1 
ATOM   1179 O O   . GLN B 1 58 ? 3.257   -11.449 -18.044 1.00 21.53 ? 58  GLN B O   1 
ATOM   1180 C CB  . GLN B 1 58 ? 4.408   -11.082 -15.266 1.00 20.27 ? 58  GLN B CB  1 
ATOM   1181 C CG  . GLN B 1 58 ? 5.151   -9.776  -15.541 1.00 22.05 ? 58  GLN B CG  1 
ATOM   1182 C CD  . GLN B 1 58 ? 6.627   -9.835  -15.176 1.00 24.57 ? 58  GLN B CD  1 
ATOM   1183 O OE1 . GLN B 1 58 ? 6.990   -10.246 -14.078 1.00 25.46 ? 58  GLN B OE1 1 
ATOM   1184 N NE2 . GLN B 1 58 ? 7.482   -9.406  -16.097 1.00 25.96 ? 58  GLN B NE2 1 
ATOM   1185 N N   . TYR B 1 59 ? 2.309   -9.488  -17.430 1.00 18.99 ? 59  TYR B N   1 
ATOM   1186 C CA  . TYR B 1 59 ? 2.190   -8.951  -18.781 1.00 22.30 ? 59  TYR B CA  1 
ATOM   1187 C C   . TYR B 1 59 ? 3.109   -7.725  -18.847 1.00 23.86 ? 59  TYR B C   1 
ATOM   1188 O O   . TYR B 1 59 ? 3.039   -6.851  -17.983 1.00 22.65 ? 59  TYR B O   1 
ATOM   1189 C CB  . TYR B 1 59 ? 0.752   -8.511  -19.070 1.00 21.86 ? 59  TYR B CB  1 
ATOM   1190 C CG  . TYR B 1 59 ? -0.257  -9.635  -19.175 1.00 23.71 ? 59  TYR B CG  1 
ATOM   1191 C CD1 . TYR B 1 59 ? -0.878  -10.156 -18.041 1.00 22.86 ? 59  TYR B CD1 1 
ATOM   1192 C CD2 . TYR B 1 59 ? -0.592  -10.176 -20.416 1.00 23.02 ? 59  TYR B CD2 1 
ATOM   1193 C CE1 . TYR B 1 59 ? -1.812  -11.187 -18.140 1.00 22.67 ? 59  TYR B CE1 1 
ATOM   1194 C CE2 . TYR B 1 59 ? -1.522  -11.204 -20.528 1.00 23.25 ? 59  TYR B CE2 1 
ATOM   1195 C CZ  . TYR B 1 59 ? -2.129  -11.702 -19.389 1.00 24.01 ? 59  TYR B CZ  1 
ATOM   1196 O OH  . TYR B 1 59 ? -3.063  -12.703 -19.506 1.00 25.16 ? 59  TYR B OH  1 
ATOM   1197 N N   . ASP B 1 60 ? 3.963   -7.658  -19.864 1.00 23.57 ? 60  ASP B N   1 
ATOM   1198 C CA  . ASP B 1 60 ? 4.883   -6.535  -19.993 1.00 25.20 ? 60  ASP B CA  1 
ATOM   1199 C C   . ASP B 1 60 ? 4.479   -5.512  -21.054 1.00 25.34 ? 60  ASP B C   1 
ATOM   1200 O O   . ASP B 1 60 ? 3.724   -5.819  -21.978 1.00 22.80 ? 60  ASP B O   1 
ATOM   1201 C CB  . ASP B 1 60 ? 6.300   -7.040  -20.299 1.00 26.92 ? 60  ASP B CB  1 
ATOM   1202 C CG  . ASP B 1 60 ? 6.854   -7.934  -19.201 1.00 30.70 ? 60  ASP B CG  1 
ATOM   1203 O OD1 . ASP B 1 60 ? 6.881   -7.509  -18.026 1.00 30.67 ? 60  ASP B OD1 1 
ATOM   1204 O OD2 . ASP B 1 60 ? 7.268   -9.068  -19.515 1.00 35.16 ? 60  ASP B OD2 1 
ATOM   1205 N N   . GLN B 1 61 ? 4.988   -4.293  -20.893 1.00 25.73 ? 61  GLN B N   1 
ATOM   1206 C CA  . GLN B 1 61 ? 4.734   -3.195  -21.821 1.00 28.03 ? 61  GLN B CA  1 
ATOM   1207 C C   . GLN B 1 61 ? 3.259   -2.936  -22.122 1.00 26.16 ? 61  GLN B C   1 
ATOM   1208 O O   . GLN B 1 61 ? 2.886   -2.742  -23.279 1.00 25.62 ? 61  GLN B O   1 
ATOM   1209 C CB  . GLN B 1 61 ? 5.470   -3.454  -23.140 1.00 31.66 ? 61  GLN B CB  1 
ATOM   1210 C CG  . GLN B 1 61 ? 6.945   -3.799  -22.987 1.00 39.23 ? 61  GLN B CG  1 
ATOM   1211 C CD  . GLN B 1 61 ? 7.806   -2.611  -22.588 1.00 42.98 ? 61  GLN B CD  1 
ATOM   1212 O OE1 . GLN B 1 61 ? 7.625   -2.018  -21.520 1.00 44.47 ? 61  GLN B OE1 1 
ATOM   1213 N NE2 . GLN B 1 61 ? 8.757   -2.262  -23.450 1.00 44.92 ? 61  GLN B NE2 1 
ATOM   1214 N N   . ILE B 1 62 ? 2.423   -2.923  -21.088 1.00 23.20 ? 62  ILE B N   1 
ATOM   1215 C CA  . ILE B 1 62 ? 0.996   -2.678  -21.276 1.00 21.21 ? 62  ILE B CA  1 
ATOM   1216 C C   . ILE B 1 62 ? 0.619   -1.218  -21.048 1.00 19.87 ? 62  ILE B C   1 
ATOM   1217 O O   . ILE B 1 62 ? 0.966   -0.628  -20.022 1.00 16.56 ? 62  ILE B O   1 
ATOM   1218 C CB  . ILE B 1 62 ? 0.148   -3.541  -20.322 1.00 23.58 ? 62  ILE B CB  1 
ATOM   1219 C CG1 . ILE B 1 62 ? 0.251   -5.012  -20.723 1.00 25.82 ? 62  ILE B CG1 1 
ATOM   1220 C CG2 . ILE B 1 62 ? -1.301  -3.078  -20.348 1.00 23.37 ? 62  ILE B CG2 1 
ATOM   1221 C CD1 . ILE B 1 62 ? -0.691  -5.897  -19.962 1.00 33.38 ? 62  ILE B CD1 1 
ATOM   1222 N N   . PRO B 1 63 ? -0.097  -0.613  -22.008 1.00 19.26 ? 63  PRO B N   1 
ATOM   1223 C CA  . PRO B 1 63 ? -0.517  0.789   -21.887 1.00 19.28 ? 63  PRO B CA  1 
ATOM   1224 C C   . PRO B 1 63 ? -1.667  0.912   -20.886 1.00 19.79 ? 63  PRO B C   1 
ATOM   1225 O O   . PRO B 1 63 ? -2.664  0.200   -20.985 1.00 21.32 ? 63  PRO B O   1 
ATOM   1226 C CB  . PRO B 1 63 ? -0.956  1.150   -23.309 1.00 20.71 ? 63  PRO B CB  1 
ATOM   1227 C CG  . PRO B 1 63 ? -0.222  0.149   -24.179 1.00 19.34 ? 63  PRO B CG  1 
ATOM   1228 C CD  . PRO B 1 63 ? -0.341  -1.112  -23.372 1.00 19.93 ? 63  PRO B CD  1 
ATOM   1229 N N   . VAL B 1 64 ? -1.522  1.814   -19.924 1.00 18.20 ? 64  VAL B N   1 
ATOM   1230 C CA  . VAL B 1 64 ? -2.544  2.017   -18.905 1.00 19.88 ? 64  VAL B CA  1 
ATOM   1231 C C   . VAL B 1 64 ? -2.782  3.505   -18.705 1.00 22.54 ? 64  VAL B C   1 
ATOM   1232 O O   . VAL B 1 64 ? -1.840  4.274   -18.502 1.00 24.43 ? 64  VAL B O   1 
ATOM   1233 C CB  . VAL B 1 64 ? -2.119  1.411   -17.541 1.00 20.43 ? 64  VAL B CB  1 
ATOM   1234 C CG1 . VAL B 1 64 ? -3.219  1.639   -16.499 1.00 20.75 ? 64  VAL B CG1 1 
ATOM   1235 C CG2 . VAL B 1 64 ? -1.836  -0.070  -17.688 1.00 17.75 ? 64  VAL B CG2 1 
ATOM   1236 N N   . GLU B 1 65 ? -4.041  3.916   -18.776 1.00 21.50 ? 65  GLU B N   1 
ATOM   1237 C CA  . GLU B 1 65 ? -4.379  5.314   -18.580 1.00 22.22 ? 65  GLU B CA  1 
ATOM   1238 C C   . GLU B 1 65 ? -4.912  5.450   -17.163 1.00 21.49 ? 65  GLU B C   1 
ATOM   1239 O O   . GLU B 1 65 ? -5.886  4.797   -16.796 1.00 19.62 ? 65  GLU B O   1 
ATOM   1240 C CB  . GLU B 1 65 ? -5.443  5.752   -19.586 1.00 25.67 ? 65  GLU B CB  1 
ATOM   1241 C CG  . GLU B 1 65 ? -5.717  7.247   -19.579 1.00 29.10 ? 65  GLU B CG  1 
ATOM   1242 C CD  . GLU B 1 65 ? -6.712  7.651   -20.649 1.00 31.24 ? 65  GLU B CD  1 
ATOM   1243 O OE1 . GLU B 1 65 ? -6.392  7.497   -21.847 1.00 31.64 ? 65  GLU B OE1 1 
ATOM   1244 O OE2 . GLU B 1 65 ? -7.813  8.114   -20.289 1.00 34.48 ? 65  GLU B OE2 1 
ATOM   1245 N N   . ILE B 1 66 ? -4.256  6.292   -16.371 1.00 20.34 ? 66  ILE B N   1 
ATOM   1246 C CA  . ILE B 1 66 ? -4.635  6.514   -14.977 1.00 21.71 ? 66  ILE B CA  1 
ATOM   1247 C C   . ILE B 1 66 ? -5.070  7.962   -14.796 1.00 23.22 ? 66  ILE B C   1 
ATOM   1248 O O   . ILE B 1 66 ? -4.235  8.871   -14.781 1.00 22.53 ? 66  ILE B O   1 
ATOM   1249 C CB  . ILE B 1 66 ? -3.438  6.231   -14.040 1.00 22.66 ? 66  ILE B CB  1 
ATOM   1250 C CG1 . ILE B 1 66 ? -2.846  4.857   -14.358 1.00 21.94 ? 66  ILE B CG1 1 
ATOM   1251 C CG2 . ILE B 1 66 ? -3.883  6.292   -12.581 1.00 22.44 ? 66  ILE B CG2 1 
ATOM   1252 C CD1 . ILE B 1 66 ? -1.498  4.610   -13.719 1.00 23.49 ? 66  ILE B CD1 1 
ATOM   1253 N N   . CYS B 1 67 ? -6.375  8.180   -14.653 1.00 24.60 ? 67  CYS B N   1 
ATOM   1254 C CA  . CYS B 1 67 ? -6.904  9.532   -14.498 1.00 28.16 ? 67  CYS B CA  1 
ATOM   1255 C C   . CYS B 1 67 ? -6.435  10.440  -15.623 1.00 26.86 ? 67  CYS B C   1 
ATOM   1256 O O   . CYS B 1 67 ? -6.036  11.578  -15.392 1.00 27.25 ? 67  CYS B O   1 
ATOM   1257 C CB  . CYS B 1 67 ? -6.475  10.131  -13.158 1.00 29.87 ? 67  CYS B CB  1 
ATOM   1258 S SG  . CYS B 1 67 ? -7.592  9.752   -11.819 1.00 39.74 ? 67  CYS B SG  1 
ATOM   1259 N N   . GLY B 1 68 ? -6.479  9.930   -16.845 1.00 26.05 ? 68  GLY B N   1 
ATOM   1260 C CA  . GLY B 1 68 ? -6.055  10.732  -17.972 1.00 26.27 ? 68  GLY B CA  1 
ATOM   1261 C C   . GLY B 1 68 ? -4.561  10.721  -18.234 1.00 25.26 ? 68  GLY B C   1 
ATOM   1262 O O   . GLY B 1 68 ? -4.126  11.246  -19.256 1.00 28.41 ? 68  GLY B O   1 
ATOM   1263 N N   . HIS B 1 69 ? -3.768  10.142  -17.332 1.00 23.81 ? 69  HIS B N   1 
ATOM   1264 C CA  . HIS B 1 69 ? -2.317  10.094  -17.532 1.00 20.65 ? 69  HIS B CA  1 
ATOM   1265 C C   . HIS B 1 69 ? -1.868  8.768   -18.120 1.00 21.22 ? 69  HIS B C   1 
ATOM   1266 O O   . HIS B 1 69 ? -2.245  7.699   -17.644 1.00 20.14 ? 69  HIS B O   1 
ATOM   1267 C CB  . HIS B 1 69 ? -1.570  10.350  -16.222 1.00 21.74 ? 69  HIS B CB  1 
ATOM   1268 C CG  . HIS B 1 69 ? -1.741  11.741  -15.697 1.00 23.97 ? 69  HIS B CG  1 
ATOM   1269 N ND1 . HIS B 1 69 ? -2.931  12.196  -15.171 1.00 24.66 ? 69  HIS B ND1 1 
ATOM   1270 C CD2 . HIS B 1 69 ? -0.883  12.787  -15.646 1.00 23.53 ? 69  HIS B CD2 1 
ATOM   1271 C CE1 . HIS B 1 69 ? -2.799  13.463  -14.821 1.00 21.38 ? 69  HIS B CE1 1 
ATOM   1272 N NE2 . HIS B 1 69 ? -1.566  13.846  -15.100 1.00 21.68 ? 69  HIS B NE2 1 
ATOM   1273 N N   . LYS B 1 70 ? -1.040  8.848   -19.154 1.00 20.80 ? 70  LYS B N   1 
ATOM   1274 C CA  . LYS B 1 70 ? -0.555  7.661   -19.833 1.00 22.49 ? 70  LYS B CA  1 
ATOM   1275 C C   . LYS B 1 70 ? 0.679   7.019   -19.203 1.00 22.48 ? 70  LYS B C   1 
ATOM   1276 O O   . LYS B 1 70 ? 1.600   7.699   -18.743 1.00 22.61 ? 70  LYS B O   1 
ATOM   1277 C CB  . LYS B 1 70 ? -0.282  7.988   -21.303 1.00 21.81 ? 70  LYS B CB  1 
ATOM   1278 N N   . ALA B 1 71 ? 0.675   5.693   -19.190 1.00 20.79 ? 71  ALA B N   1 
ATOM   1279 C CA  . ALA B 1 71 ? 1.780   4.912   -18.663 1.00 18.29 ? 71  ALA B CA  1 
ATOM   1280 C C   . ALA B 1 71 ? 1.848   3.625   -19.472 1.00 18.43 ? 71  ALA B C   1 
ATOM   1281 O O   . ALA B 1 71 ? 0.837   3.154   -19.994 1.00 18.52 ? 71  ALA B O   1 
ATOM   1282 C CB  . ALA B 1 71 ? 1.549   4.593   -17.191 1.00 18.60 ? 71  ALA B CB  1 
ATOM   1283 N N   . ILE B 1 72 ? 3.042   3.065   -19.589 1.00 16.72 ? 72  ILE B N   1 
ATOM   1284 C CA  . ILE B 1 72 ? 3.224   1.814   -20.315 1.00 18.49 ? 72  ILE B CA  1 
ATOM   1285 C C   . ILE B 1 72 ? 4.202   1.003   -19.486 1.00 18.76 ? 72  ILE B C   1 
ATOM   1286 O O   . ILE B 1 72 ? 5.363   1.389   -19.333 1.00 18.62 ? 72  ILE B O   1 
ATOM   1287 C CB  . ILE B 1 72 ? 3.823   2.034   -21.725 1.00 17.92 ? 72  ILE B CB  1 
ATOM   1288 C CG1 . ILE B 1 72 ? 2.940   2.983   -22.538 1.00 18.29 ? 72  ILE B CG1 1 
ATOM   1289 C CG2 . ILE B 1 72 ? 3.942   0.699   -22.445 1.00 19.18 ? 72  ILE B CG2 1 
ATOM   1290 C CD1 . ILE B 1 72 ? 3.480   3.274   -23.940 1.00 20.32 ? 72  ILE B CD1 1 
ATOM   1291 N N   . GLY B 1 73 ? 3.736   -0.112  -18.934 1.00 16.11 ? 73  GLY B N   1 
ATOM   1292 C CA  . GLY B 1 73 ? 4.625   -0.910  -18.116 1.00 15.54 ? 73  GLY B CA  1 
ATOM   1293 C C   . GLY B 1 73 ? 4.089   -2.277  -17.761 1.00 16.40 ? 73  GLY B C   1 
ATOM   1294 O O   . GLY B 1 73 ? 3.135   -2.759  -18.373 1.00 14.92 ? 73  GLY B O   1 
ATOM   1295 N N   . THR B 1 74 ? 4.719   -2.894  -16.765 1.00 15.62 ? 74  THR B N   1 
ATOM   1296 C CA  . THR B 1 74 ? 4.347   -4.223  -16.306 1.00 15.80 ? 74  THR B CA  1 
ATOM   1297 C C   . THR B 1 74 ? 3.082   -4.237  -15.471 1.00 16.41 ? 74  THR B C   1 
ATOM   1298 O O   . THR B 1 74 ? 2.917   -3.433  -14.555 1.00 14.43 ? 74  THR B O   1 
ATOM   1299 C CB  . THR B 1 74 ? 5.470   -4.849  -15.467 1.00 15.55 ? 74  THR B CB  1 
ATOM   1300 O OG1 . THR B 1 74 ? 6.670   -4.891  -16.243 1.00 17.16 ? 74  THR B OG1 1 
ATOM   1301 C CG2 . THR B 1 74 ? 5.096   -6.266  -15.050 1.00 16.06 ? 74  THR B CG2 1 
ATOM   1302 N N   . VAL B 1 75 ? 2.195   -5.167  -15.798 1.00 15.80 ? 75  VAL B N   1 
ATOM   1303 C CA  . VAL B 1 75 ? 0.943   -5.323  -15.082 1.00 15.18 ? 75  VAL B CA  1 
ATOM   1304 C C   . VAL B 1 75 ? 0.803   -6.790  -14.686 1.00 16.43 ? 75  VAL B C   1 
ATOM   1305 O O   . VAL B 1 75 ? 0.946   -7.689  -15.523 1.00 18.30 ? 75  VAL B O   1 
ATOM   1306 C CB  . VAL B 1 75 ? -0.256  -4.924  -15.963 1.00 17.29 ? 75  VAL B CB  1 
ATOM   1307 C CG1 . VAL B 1 75 ? -1.551  -5.209  -15.234 1.00 18.62 ? 75  VAL B CG1 1 
ATOM   1308 C CG2 . VAL B 1 75 ? -0.163  -3.446  -16.326 1.00 16.43 ? 75  VAL B CG2 1 
ATOM   1309 N N   . LEU B 1 76 ? 0.546   -7.025  -13.405 1.00 14.54 ? 76  LEU B N   1 
ATOM   1310 C CA  . LEU B 1 76 ? 0.369   -8.380  -12.893 1.00 13.88 ? 76  LEU B CA  1 
ATOM   1311 C C   . LEU B 1 76 ? -1.129  -8.633  -12.708 1.00 14.11 ? 76  LEU B C   1 
ATOM   1312 O O   . LEU B 1 76 ? -1.865  -7.754  -12.249 1.00 12.92 ? 76  LEU B O   1 
ATOM   1313 C CB  . LEU B 1 76 ? 1.096   -8.534  -11.551 1.00 12.24 ? 76  LEU B CB  1 
ATOM   1314 C CG  . LEU B 1 76 ? 2.572   -8.113  -11.531 1.00 15.02 ? 76  LEU B CG  1 
ATOM   1315 C CD1 . LEU B 1 76 ? 3.143   -8.248  -10.116 1.00 14.43 ? 76  LEU B CD1 1 
ATOM   1316 C CD2 . LEU B 1 76 ? 3.358   -8.969  -12.502 1.00 17.01 ? 76  LEU B CD2 1 
ATOM   1317 N N   . VAL B 1 77 ? -1.579  -9.829  -13.073 1.00 12.79 ? 77  VAL B N   1 
ATOM   1318 C CA  . VAL B 1 77 ? -2.982  -10.192 -12.942 1.00 14.16 ? 77  VAL B CA  1 
ATOM   1319 C C   . VAL B 1 77 ? -3.090  -11.461 -12.116 1.00 14.12 ? 77  VAL B C   1 
ATOM   1320 O O   . VAL B 1 77 ? -2.403  -12.448 -12.387 1.00 15.23 ? 77  VAL B O   1 
ATOM   1321 C CB  . VAL B 1 77 ? -3.629  -10.429 -14.321 1.00 14.68 ? 77  VAL B CB  1 
ATOM   1322 C CG1 . VAL B 1 77 ? -5.056  -10.921 -14.150 1.00 14.93 ? 77  VAL B CG1 1 
ATOM   1323 C CG2 . VAL B 1 77 ? -3.605  -9.140  -15.123 1.00 14.04 ? 77  VAL B CG2 1 
ATOM   1324 N N   . GLY B 1 78 ? -3.951  -11.435 -11.107 1.00 13.59 ? 78  GLY B N   1 
ATOM   1325 C CA  . GLY B 1 78 ? -4.100  -12.599 -10.254 1.00 14.72 ? 78  GLY B CA  1 
ATOM   1326 C C   . GLY B 1 78 ? -5.163  -12.388 -9.196  1.00 15.66 ? 78  GLY B C   1 
ATOM   1327 O O   . GLY B 1 78 ? -5.893  -11.402 -9.246  1.00 15.39 ? 78  GLY B O   1 
ATOM   1328 N N   . PRO B 1 79 ? -5.264  -13.299 -8.216  1.00 16.99 ? 79  PRO B N   1 
ATOM   1329 C CA  . PRO B 1 79 ? -6.255  -13.209 -7.140  1.00 17.29 ? 79  PRO B CA  1 
ATOM   1330 C C   . PRO B 1 79 ? -5.979  -12.184 -6.037  1.00 16.99 ? 79  PRO B C   1 
ATOM   1331 O O   . PRO B 1 79 ? -5.866  -12.538 -4.865  1.00 18.16 ? 79  PRO B O   1 
ATOM   1332 C CB  . PRO B 1 79 ? -6.310  -14.641 -6.609  1.00 16.32 ? 79  PRO B CB  1 
ATOM   1333 C CG  . PRO B 1 79 ? -4.881  -15.086 -6.758  1.00 19.08 ? 79  PRO B CG  1 
ATOM   1334 C CD  . PRO B 1 79 ? -4.508  -14.563 -8.132  1.00 17.00 ? 79  PRO B CD  1 
ATOM   1335 N N   . THR B 1 80 ? -5.872  -10.914 -6.413  1.00 17.79 ? 80  THR B N   1 
ATOM   1336 C CA  . THR B 1 80 ? -5.656  -9.859  -5.431  1.00 16.41 ? 80  THR B CA  1 
ATOM   1337 C C   . THR B 1 80 ? -7.036  -9.405  -4.972  1.00 17.40 ? 80  THR B C   1 
ATOM   1338 O O   . THR B 1 80 ? -7.984  -9.407  -5.758  1.00 18.44 ? 80  THR B O   1 
ATOM   1339 C CB  . THR B 1 80 ? -4.919  -8.643  -6.036  1.00 14.90 ? 80  THR B CB  1 
ATOM   1340 O OG1 . THR B 1 80 ? -4.949  -7.559  -5.098  1.00 13.91 ? 80  THR B OG1 1 
ATOM   1341 C CG2 . THR B 1 80 ? -5.583  -8.192  -7.341  1.00 17.20 ? 80  THR B CG2 1 
ATOM   1342 N N   . PRO B 1 81 ? -7.178  -9.032  -3.691  1.00 16.00 ? 81  PRO B N   1 
ATOM   1343 C CA  . PRO B 1 81 ? -8.496  -8.589  -3.229  1.00 16.47 ? 81  PRO B CA  1 
ATOM   1344 C C   . PRO B 1 81 ? -8.919  -7.235  -3.785  1.00 17.52 ? 81  PRO B C   1 
ATOM   1345 O O   . PRO B 1 81 ? -10.086 -6.859  -3.683  1.00 17.10 ? 81  PRO B O   1 
ATOM   1346 C CB  . PRO B 1 81 ? -8.353  -8.580  -1.706  1.00 17.26 ? 81  PRO B CB  1 
ATOM   1347 C CG  . PRO B 1 81 ? -6.884  -8.371  -1.493  1.00 17.87 ? 81  PRO B CG  1 
ATOM   1348 C CD  . PRO B 1 81 ? -6.257  -9.225  -2.558  1.00 16.45 ? 81  PRO B CD  1 
ATOM   1349 N N   . ALA B 1 82 ? -7.975  -6.505  -4.375  1.00 16.31 ? 82  ALA B N   1 
ATOM   1350 C CA  . ALA B 1 82 ? -8.280  -5.196  -4.943  1.00 15.79 ? 82  ALA B CA  1 
ATOM   1351 C C   . ALA B 1 82 ? -7.289  -4.789  -6.032  1.00 16.94 ? 82  ALA B C   1 
ATOM   1352 O O   . ALA B 1 82 ? -6.121  -5.183  -5.998  1.00 16.36 ? 82  ALA B O   1 
ATOM   1353 C CB  . ALA B 1 82 ? -8.290  -4.145  -3.839  1.00 16.17 ? 82  ALA B CB  1 
ATOM   1354 N N   . ASN B 1 83 ? -7.761  -3.999  -6.998  1.00 14.12 ? 83  ASN B N   1 
ATOM   1355 C CA  . ASN B 1 83 ? -6.900  -3.522  -8.075  1.00 14.98 ? 83  ASN B CA  1 
ATOM   1356 C C   . ASN B 1 83 ? -5.995  -2.441  -7.497  1.00 15.59 ? 83  ASN B C   1 
ATOM   1357 O O   . ASN B 1 83 ? -6.469  -1.465  -6.908  1.00 12.94 ? 83  ASN B O   1 
ATOM   1358 C CB  . ASN B 1 83 ? -7.726  -2.928  -9.226  1.00 13.83 ? 83  ASN B CB  1 
ATOM   1359 C CG  . ASN B 1 83 ? -8.593  -3.962  -9.922  1.00 14.35 ? 83  ASN B CG  1 
ATOM   1360 O OD1 . ASN B 1 83 ? -8.178  -5.102  -10.120 1.00 17.80 ? 83  ASN B OD1 1 
ATOM   1361 N ND2 . ASN B 1 83 ? -9.798  -3.561  -10.315 1.00 14.86 ? 83  ASN B ND2 1 
ATOM   1362 N N   . ILE B 1 84 ? -4.690  -2.611  -7.657  1.00 13.70 ? 84  ILE B N   1 
ATOM   1363 C CA  . ILE B 1 84 ? -3.765  -1.630  -7.123  1.00 14.00 ? 84  ILE B CA  1 
ATOM   1364 C C   . ILE B 1 84 ? -2.754  -1.151  -8.148  1.00 12.92 ? 84  ILE B C   1 
ATOM   1365 O O   . ILE B 1 84 ? -2.241  -1.929  -8.952  1.00 13.17 ? 84  ILE B O   1 
ATOM   1366 C CB  . ILE B 1 84 ? -3.015  -2.189  -5.880  1.00 14.29 ? 84  ILE B CB  1 
ATOM   1367 C CG1 . ILE B 1 84 ? -2.380  -3.537  -6.210  1.00 15.11 ? 84  ILE B CG1 1 
ATOM   1368 C CG2 . ILE B 1 84 ? -3.994  -2.357  -4.717  1.00 15.10 ? 84  ILE B CG2 1 
ATOM   1369 C CD1 . ILE B 1 84 ? -1.646  -4.184  -5.030  1.00 17.03 ? 84  ILE B CD1 1 
ATOM   1370 N N   . ILE B 1 85 ? -2.498  0.152   -8.125  1.00 12.83 ? 85  ILE B N   1 
ATOM   1371 C CA  . ILE B 1 85 ? -1.521  0.760   -9.012  1.00 13.41 ? 85  ILE B CA  1 
ATOM   1372 C C   . ILE B 1 85 ? -0.278  0.957   -8.151  1.00 12.86 ? 85  ILE B C   1 
ATOM   1373 O O   . ILE B 1 85 ? -0.275  1.789   -7.238  1.00 14.56 ? 85  ILE B O   1 
ATOM   1374 C CB  . ILE B 1 85 ? -1.992  2.136   -9.526  1.00 13.31 ? 85  ILE B CB  1 
ATOM   1375 C CG1 . ILE B 1 85 ? -3.349  2.003   -10.232 1.00 13.79 ? 85  ILE B CG1 1 
ATOM   1376 C CG2 . ILE B 1 85 ? -0.954  2.707   -10.483 1.00 14.67 ? 85  ILE B CG2 1 
ATOM   1377 C CD1 . ILE B 1 85 ? -3.331  1.062   -11.432 1.00 15.44 ? 85  ILE B CD1 1 
ATOM   1378 N N   . GLY B 1 86 ? 0.767   0.188   -8.441  1.00 10.75 ? 86  GLY B N   1 
ATOM   1379 C CA  . GLY B 1 86 ? 1.993   0.277   -7.665  1.00 11.48 ? 86  GLY B CA  1 
ATOM   1380 C C   . GLY B 1 86 ? 2.983   1.340   -8.100  1.00 10.68 ? 86  GLY B C   1 
ATOM   1381 O O   . GLY B 1 86 ? 2.716   2.106   -9.024  1.00 11.56 ? 86  GLY B O   1 
ATOM   1382 N N   . ARG B 1 87 ? 4.136   1.371   -7.441  1.00 8.34  ? 87  ARG B N   1 
ATOM   1383 C CA  . ARG B 1 87 ? 5.170   2.359   -7.733  1.00 10.82 ? 87  ARG B CA  1 
ATOM   1384 C C   . ARG B 1 87 ? 5.729   2.313   -9.154  1.00 11.43 ? 87  ARG B C   1 
ATOM   1385 O O   . ARG B 1 87 ? 6.170   3.340   -9.671  1.00 12.27 ? 87  ARG B O   1 
ATOM   1386 C CB  . ARG B 1 87 ? 6.329   2.237   -6.728  1.00 10.06 ? 87  ARG B CB  1 
ATOM   1387 C CG  . ARG B 1 87 ? 5.964   2.659   -5.302  1.00 11.24 ? 87  ARG B CG  1 
ATOM   1388 C CD  . ARG B 1 87 ? 7.185   2.692   -4.369  1.00 9.41  ? 87  ARG B CD  1 
ATOM   1389 N NE  . ARG B 1 87 ? 7.851   1.395   -4.268  1.00 10.75 ? 87  ARG B NE  1 
ATOM   1390 C CZ  . ARG B 1 87 ? 8.958   1.060   -4.926  1.00 14.06 ? 87  ARG B CZ  1 
ATOM   1391 N NH1 . ARG B 1 87 ? 9.548   1.929   -5.742  1.00 10.73 ? 87  ARG B NH1 1 
ATOM   1392 N NH2 . ARG B 1 87 ? 9.471   -0.154  -4.777  1.00 12.32 ? 87  ARG B NH2 1 
ATOM   1393 N N   . ASN B 1 88 ? 5.722   1.144   -9.786  1.00 9.07  ? 88  ASN B N   1 
ATOM   1394 C CA  . ASN B 1 88 ? 6.257   1.056   -11.144 1.00 12.68 ? 88  ASN B CA  1 
ATOM   1395 C C   . ASN B 1 88 ? 5.508   1.974   -12.111 1.00 12.60 ? 88  ASN B C   1 
ATOM   1396 O O   . ASN B 1 88 ? 6.104   2.529   -13.038 1.00 13.03 ? 88  ASN B O   1 
ATOM   1397 C CB  . ASN B 1 88 ? 6.238   -0.397  -11.658 1.00 12.82 ? 88  ASN B CB  1 
ATOM   1398 C CG  . ASN B 1 88 ? 4.842   -0.896  -11.977 1.00 14.15 ? 88  ASN B CG  1 
ATOM   1399 O OD1 . ASN B 1 88 ? 4.597   -1.445  -13.059 1.00 17.51 ? 88  ASN B OD1 1 
ATOM   1400 N ND2 . ASN B 1 88 ? 3.924   -0.723  -11.041 1.00 8.99  ? 88  ASN B ND2 1 
ATOM   1401 N N   . LEU B 1 89 ? 4.205   2.143   -11.899 1.00 12.99 ? 89  LEU B N   1 
ATOM   1402 C CA  . LEU B 1 89 ? 3.418   3.023   -12.763 1.00 12.82 ? 89  LEU B CA  1 
ATOM   1403 C C   . LEU B 1 89 ? 3.221   4.404   -12.136 1.00 12.60 ? 89  LEU B C   1 
ATOM   1404 O O   . LEU B 1 89 ? 3.068   5.393   -12.852 1.00 13.51 ? 89  LEU B O   1 
ATOM   1405 C CB  . LEU B 1 89 ? 2.053   2.407   -13.089 1.00 13.05 ? 89  LEU B CB  1 
ATOM   1406 C CG  . LEU B 1 89 ? 2.019   1.067   -13.831 1.00 14.70 ? 89  LEU B CG  1 
ATOM   1407 C CD1 . LEU B 1 89 ? 0.588   0.760   -14.247 1.00 15.00 ? 89  LEU B CD1 1 
ATOM   1408 C CD2 . LEU B 1 89 ? 2.917   1.125   -15.059 1.00 17.07 ? 89  LEU B CD2 1 
ATOM   1409 N N   . LEU B 1 90 ? 3.226   4.483   -10.806 1.00 10.10 ? 90  LEU B N   1 
ATOM   1410 C CA  . LEU B 1 90 ? 3.059   5.779   -10.147 1.00 12.02 ? 90  LEU B CA  1 
ATOM   1411 C C   . LEU B 1 90 ? 4.208   6.716   -10.520 1.00 11.95 ? 90  LEU B C   1 
ATOM   1412 O O   . LEU B 1 90 ? 4.018   7.924   -10.674 1.00 14.26 ? 90  LEU B O   1 
ATOM   1413 C CB  . LEU B 1 90 ? 2.989   5.612   -8.619  1.00 10.78 ? 90  LEU B CB  1 
ATOM   1414 C CG  . LEU B 1 90 ? 1.738   4.932   -8.042  1.00 11.70 ? 90  LEU B CG  1 
ATOM   1415 C CD1 . LEU B 1 90 ? 1.853   4.859   -6.528  1.00 12.73 ? 90  LEU B CD1 1 
ATOM   1416 C CD2 . LEU B 1 90 ? 0.487   5.715   -8.428  1.00 10.03 ? 90  LEU B CD2 1 
ATOM   1417 N N   . THR B 1 91 ? 5.406   6.162   -10.676 1.00 11.97 ? 91  THR B N   1 
ATOM   1418 C CA  . THR B 1 91 ? 6.547   6.985   -11.046 1.00 11.16 ? 91  THR B CA  1 
ATOM   1419 C C   . THR B 1 91 ? 6.394   7.508   -12.474 1.00 13.96 ? 91  THR B C   1 
ATOM   1420 O O   . THR B 1 91 ? 6.852   8.599   -12.793 1.00 12.57 ? 91  THR B O   1 
ATOM   1421 C CB  . THR B 1 91 ? 7.868   6.195   -10.940 1.00 13.12 ? 91  THR B CB  1 
ATOM   1422 O OG1 . THR B 1 91 ? 7.748   4.974   -11.676 1.00 13.29 ? 91  THR B OG1 1 
ATOM   1423 C CG2 . THR B 1 91 ? 8.193   5.876   -9.477  1.00 12.52 ? 91  THR B CG2 1 
ATOM   1424 N N   . GLN B 1 92 ? 5.749   6.730   -13.336 1.00 13.83 ? 92  GLN B N   1 
ATOM   1425 C CA  . GLN B 1 92 ? 5.564   7.147   -14.724 1.00 16.05 ? 92  GLN B CA  1 
ATOM   1426 C C   . GLN B 1 92 ? 4.649   8.353   -14.860 1.00 17.61 ? 92  GLN B C   1 
ATOM   1427 O O   . GLN B 1 92 ? 4.846   9.181   -15.751 1.00 20.08 ? 92  GLN B O   1 
ATOM   1428 C CB  . GLN B 1 92 ? 5.020   5.995   -15.572 1.00 15.82 ? 92  GLN B CB  1 
ATOM   1429 C CG  . GLN B 1 92 ? 6.048   4.912   -15.853 1.00 17.14 ? 92  GLN B CG  1 
ATOM   1430 C CD  . GLN B 1 92 ? 5.588   3.941   -16.920 1.00 16.76 ? 92  GLN B CD  1 
ATOM   1431 O OE1 . GLN B 1 92 ? 5.025   4.342   -17.935 1.00 17.37 ? 92  GLN B OE1 1 
ATOM   1432 N NE2 . GLN B 1 92 ? 5.840   2.657   -16.703 1.00 18.54 ? 92  GLN B NE2 1 
ATOM   1433 N N   . ILE B 1 93 ? 3.653   8.468   -13.986 1.00 16.33 ? 93  ILE B N   1 
ATOM   1434 C CA  . ILE B 1 93 ? 2.749   9.604   -14.065 1.00 17.79 ? 93  ILE B CA  1 
ATOM   1435 C C   . ILE B 1 93 ? 3.211   10.756  -13.169 1.00 18.67 ? 93  ILE B C   1 
ATOM   1436 O O   . ILE B 1 93 ? 2.503   11.748  -12.996 1.00 20.29 ? 93  ILE B O   1 
ATOM   1437 C CB  . ILE B 1 93 ? 1.287   9.187   -13.746 1.00 19.17 ? 93  ILE B CB  1 
ATOM   1438 C CG1 . ILE B 1 93 ? 1.179   8.590   -12.346 1.00 21.47 ? 93  ILE B CG1 1 
ATOM   1439 C CG2 . ILE B 1 93 ? 0.813   8.154   -14.765 1.00 18.87 ? 93  ILE B CG2 1 
ATOM   1440 C CD1 . ILE B 1 93 ? 1.179   9.615   -11.256 1.00 27.19 ? 93  ILE B CD1 1 
ATOM   1441 N N   . GLY B 1 94 ? 4.412   10.613  -12.612 1.00 16.80 ? 94  GLY B N   1 
ATOM   1442 C CA  . GLY B 1 94 ? 4.988   11.646  -11.766 1.00 17.81 ? 94  GLY B CA  1 
ATOM   1443 C C   . GLY B 1 94 ? 4.362   11.862  -10.400 1.00 17.71 ? 94  GLY B C   1 
ATOM   1444 O O   . GLY B 1 94 ? 4.377   12.973  -9.874  1.00 15.92 ? 94  GLY B O   1 
ATOM   1445 N N   . CYS B 1 95 ? 3.836   10.800  -9.807  1.00 16.98 ? 95  CYS B N   1 
ATOM   1446 C CA  . CYS B 1 95 ? 3.193   10.897  -8.499  1.00 15.24 ? 95  CYS B CA  1 
ATOM   1447 C C   . CYS B 1 95 ? 4.199   10.983  -7.351  1.00 15.92 ? 95  CYS B C   1 
ATOM   1448 O O   . CYS B 1 95 ? 5.215   10.288  -7.352  1.00 15.15 ? 95  CYS B O   1 
ATOM   1449 C CB  . CYS B 1 95 ? 2.284   9.679   -8.295  1.00 17.09 ? 95  CYS B CB  1 
ATOM   1450 S SG  . CYS B 1 95 ? 1.235   9.729   -6.832  1.00 22.20 ? 95  CYS B SG  1 
ATOM   1451 N N   . THR B 1 96 ? 3.928   11.858  -6.382  1.00 15.31 ? 96  THR B N   1 
ATOM   1452 C CA  . THR B 1 96 ? 4.787   11.992  -5.202  1.00 15.79 ? 96  THR B CA  1 
ATOM   1453 C C   . THR B 1 96 ? 3.927   12.077  -3.944  1.00 15.97 ? 96  THR B C   1 
ATOM   1454 O O   . THR B 1 96 ? 2.731   12.362  -4.018  1.00 15.45 ? 96  THR B O   1 
ATOM   1455 C CB  . THR B 1 96 ? 5.656   13.278  -5.228  1.00 15.93 ? 96  THR B CB  1 
ATOM   1456 O OG1 . THR B 1 96 ? 4.804   14.429  -5.278  1.00 18.10 ? 96  THR B OG1 1 
ATOM   1457 C CG2 . THR B 1 96 ? 6.596   13.276  -6.422  1.00 17.19 ? 96  THR B CG2 1 
ATOM   1458 N N   . LEU B 1 97 ? 4.542   11.820  -2.796  1.00 15.61 ? 97  LEU B N   1 
ATOM   1459 C CA  . LEU B 1 97 ? 3.864   11.920  -1.509  1.00 17.10 ? 97  LEU B CA  1 
ATOM   1460 C C   . LEU B 1 97 ? 4.336   13.243  -0.932  1.00 17.46 ? 97  LEU B C   1 
ATOM   1461 O O   . LEU B 1 97 ? 5.522   13.570  -1.018  1.00 18.09 ? 97  LEU B O   1 
ATOM   1462 C CB  . LEU B 1 97 ? 4.274   10.780  -0.571  1.00 16.59 ? 97  LEU B CB  1 
ATOM   1463 C CG  . LEU B 1 97 ? 3.524   9.448   -0.689  1.00 19.24 ? 97  LEU B CG  1 
ATOM   1464 C CD1 . LEU B 1 97 ? 4.181   8.396   0.213   1.00 18.15 ? 97  LEU B CD1 1 
ATOM   1465 C CD2 . LEU B 1 97 ? 2.072   9.652   -0.286  1.00 21.12 ? 97  LEU B CD2 1 
ATOM   1466 N N   . ASN B 1 98 ? 3.416   14.001  -0.347  1.00 16.71 ? 98  ASN B N   1 
ATOM   1467 C CA  . ASN B 1 98 ? 3.757   15.301  0.214   1.00 19.45 ? 98  ASN B CA  1 
ATOM   1468 C C   . ASN B 1 98 ? 3.085   15.575  1.561   1.00 18.91 ? 98  ASN B C   1 
ATOM   1469 O O   . ASN B 1 98 ? 1.941   15.191  1.779   1.00 18.90 ? 98  ASN B O   1 
ATOM   1470 C CB  . ASN B 1 98 ? 3.358   16.400  -0.779  1.00 21.78 ? 98  ASN B CB  1 
ATOM   1471 C CG  . ASN B 1 98 ? 4.126   16.313  -2.095  1.00 24.70 ? 98  ASN B CG  1 
ATOM   1472 O OD1 . ASN B 1 98 ? 5.304   16.654  -2.154  1.00 29.57 ? 98  ASN B OD1 1 
ATOM   1473 N ND2 . ASN B 1 98 ? 3.461   15.848  -3.147  1.00 24.27 ? 98  ASN B ND2 1 
ATOM   1474 N N   . PHE B 1 99 ? 3.816   16.222  2.463   1.00 20.62 ? 99  PHE B N   1 
ATOM   1475 C CA  . PHE B 1 99 ? 3.291   16.606  3.772   1.00 24.41 ? 99  PHE B CA  1 
ATOM   1476 C C   . PHE B 1 99 ? 4.202   17.635  4.439   1.00 25.88 ? 99  PHE B C   1 
ATOM   1477 O O   . PHE B 1 99 ? 5.240   17.987  3.835   1.00 26.17 ? 99  PHE B O   1 
ATOM   1478 C CB  . PHE B 1 99 ? 3.102   15.392  4.699   1.00 24.20 ? 99  PHE B CB  1 
ATOM   1479 C CG  . PHE B 1 99 ? 4.370   14.648  5.019   1.00 26.57 ? 99  PHE B CG  1 
ATOM   1480 C CD1 . PHE B 1 99 ? 4.835   13.642  4.178   1.00 25.98 ? 99  PHE B CD1 1 
ATOM   1481 C CD2 . PHE B 1 99 ? 5.086   14.936  6.178   1.00 26.85 ? 99  PHE B CD2 1 
ATOM   1482 C CE1 . PHE B 1 99 ? 5.995   12.933  4.486   1.00 28.53 ? 99  PHE B CE1 1 
ATOM   1483 C CE2 . PHE B 1 99 ? 6.245   14.237  6.494   1.00 29.10 ? 99  PHE B CE2 1 
ATOM   1484 C CZ  . PHE B 1 99 ? 6.702   13.231  5.648   1.00 30.00 ? 99  PHE B CZ  1 
ATOM   1485 O OXT . PHE B 1 99 ? 3.866   18.082  5.553   1.00 26.59 ? 99  PHE B OXT 1 
ATOM   1486 N N   . ARG C 2 1  ? -11.884 -7.283  7.348   1.00 38.41 ? 1   ARG P N   1 
ATOM   1487 C CA  . ARG C 2 1  ? -11.961 -7.064  5.875   1.00 37.81 ? 1   ARG P CA  1 
ATOM   1488 C C   . ARG C 2 1  ? -10.586 -6.714  5.303   1.00 36.93 ? 1   ARG P C   1 
ATOM   1489 O O   . ARG C 2 1  ? -9.710  -6.234  6.023   1.00 37.47 ? 1   ARG P O   1 
ATOM   1490 C CB  . ARG C 2 1  ? -12.955 -5.941  5.571   1.00 38.68 ? 1   ARG P CB  1 
ATOM   1491 N N   . PRO C 2 2  ? -10.378 -6.962  3.998   1.00 35.31 ? 2   PRO P N   1 
ATOM   1492 C CA  . PRO C 2 2  ? -9.100  -6.666  3.338   1.00 32.97 ? 2   PRO P CA  1 
ATOM   1493 C C   . PRO C 2 2  ? -8.867  -5.153  3.311   1.00 29.54 ? 2   PRO P C   1 
ATOM   1494 O O   . PRO C 2 2  ? -9.624  -4.420  2.680   1.00 31.06 ? 2   PRO P O   1 
ATOM   1495 C CB  . PRO C 2 2  ? -9.294  -7.232  1.928   1.00 33.68 ? 2   PRO P CB  1 
ATOM   1496 C CG  . PRO C 2 2  ? -10.335 -8.299  2.115   1.00 34.86 ? 2   PRO P CG  1 
ATOM   1497 C CD  . PRO C 2 2  ? -11.293 -7.659  3.077   1.00 35.50 ? 2   PRO P CD  1 
ATOM   1498 N N   . GLY C 2 3  ? -7.824  -4.686  3.986   1.00 28.68 ? 3   GLY P N   1 
ATOM   1499 C CA  . GLY C 2 3  ? -7.568  -3.260  4.001   1.00 24.65 ? 3   GLY P CA  1 
ATOM   1500 C C   . GLY C 2 3  ? -6.112  -2.841  3.998   1.00 21.83 ? 3   GLY P C   1 
ATOM   1501 O O   . GLY C 2 3  ? -5.806  -1.660  4.150   1.00 18.51 ? 3   GLY P O   1 
ATOM   1502 N N   A ASN C 2 4  ? -5.205  -3.794  3.818   0.50 22.36 ? 4   ASN P N   1 
ATOM   1503 N N   B ASN C 2 4  ? -5.214  -3.805  3.819   0.50 21.13 ? 4   ASN P N   1 
ATOM   1504 C CA  A ASN C 2 4  ? -3.784  -3.473  3.801   0.50 20.93 ? 4   ASN P CA  1 
ATOM   1505 C CA  B ASN C 2 4  ? -3.786  -3.518  3.803   0.50 18.63 ? 4   ASN P CA  1 
ATOM   1506 C C   A ASN C 2 4  ? -3.112  -4.152  2.612   0.50 20.63 ? 4   ASN P C   1 
ATOM   1507 C C   B ASN C 2 4  ? -3.139  -4.177  2.590   0.50 19.23 ? 4   ASN P C   1 
ATOM   1508 O O   A ASN C 2 4  ? -2.692  -5.307  2.687   0.50 21.14 ? 4   ASN P O   1 
ATOM   1509 O O   B ASN C 2 4  ? -2.759  -5.347  2.629   0.50 19.81 ? 4   ASN P O   1 
ATOM   1510 C CB  A ASN C 2 4  ? -3.144  -3.905  5.122   0.50 23.21 ? 4   ASN P CB  1 
ATOM   1511 C CB  B ASN C 2 4  ? -3.144  -4.023  5.097   0.50 18.63 ? 4   ASN P CB  1 
ATOM   1512 C CG  A ASN C 2 4  ? -3.781  -3.219  6.325   0.50 25.97 ? 4   ASN P CG  1 
ATOM   1513 C CG  B ASN C 2 4  ? -1.724  -3.525  5.282   0.50 18.47 ? 4   ASN P CG  1 
ATOM   1514 O OD1 A ASN C 2 4  ? -3.776  -1.990  6.431   0.50 25.60 ? 4   ASN P OD1 1 
ATOM   1515 O OD1 B ASN C 2 4  ? -1.299  -3.249  6.403   0.50 19.81 ? 4   ASN P OD1 1 
ATOM   1516 N ND2 A ASN C 2 4  ? -4.338  -4.010  7.233   0.50 26.72 ? 4   ASN P ND2 1 
ATOM   1517 N ND2 B ASN C 2 4  ? -0.980  -3.417  4.185   0.50 16.81 ? 4   ASN P ND2 1 
ATOM   1518 N N   . PHE C 2 5  ? -3.005  -3.416  1.513   1.00 18.82 ? 5   PHE P N   1 
ATOM   1519 C CA  . PHE C 2 5  ? -2.427  -3.954  0.295   1.00 18.97 ? 5   PHE P CA  1 
ATOM   1520 C C   . PHE C 2 5  ? -0.937  -3.806  0.045   1.00 17.90 ? 5   PHE P C   1 
ATOM   1521 O O   . PHE C 2 5  ? -0.512  -3.459  -1.056  1.00 20.97 ? 5   PHE P O   1 
ATOM   1522 C CB  . PHE C 2 5  ? -3.236  -3.433  -0.888  1.00 20.42 ? 5   PHE P CB  1 
ATOM   1523 C CG  . PHE C 2 5  ? -4.704  -3.667  -0.731  1.00 21.83 ? 5   PHE P CG  1 
ATOM   1524 C CD1 . PHE C 2 5  ? -5.210  -4.965  -0.683  1.00 24.18 ? 5   PHE P CD1 1 
ATOM   1525 C CD2 . PHE C 2 5  ? -5.572  -2.602  -0.536  1.00 22.81 ? 5   PHE P CD2 1 
ATOM   1526 C CE1 . PHE C 2 5  ? -6.561  -5.198  -0.437  1.00 24.11 ? 5   PHE P CE1 1 
ATOM   1527 C CE2 . PHE C 2 5  ? -6.927  -2.822  -0.287  1.00 23.76 ? 5   PHE P CE2 1 
ATOM   1528 C CZ  . PHE C 2 5  ? -7.422  -4.128  -0.236  1.00 24.52 ? 5   PHE P CZ  1 
ATOM   1529 N N   . LEU C 2 6  ? -0.138  -4.069  1.072   1.00 17.77 ? 6   LEU P N   1 
ATOM   1530 C CA  . LEU C 2 6  ? 1.306   -4.031  0.903   1.00 17.15 ? 6   LEU P CA  1 
ATOM   1531 C C   . LEU C 2 6  ? 1.579   -5.053  -0.200  1.00 16.50 ? 6   LEU P C   1 
ATOM   1532 O O   . LEU C 2 6  ? 0.841   -6.037  -0.352  1.00 16.96 ? 6   LEU P O   1 
ATOM   1533 C CB  . LEU C 2 6  ? 2.003   -4.473  2.190   1.00 16.85 ? 6   LEU P CB  1 
ATOM   1534 C CG  . LEU C 2 6  ? 3.433   -5.011  2.044   1.00 20.05 ? 6   LEU P CG  1 
ATOM   1535 C CD1 . LEU C 2 6  ? 4.421   -3.858  1.906   1.00 19.28 ? 6   LEU P CD1 1 
ATOM   1536 C CD2 . LEU C 2 6  ? 3.778   -5.864  3.251   1.00 20.29 ? 6   LEU P CD2 1 
ATOM   1537 N N   . GLN C 2 7  ? 2.618   -4.828  -0.985  1.00 17.76 ? 7   GLN P N   1 
ATOM   1538 C CA  . GLN C 2 7  ? 2.948   -5.779  -2.034  1.00 17.14 ? 7   GLN P CA  1 
ATOM   1539 C C   . GLN C 2 7  ? 4.407   -5.653  -2.436  1.00 19.57 ? 7   GLN P C   1 
ATOM   1540 O O   . GLN C 2 7  ? 4.974   -4.560  -2.436  1.00 18.86 ? 7   GLN P O   1 
ATOM   1541 C CB  . GLN C 2 7  ? 2.032   -5.572  -3.245  1.00 15.54 ? 7   GLN P CB  1 
ATOM   1542 C CG  . GLN C 2 7  ? 2.281   -6.541  -4.381  1.00 18.21 ? 7   GLN P CG  1 
ATOM   1543 C CD  . GLN C 2 7  ? 3.466   -6.137  -5.231  1.00 19.64 ? 7   GLN P CD  1 
ATOM   1544 O OE1 . GLN C 2 7  ? 4.174   -6.984  -5.783  1.00 21.48 ? 7   GLN P OE1 1 
ATOM   1545 N NE2 . GLN C 2 7  ? 3.685   -4.834  -5.351  1.00 17.84 ? 7   GLN P NE2 1 
ATOM   1546 N N   . SER C 2 8  ? 5.018   -6.779  -2.775  1.00 23.96 ? 8   SER P N   1 
ATOM   1547 C CA  . SER C 2 8  ? 6.412   -6.773  -3.181  1.00 28.73 ? 8   SER P CA  1 
ATOM   1548 C C   . SER C 2 8  ? 6.799   -8.037  -3.927  1.00 30.57 ? 8   SER P C   1 
ATOM   1549 O O   . SER C 2 8  ? 6.157   -9.084  -3.790  1.00 28.24 ? 8   SER P O   1 
ATOM   1550 C CB  . SER C 2 8  ? 7.312   -6.610  -1.954  1.00 30.17 ? 8   SER P CB  1 
ATOM   1551 O OG  . SER C 2 8  ? 7.080   -7.648  -1.017  1.00 32.35 ? 8   SER P OG  1 
ATOM   1552 N N   . ARG C 2 9  ? 7.853   -7.929  -4.730  1.00 34.69 ? 9   ARG P N   1 
ATOM   1553 C CA  . ARG C 2 9  ? 8.346   -9.069  -5.485  1.00 40.07 ? 9   ARG P CA  1 
ATOM   1554 C C   . ARG C 2 9  ? 9.372   -9.815  -4.642  1.00 42.16 ? 9   ARG P C   1 
ATOM   1555 O O   . ARG C 2 9  ? 10.084  -9.213  -3.843  1.00 42.77 ? 9   ARG P O   1 
ATOM   1556 C CB  . ARG C 2 9  ? 8.944   -8.605  -6.816  1.00 42.38 ? 9   ARG P CB  1 
ATOM   1557 C CG  . ARG C 2 9  ? 7.949   -8.704  -7.961  1.00 43.87 ? 9   ARG P CG  1 
ATOM   1558 C CD  . ARG C 2 9  ? 8.353   -7.899  -9.181  1.00 46.28 ? 9   ARG P CD  1 
ATOM   1559 N NE  . ARG C 2 9  ? 7.504   -8.207  -10.332 1.00 48.88 ? 9   ARG P NE  1 
ATOM   1560 C CZ  . ARG C 2 9  ? 7.398   -7.436  -11.412 1.00 50.43 ? 9   ARG P CZ  1 
ATOM   1561 N NH1 . ARG C 2 9  ? 8.085   -6.305  -11.487 1.00 51.30 ? 9   ARG P NH1 1 
ATOM   1562 N NH2 . ARG C 2 9  ? 6.614   -7.799  -12.418 1.00 50.23 ? 9   ARG P NH2 1 
ATOM   1563 N N   . PRO C 2 10 ? 9.437   -11.146 -4.793  1.00 44.79 ? 10  PRO P N   1 
ATOM   1564 C CA  . PRO C 2 10 ? 10.378  -11.984 -4.038  1.00 46.55 ? 10  PRO P CA  1 
ATOM   1565 C C   . PRO C 2 10 ? 11.820  -11.489 -4.142  1.00 47.16 ? 10  PRO P C   1 
ATOM   1566 O O   . PRO C 2 10 ? 12.447  -11.283 -3.085  1.00 47.83 ? 10  PRO P O   1 
ATOM   1567 C CB  . PRO C 2 10 ? 10.190  -13.361 -4.673  1.00 46.52 ? 10  PRO P CB  1 
ATOM   1568 C CG  . PRO C 2 10 ? 8.750   -13.344 -5.073  1.00 45.70 ? 10  PRO P CG  1 
ATOM   1569 C CD  . PRO C 2 10 ? 8.605   -11.971 -5.688  1.00 45.73 ? 10  PRO P CD  1 
ATOM   1570 O OXT . PRO C 2 10 ? 12.297  -11.323 -5.287  1.00 47.78 ? 10  PRO P OXT 1 
HETATM 1571 P P   . PO4 D 3 .  ? 13.405  -0.431  -3.196  1.00 87.51 ? 504 PO4 A P   1 
HETATM 1572 O O1  . PO4 D 3 .  ? 12.360  0.125   -4.092  1.00 87.39 ? 504 PO4 A O1  1 
HETATM 1573 O O2  . PO4 D 3 .  ? 13.580  0.461   -2.021  1.00 87.08 ? 504 PO4 A O2  1 
HETATM 1574 O O3  . PO4 D 3 .  ? 14.689  -0.532  -3.935  1.00 87.97 ? 504 PO4 A O3  1 
HETATM 1575 O O4  . PO4 D 3 .  ? 12.991  -1.782  -2.734  1.00 87.87 ? 504 PO4 A O4  1 
HETATM 1576 P P   . PO4 E 3 .  ? -7.290  6.085   14.431  1.00 86.05 ? 506 PO4 A P   1 
HETATM 1577 O O1  . PO4 E 3 .  ? -7.482  7.516   14.078  1.00 85.83 ? 506 PO4 A O1  1 
HETATM 1578 O O2  . PO4 E 3 .  ? -7.847  5.829   15.786  1.00 86.13 ? 506 PO4 A O2  1 
HETATM 1579 O O3  . PO4 E 3 .  ? -5.841  5.764   14.422  1.00 85.17 ? 506 PO4 A O3  1 
HETATM 1580 O O4  . PO4 E 3 .  ? -7.992  5.229   13.438  1.00 85.88 ? 506 PO4 A O4  1 
HETATM 1581 P P   . PO4 F 3 .  ? 1.201   -4.055  30.498  1.00 98.43 ? 507 PO4 A P   1 
HETATM 1582 O O1  . PO4 F 3 .  ? 2.193   -2.995  30.809  1.00 98.48 ? 507 PO4 A O1  1 
HETATM 1583 O O2  . PO4 F 3 .  ? 1.472   -4.604  29.145  1.00 98.77 ? 507 PO4 A O2  1 
HETATM 1584 O O3  . PO4 F 3 .  ? -0.167  -3.479  30.535  1.00 98.21 ? 507 PO4 A O3  1 
HETATM 1585 O O4  . PO4 F 3 .  ? 1.309   -5.143  31.504  1.00 98.46 ? 507 PO4 A O4  1 
HETATM 1586 P P   . PO4 G 3 .  ? 0.225   12.546  -19.823 1.00 74.19 ? 501 PO4 B P   1 
HETATM 1587 O O1  . PO4 G 3 .  ? -0.440  11.496  -20.634 1.00 74.45 ? 501 PO4 B O1  1 
HETATM 1588 O O2  . PO4 G 3 .  ? 0.802   11.936  -18.597 1.00 75.13 ? 501 PO4 B O2  1 
HETATM 1589 O O3  . PO4 G 3 .  ? -0.769  13.579  -19.439 1.00 74.94 ? 501 PO4 B O3  1 
HETATM 1590 O O4  . PO4 G 3 .  ? 1.309   13.173  -20.620 1.00 74.69 ? 501 PO4 B O4  1 
HETATM 1591 P P   . PO4 H 3 .  ? -5.157  16.549  -14.025 1.00 94.37 ? 502 PO4 B P   1 
HETATM 1592 O O1  . PO4 H 3 .  ? -4.775  17.225  -12.759 1.00 94.64 ? 502 PO4 B O1  1 
HETATM 1593 O O2  . PO4 H 3 .  ? -4.106  16.783  -15.047 1.00 94.38 ? 502 PO4 B O2  1 
HETATM 1594 O O3  . PO4 H 3 .  ? -6.450  17.097  -14.510 1.00 94.24 ? 502 PO4 B O3  1 
HETATM 1595 O O4  . PO4 H 3 .  ? -5.297  15.090  -13.786 1.00 94.42 ? 502 PO4 B O4  1 
HETATM 1596 P P   . PO4 I 3 .  ? -6.284  1.529   -25.273 1.00 84.59 ? 503 PO4 B P   1 
HETATM 1597 O O1  . PO4 I 3 .  ? -7.486  2.380   -25.458 1.00 84.85 ? 503 PO4 B O1  1 
HETATM 1598 O O2  . PO4 I 3 .  ? -5.097  2.391   -25.037 1.00 84.73 ? 503 PO4 B O2  1 
HETATM 1599 O O3  . PO4 I 3 .  ? -6.067  0.712   -26.494 1.00 84.40 ? 503 PO4 B O3  1 
HETATM 1600 O O4  . PO4 I 3 .  ? -6.484  0.633   -24.105 1.00 84.01 ? 503 PO4 B O4  1 
HETATM 1601 O O   . HOH J 4 .  ? -6.068  2.779   1.446   1.00 15.18 ? 508 HOH A O   1 
HETATM 1602 O O   . HOH J 4 .  ? -6.544  0.150   1.782   1.00 16.23 ? 509 HOH A O   1 
HETATM 1603 O O   . HOH J 4 .  ? 0.632   21.436  3.506   1.00 25.83 ? 510 HOH A O   1 
HETATM 1604 O O   . HOH J 4 .  ? 10.820  6.988   -1.953  1.00 28.14 ? 511 HOH A O   1 
HETATM 1605 O O   . HOH J 4 .  ? 9.519   5.025   26.382  1.00 26.05 ? 512 HOH A O   1 
HETATM 1606 O O   . HOH J 4 .  ? 12.946  -0.605  11.672  1.00 30.85 ? 513 HOH A O   1 
HETATM 1607 O O   . HOH J 4 .  ? 0.010   17.778  1.655   1.00 25.48 ? 514 HOH A O   1 
HETATM 1608 O O   . HOH J 4 .  ? 1.816   17.595  10.907  1.00 31.95 ? 515 HOH A O   1 
HETATM 1609 O O   . HOH J 4 .  ? -4.687  13.252  3.631   1.00 14.84 ? 516 HOH A O   1 
HETATM 1610 O O   . HOH J 4 .  ? 13.898  14.514  20.384  1.00 59.62 ? 517 HOH A O   1 
HETATM 1611 O O   . HOH J 4 .  ? 4.285   5.909   22.012  1.00 29.90 ? 518 HOH A O   1 
HETATM 1612 O O   . HOH J 4 .  ? -2.951  -0.299  30.575  1.00 47.26 ? 519 HOH A O   1 
HETATM 1613 O O   . HOH J 4 .  ? 1.623   1.518   25.020  1.00 38.86 ? 520 HOH A O   1 
HETATM 1614 O O   . HOH J 4 .  ? 4.932   22.978  1.633   1.00 49.95 ? 521 HOH A O   1 
HETATM 1615 O O   . HOH J 4 .  ? -8.329  4.886   7.429   1.00 36.39 ? 522 HOH A O   1 
HETATM 1616 O O   . HOH J 4 .  ? 9.764   -2.202  8.392   1.00 50.03 ? 523 HOH A O   1 
HETATM 1617 O O   . HOH J 4 .  ? 0.067   19.046  4.800   1.00 33.32 ? 524 HOH A O   1 
HETATM 1618 O O   . HOH J 4 .  ? 11.741  -2.258  2.349   1.00 35.99 ? 525 HOH A O   1 
HETATM 1619 O O   . HOH J 4 .  ? 12.687  13.764  1.182   1.00 50.51 ? 526 HOH A O   1 
HETATM 1620 O O   . HOH J 4 .  ? 3.409   17.908  14.882  1.00 36.71 ? 527 HOH A O   1 
HETATM 1621 O O   . HOH J 4 .  ? 10.703  -8.246  7.669   1.00 50.98 ? 528 HOH A O   1 
HETATM 1622 O O   . HOH J 4 .  ? 7.898   -2.766  14.971  1.00 38.08 ? 529 HOH A O   1 
HETATM 1623 O O   . HOH J 4 .  ? 12.565  2.744   -9.877  1.00 43.50 ? 530 HOH A O   1 
HETATM 1624 O O   . HOH J 4 .  ? -6.929  5.000   18.763  1.00 31.98 ? 531 HOH A O   1 
HETATM 1625 O O   . HOH J 4 .  ? 9.891   10.744  26.064  1.00 48.17 ? 532 HOH A O   1 
HETATM 1626 O O   . HOH J 4 .  ? -11.058 -8.454  12.654  1.00 17.14 ? 533 HOH A O   1 
HETATM 1627 O O   . HOH J 4 .  ? 13.035  6.445   1.602   1.00 46.95 ? 534 HOH A O   1 
HETATM 1628 O O   . HOH J 4 .  ? 1.338   19.930  0.909   1.00 35.73 ? 535 HOH A O   1 
HETATM 1629 O O   . HOH J 4 .  ? -5.355  0.879   30.288  1.00 46.05 ? 536 HOH A O   1 
HETATM 1630 O O   . HOH J 4 .  ? 0.266   -4.723  26.173  1.00 42.31 ? 537 HOH A O   1 
HETATM 1631 O O   . HOH J 4 .  ? 10.283  22.110  -6.150  1.00 38.98 ? 538 HOH A O   1 
HETATM 1632 O O   . HOH J 4 .  ? 5.715   9.478   19.778  1.00 37.98 ? 539 HOH A O   1 
HETATM 1633 O O   . HOH J 4 .  ? 10.752  -10.729 23.673  1.00 44.38 ? 540 HOH A O   1 
HETATM 1634 O O   . HOH J 4 .  ? -9.703  0.311   9.410   1.00 37.48 ? 541 HOH A O   1 
HETATM 1635 O O   . HOH J 4 .  ? 9.667   -8.377  16.276  1.00 51.97 ? 542 HOH A O   1 
HETATM 1636 O O   . HOH J 4 .  ? -7.680  -1.862  21.567  1.00 52.20 ? 543 HOH A O   1 
HETATM 1637 O O   . HOH J 4 .  ? 0.765   16.222  12.947  1.00 28.06 ? 544 HOH A O   1 
HETATM 1638 O O   . HOH J 4 .  ? 11.934  22.696  -4.312  1.00 47.51 ? 545 HOH A O   1 
HETATM 1639 O O   . HOH J 4 .  ? 9.879   2.623   16.988  1.00 78.18 ? 546 HOH A O   1 
HETATM 1640 O O   . HOH J 4 .  ? 0.977   -0.868  31.983  1.00 53.58 ? 547 HOH A O   1 
HETATM 1641 O O   . HOH J 4 .  ? 14.008  22.907  -5.843  1.00 44.29 ? 548 HOH A O   1 
HETATM 1642 O O   . HOH J 4 .  ? -4.249  1.185   12.710  1.00 19.42 ? 549 HOH A O   1 
HETATM 1643 O O   . HOH K 4 .  ? 6.523   -2.146  -1.300  1.00 13.20 ? 504 HOH B O   1 
HETATM 1644 O O   . HOH K 4 .  ? 3.622   -4.597  -11.993 1.00 20.09 ? 505 HOH B O   1 
HETATM 1645 O O   . HOH K 4 .  ? 6.535   0.461   -1.972  1.00 12.83 ? 506 HOH B O   1 
HETATM 1646 O O   . HOH K 4 .  ? -4.803  -12.935 -2.485  1.00 29.54 ? 507 HOH B O   1 
HETATM 1647 O O   . HOH K 4 .  ? 7.714   9.616   -7.855  1.00 17.46 ? 508 HOH B O   1 
HETATM 1648 O O   . HOH K 4 .  ? -12.994 4.389   2.157   1.00 44.30 ? 509 HOH B O   1 
HETATM 1649 O O   . HOH K 4 .  ? -10.136 -11.100 -6.674  1.00 30.03 ? 510 HOH B O   1 
HETATM 1650 O O   . HOH K 4 .  ? -11.736 -13.061 -5.941  1.00 20.76 ? 511 HOH B O   1 
HETATM 1651 O O   . HOH K 4 .  ? 3.198   -9.475  -22.108 1.00 35.21 ? 512 HOH B O   1 
HETATM 1652 O O   . HOH K 4 .  ? 7.501   10.785  -15.772 1.00 36.47 ? 513 HOH B O   1 
HETATM 1653 O O   . HOH K 4 .  ? -13.071 -2.395  -11.464 1.00 32.30 ? 514 HOH B O   1 
HETATM 1654 O O   . HOH K 4 .  ? 8.547   -0.573  -8.204  1.00 31.35 ? 515 HOH B O   1 
HETATM 1655 O O   . HOH K 4 .  ? 8.007   1.384   -14.820 1.00 28.14 ? 516 HOH B O   1 
HETATM 1656 O O   . HOH K 4 .  ? -9.623  -12.125 -9.498  1.00 24.30 ? 517 HOH B O   1 
HETATM 1657 O O   . HOH K 4 .  ? -0.076  -17.869 -23.559 1.00 54.70 ? 518 HOH B O   1 
HETATM 1658 O O   . HOH K 4 .  ? -11.593 -5.297  -11.479 1.00 33.21 ? 519 HOH B O   1 
HETATM 1659 O O   . HOH K 4 .  ? 8.938   -3.787  -9.144  1.00 32.98 ? 520 HOH B O   1 
HETATM 1660 O O   . HOH K 4 .  ? -4.464  -17.519 -3.733  1.00 33.57 ? 521 HOH B O   1 
HETATM 1661 O O   . HOH K 4 .  ? 7.540   14.077  -10.016 1.00 38.32 ? 522 HOH B O   1 
HETATM 1662 O O   . HOH K 4 .  ? 4.219   15.513  -7.989  1.00 23.54 ? 523 HOH B O   1 
HETATM 1663 O O   . HOH K 4 .  ? -8.730  9.540   -1.365  1.00 27.31 ? 524 HOH B O   1 
HETATM 1664 O O   . HOH K 4 .  ? -11.130 -6.108  -1.192  1.00 58.87 ? 525 HOH B O   1 
HETATM 1665 O O   . HOH K 4 .  ? 7.051   -3.575  -18.940 1.00 27.88 ? 526 HOH B O   1 
HETATM 1666 O O   . HOH K 4 .  ? -2.149  -18.017 -5.925  1.00 29.01 ? 527 HOH B O   1 
HETATM 1667 O O   . HOH K 4 .  ? -9.058  14.515  -2.424  1.00 32.97 ? 528 HOH B O   1 
HETATM 1668 O O   . HOH K 4 .  ? -5.325  -15.422 -2.060  1.00 54.20 ? 529 HOH B O   1 
HETATM 1669 O O   . HOH K 4 .  ? -3.796  -11.959 -27.190 1.00 30.95 ? 530 HOH B O   1 
HETATM 1670 O O   . HOH K 4 .  ? -2.936  -17.034 -10.291 1.00 48.35 ? 531 HOH B O   1 
HETATM 1671 O O   . HOH K 4 .  ? -8.080  7.510   -17.126 1.00 34.87 ? 532 HOH B O   1 
HETATM 1672 O O   . HOH K 4 .  ? -5.100  2.030   -22.001 1.00 35.53 ? 533 HOH B O   1 
HETATM 1673 O O   . HOH K 4 .  ? 2.542   -12.607 6.347   1.00 18.80 ? 534 HOH B O   1 
HETATM 1674 O O   . HOH K 4 .  ? 6.940   -1.111  -15.281 1.00 26.03 ? 535 HOH B O   1 
HETATM 1675 O O   . HOH K 4 .  ? -10.106 12.018  1.176   1.00 25.71 ? 536 HOH B O   1 
HETATM 1676 O O   . HOH K 4 .  ? 9.421   2.108   -12.881 1.00 46.68 ? 537 HOH B O   1 
HETATM 1677 O O   . HOH K 4 .  ? -10.378 -3.423  -6.761  1.00 32.01 ? 538 HOH B O   1 
HETATM 1678 O O   . HOH K 4 .  ? -6.048  -18.969 -6.484  1.00 36.47 ? 539 HOH B O   1 
HETATM 1679 O O   . HOH K 4 .  ? -1.057  4.924   -22.026 1.00 41.73 ? 540 HOH B O   1 
HETATM 1680 O O   . HOH K 4 .  ? 4.487   -12.901 4.713   1.00 42.32 ? 541 HOH B O   1 
HETATM 1681 O O   . HOH K 4 .  ? -12.826 6.362   -2.333  1.00 30.56 ? 542 HOH B O   1 
HETATM 1682 O O   . HOH K 4 .  ? -1.689  -16.037 6.391   1.00 39.37 ? 543 HOH B O   1 
HETATM 1683 O O   . HOH K 4 .  ? 8.679   10.608  -12.493 1.00 34.92 ? 544 HOH B O   1 
HETATM 1684 O O   . HOH K 4 .  ? -12.600 13.507  2.908   1.00 53.03 ? 545 HOH B O   1 
HETATM 1685 O O   . HOH K 4 .  ? -11.688 -3.926  0.482   1.00 49.72 ? 546 HOH B O   1 
HETATM 1686 O O   . HOH L 4 .  ? -0.964  -7.046  1.129   1.00 18.19 ? 11  HOH P O   1 
HETATM 1687 O O   . HOH L 4 .  ? -7.554  -5.304  6.874   1.00 27.96 ? 12  HOH P O   1 
HETATM 1688 O O   . HOH L 4 .  ? 7.028   -9.961  0.302   1.00 46.60 ? 13  HOH P O   1 
# 
